data_8J9W
#
_entry.id   8J9W
#
_cell.length_a   1.00
_cell.length_b   1.00
_cell.length_c   1.00
_cell.angle_alpha   90.00
_cell.angle_beta   90.00
_cell.angle_gamma   90.00
#
_symmetry.space_group_name_H-M   'P 1'
#
loop_
_entity.id
_entity.type
_entity.pdbx_description
1 polymer 'DNA topoisomerase 2'
2 polymer "DNA (5'-D(*AP*AP*GP*AP*AP*CP*TP*CP*TP*GP*TP*AP*G)-3')"
3 polymer "DNA (5'-D(*CP*AP*TP*GP*CP*TP*AP*CP*AP*GP*AP*GP*TP*TP*CP*TP*T)-3')"
4 non-polymer 'MAGNESIUM ION'
5 non-polymer "(5S,5aR,8aR,9R)-9-(4-hydroxy-3,5-dimethoxyphenyl)-8-oxo-5,5a,6,8,8a,9-hexahydrofuro[3',4':6,7]naphtho[2,3-d][1,3]dioxol -5-yl 4,6-O-[(1R)-ethylidene]-beta-D-glucopyranoside"
#
loop_
_entity_poly.entity_id
_entity_poly.type
_entity_poly.pdbx_seq_one_letter_code
_entity_poly.pdbx_strand_id
1 'polypeptide(L)'
;MEAFEISDFKEHAKKKSMWAGALNKVTISGLMGVFTEDEDLMALPIHRDHCPALLKIFDELIVNATDHERACHSKTKKVT
YIKISFDKGVFSCENDGPGIPIAKHEQASLIAKRDVYVPEVASCFFLAGTNINKAKDCIKGGTNGVGLKLAMVHSQWAIL
TTADGAQKYVQQINQRLDIIEPPTITPSREMFTRIELMPVYQELGYAEPLSETEQADLSAWIYLRACQCAAYVGKGTTIY
YNDKPCRTGSVMALAKMYTLLSAPNSTIHTATIKADAKPYSLHPLQVAAVVSPKFKKFEHVSIINGVNCVKGEHVTFLKK
TINEMVIKKFQQTIKDKNRKTTLRDSCSNIFVVIVGSIPGIEWTGQRKDELSIAENVFKTHYSIPSSFLTSMTRSIVDIL
LQSISKKDNHKQVDVDKYTRARNAGGKRAQDCMLLAAEGDSALSLLRTGLTLGKSNPSGPSFDFCGMISLGGVIMNACKK
VTNITTDSGETIMVRNEQLTNNKVLQGIVQVLGLDFNCHYKTQEERAKLRYGCIVACVDQDLDGCGKILGLLLAYFHLFW
PQLIIHGFVKRLLTPLIRVYEKGKTMPVEFYYEQEFDAWAKKQTSLVNHTVKYYKGLAAHDTHEVKSMFKHFDNMVYTFT
LDDSAKELFHIYFGGESELRKRELCTGVVPLTETQTQSIHSVRRIPCSLHLQVDTKAYKLDAIERQIPNFLDGMTRARRK
ILAGGVKCFASNNRERKVFQFGGYVADHMFYHHGDMSLNTSIIKAAQYYPGSSHLYPVFIGIGSFGSRHLGGKDAGSPRY
ISVQLASEFIKTMFPAEDSWLLPYVFEDGQRAEPEYYVPVLPLAIMEYGANPSEGWKYTTWARQLEDILALVRAYVDKDN
PKHELLHYAIKHKITILPLRPSNYNFKGHLKRFGQYYYSYGTYDISEQRNIITITELPLRVPTVAYIESIKKSSNRMTFI
EEIIDYSSSETIEILVKLKPNSLNRIVEEFKETEEQDSIENFLRLRNCLHSHLNFVKPKGGIIEFNSYYEILYAWLPYRR
ELYQKRLMREHAVLKLRIIMETAIVRYINESAELNLSHYEDEKEASRILSEHGFPPLNHTLIISPEFASIEELNQKALQG
CYTYILSLQARELLIAAKTRRVEKIKKMQARLDKVEQLLQESPFPGASVWLEEIDAVEKAIIKGRNTQWKFHHHHHH
;
A,B
2 'polydeoxyribonucleotide' (DA)(DA)(DG)(DA)(DA)(DC)(DT)(DC)(DT)(DG)(DT)(DA)(DG) E,C
3 'polydeoxyribonucleotide' (DC)(DA)(DT)(DG)(DC)(DT)(DA)(DC)(DA)(DG)(DA)(DG)(DT)(DT)(DC)(DT)(DT) D,F
#
loop_
_chem_comp.id
_chem_comp.type
_chem_comp.name
_chem_comp.formula
DA DNA linking 2'-DEOXYADENOSINE-5'-MONOPHOSPHATE 'C10 H14 N5 O6 P'
DC DNA linking 2'-DEOXYCYTIDINE-5'-MONOPHOSPHATE 'C9 H14 N3 O7 P'
DG DNA linking 2'-DEOXYGUANOSINE-5'-MONOPHOSPHATE 'C10 H14 N5 O7 P'
DT DNA linking THYMIDINE-5'-MONOPHOSPHATE 'C10 H15 N2 O8 P'
EVP non-polymer '(5S,5aR,8aR,9R)-9-(4-hydroxy-3,5-dimethoxyphenyl)-8-oxo-5,5a,6,8,8a,9-hexahydrofuro[3',4':6,7]naphtho[2,3-d][1,3]dioxol -5-yl 4,6-O-[(1R)-ethylidene]-beta-D-glucopyranoside' 'C29 H32 O13'
MG non-polymer 'MAGNESIUM ION' 'Mg 2'
#
# COMPACT_ATOMS: atom_id res chain seq x y z
N TYR A 418 25.55 -11.84 6.96
CA TYR A 418 26.68 -12.74 6.82
C TYR A 418 26.41 -14.09 7.47
N THR A 419 26.31 -15.13 6.66
CA THR A 419 26.20 -16.51 7.13
C THR A 419 27.49 -17.20 6.73
N ARG A 420 28.41 -17.36 7.70
CA ARG A 420 29.73 -17.91 7.40
C ARG A 420 29.64 -19.37 6.98
N ALA A 421 30.43 -19.73 5.98
CA ALA A 421 30.49 -21.11 5.51
C ALA A 421 31.24 -21.96 6.52
N ARG A 422 31.16 -23.29 6.34
CA ARG A 422 31.84 -24.20 7.25
C ARG A 422 33.35 -24.10 7.08
N ASN A 423 33.84 -24.33 5.87
CA ASN A 423 35.28 -24.20 5.59
C ASN A 423 35.62 -22.81 5.07
N ALA A 424 35.17 -21.79 5.79
CA ALA A 424 35.46 -20.40 5.42
C ALA A 424 36.65 -19.91 6.23
N GLY A 425 37.66 -19.41 5.53
CA GLY A 425 38.90 -19.03 6.18
C GLY A 425 39.66 -20.22 6.74
N GLY A 426 39.61 -21.36 6.06
CA GLY A 426 40.26 -22.57 6.48
C GLY A 426 41.13 -23.14 5.38
N LYS A 427 41.37 -24.45 5.47
CA LYS A 427 42.26 -25.11 4.51
C LYS A 427 41.58 -25.27 3.15
N ARG A 428 40.28 -25.54 3.14
CA ARG A 428 39.52 -25.73 1.91
C ARG A 428 38.94 -24.42 1.38
N ALA A 429 39.24 -23.30 2.03
CA ALA A 429 38.62 -22.01 1.75
C ALA A 429 38.87 -21.50 0.33
N GLN A 430 39.90 -21.98 -0.36
CA GLN A 430 40.13 -21.55 -1.73
C GLN A 430 39.17 -22.22 -2.71
N ASP A 431 38.51 -23.31 -2.30
CA ASP A 431 37.52 -23.96 -3.13
C ASP A 431 36.11 -23.42 -2.91
N CYS A 432 35.90 -22.61 -1.88
CA CYS A 432 34.59 -22.06 -1.59
C CYS A 432 34.27 -20.92 -2.56
N MET A 433 33.01 -20.49 -2.51
CA MET A 433 32.53 -19.37 -3.29
C MET A 433 31.88 -18.35 -2.34
N LEU A 434 31.42 -17.24 -2.91
CA LEU A 434 30.75 -16.20 -2.14
C LEU A 434 29.57 -15.67 -2.94
N LEU A 435 28.45 -15.48 -2.26
CA LEU A 435 27.24 -14.94 -2.88
C LEU A 435 27.07 -13.49 -2.46
N ALA A 436 27.00 -12.59 -3.43
CA ALA A 436 26.77 -11.17 -3.18
C ALA A 436 25.37 -10.81 -3.64
N ALA A 437 24.52 -10.38 -2.71
CA ALA A 437 23.13 -10.07 -2.98
C ALA A 437 22.89 -8.58 -2.91
N GLU A 438 22.34 -8.01 -3.99
CA GLU A 438 22.04 -6.59 -3.97
C GLU A 438 20.80 -6.27 -3.16
N GLY A 439 19.94 -7.26 -2.93
CA GLY A 439 18.70 -7.05 -2.21
C GLY A 439 18.39 -8.22 -1.30
N ASP A 440 17.45 -7.97 -0.38
CA ASP A 440 16.97 -9.02 0.51
C ASP A 440 16.06 -10.02 -0.19
N SER A 441 15.48 -9.65 -1.33
CA SER A 441 14.81 -10.62 -2.17
C SER A 441 15.79 -11.66 -2.69
N ALA A 442 16.97 -11.22 -3.11
CA ALA A 442 18.04 -12.15 -3.46
C ALA A 442 18.49 -12.95 -2.25
N LEU A 443 18.48 -12.34 -1.07
CA LEU A 443 18.80 -13.07 0.16
C LEU A 443 17.81 -14.22 0.37
N SER A 444 16.52 -13.94 0.19
CA SER A 444 15.50 -14.97 0.37
C SER A 444 15.64 -16.08 -0.67
N LEU A 445 15.89 -15.71 -1.92
CA LEU A 445 16.09 -16.73 -2.96
C LEU A 445 17.30 -17.60 -2.67
N LEU A 446 18.40 -17.00 -2.25
CA LEU A 446 19.60 -17.78 -1.93
C LEU A 446 19.41 -18.64 -0.69
N ARG A 447 18.67 -18.13 0.31
CA ARG A 447 18.36 -18.96 1.47
C ARG A 447 17.52 -20.17 1.08
N THR A 448 16.53 -19.98 0.19
CA THR A 448 15.74 -21.11 -0.28
C THR A 448 16.60 -22.11 -1.04
N GLY A 449 17.49 -21.61 -1.90
CA GLY A 449 18.36 -22.50 -2.65
C GLY A 449 19.32 -23.28 -1.77
N LEU A 450 19.80 -22.65 -0.69
CA LEU A 450 20.68 -23.35 0.24
C LEU A 450 19.93 -24.32 1.13
N THR A 451 18.68 -24.01 1.49
CA THR A 451 17.88 -24.93 2.29
C THR A 451 17.20 -26.01 1.46
N LEU A 452 17.36 -25.99 0.14
CA LEU A 452 16.97 -27.14 -0.67
C LEU A 452 17.69 -28.40 -0.22
N GLY A 453 19.01 -28.40 -0.30
CA GLY A 453 19.82 -29.46 0.28
C GLY A 453 19.81 -30.78 -0.46
N LYS A 454 18.68 -31.48 -0.44
CA LYS A 454 18.60 -32.80 -1.04
C LYS A 454 18.59 -32.71 -2.56
N SER A 455 18.99 -33.83 -3.18
CA SER A 455 19.05 -34.00 -4.64
C SER A 455 19.95 -32.99 -5.32
N ASN A 456 20.92 -32.44 -4.59
CA ASN A 456 21.86 -31.45 -5.13
C ASN A 456 23.28 -31.82 -4.74
N PRO A 457 23.84 -32.85 -5.37
CA PRO A 457 25.27 -33.15 -5.13
C PRO A 457 26.19 -32.07 -5.66
N SER A 458 25.78 -31.36 -6.71
CA SER A 458 26.54 -30.24 -7.24
C SER A 458 26.08 -28.91 -6.65
N GLY A 459 24.78 -28.78 -6.38
CA GLY A 459 24.24 -27.60 -5.75
C GLY A 459 24.71 -27.48 -4.32
N PRO A 460 25.48 -26.42 -4.03
CA PRO A 460 26.11 -26.31 -2.70
C PRO A 460 25.10 -25.97 -1.62
N SER A 461 25.35 -26.52 -0.44
CA SER A 461 24.56 -26.28 0.76
C SER A 461 25.12 -25.05 1.49
N PHE A 462 24.77 -24.89 2.77
CA PHE A 462 25.29 -23.79 3.58
C PHE A 462 26.81 -23.74 3.56
N ASP A 463 27.45 -24.91 3.53
CA ASP A 463 28.90 -24.96 3.43
C ASP A 463 29.38 -24.44 2.08
N PHE A 464 30.55 -23.80 2.11
CA PHE A 464 31.30 -23.32 0.94
C PHE A 464 30.55 -22.23 0.17
N CYS A 465 29.58 -21.55 0.79
CA CYS A 465 28.79 -20.55 0.09
C CYS A 465 28.96 -19.14 0.65
N GLY A 466 28.75 -18.95 1.95
CA GLY A 466 28.79 -17.61 2.51
C GLY A 466 27.60 -16.78 2.06
N MET A 467 27.58 -15.52 2.52
CA MET A 467 26.49 -14.62 2.19
C MET A 467 26.90 -13.20 2.56
N ILE A 468 26.58 -12.25 1.69
CA ILE A 468 26.80 -10.83 2.00
C ILE A 468 25.75 -10.02 1.26
N SER A 469 25.13 -9.09 1.98
CA SER A 469 24.14 -8.18 1.41
C SER A 469 24.81 -6.84 1.12
N LEU A 470 24.70 -6.38 -0.13
CA LEU A 470 25.35 -5.16 -0.56
C LEU A 470 24.65 -3.90 -0.07
N GLY A 471 23.48 -4.03 0.54
CA GLY A 471 22.75 -2.88 1.06
C GLY A 471 22.25 -1.93 0.01
N GLY A 472 21.81 -2.45 -1.14
CA GLY A 472 21.30 -1.61 -2.20
C GLY A 472 22.38 -1.07 -3.11
N VAL A 473 22.54 0.24 -3.14
CA VAL A 473 23.54 0.88 -3.98
C VAL A 473 24.81 1.10 -3.16
N ILE A 474 25.93 0.59 -3.67
CA ILE A 474 27.23 0.85 -3.09
C ILE A 474 27.85 2.00 -3.87
N MET A 475 28.87 2.61 -3.27
CA MET A 475 29.55 3.73 -3.90
C MET A 475 30.86 3.27 -4.53
N ASN A 476 31.26 3.99 -5.57
CA ASN A 476 32.51 3.71 -6.25
C ASN A 476 33.66 4.42 -5.57
N ALA A 477 34.85 3.81 -5.63
CA ALA A 477 36.05 4.40 -5.07
C ALA A 477 36.71 5.39 -6.03
N CYS A 478 36.28 5.44 -7.29
CA CYS A 478 36.93 6.29 -8.28
C CYS A 478 36.80 7.76 -7.94
N LYS A 479 35.62 8.19 -7.51
CA LYS A 479 35.40 9.58 -7.15
C LYS A 479 35.81 9.88 -5.71
N LYS A 480 36.28 8.88 -4.98
CA LYS A 480 36.71 9.06 -3.58
C LYS A 480 38.23 9.09 -3.43
N VAL A 481 38.95 8.25 -4.17
CA VAL A 481 40.41 8.24 -4.04
C VAL A 481 41.01 9.51 -4.64
N THR A 482 42.19 9.85 -4.17
CA THR A 482 42.85 11.10 -4.53
C THR A 482 44.13 10.93 -5.34
N ASN A 483 44.83 9.80 -5.17
CA ASN A 483 46.06 9.48 -5.91
C ASN A 483 47.13 10.55 -5.72
N ILE A 484 47.28 11.01 -4.47
CA ILE A 484 48.28 12.03 -4.14
C ILE A 484 49.64 11.41 -3.93
N THR A 485 50.66 12.27 -3.81
CA THR A 485 52.09 11.95 -3.57
C THR A 485 52.56 10.72 -4.36
N THR A 486 52.36 10.78 -5.68
CA THR A 486 52.88 9.78 -6.59
C THR A 486 54.18 10.22 -7.25
N ASP A 487 54.79 11.30 -6.77
CA ASP A 487 56.02 11.83 -7.35
C ASP A 487 57.27 11.07 -6.91
N SER A 488 57.15 10.10 -6.00
CA SER A 488 58.28 9.35 -5.50
C SER A 488 58.69 8.18 -6.40
N GLY A 489 58.25 8.18 -7.67
CA GLY A 489 58.55 7.11 -8.59
C GLY A 489 57.54 5.98 -8.59
N GLU A 490 56.60 5.98 -7.66
CA GLU A 490 55.54 4.98 -7.60
C GLU A 490 54.20 5.67 -7.42
N THR A 491 53.16 5.10 -8.02
CA THR A 491 51.81 5.66 -7.94
C THR A 491 51.09 5.02 -6.77
N ILE A 492 50.99 5.77 -5.66
CA ILE A 492 50.29 5.32 -4.47
C ILE A 492 48.93 5.99 -4.43
N MET A 493 47.91 5.24 -4.03
CA MET A 493 46.53 5.71 -4.02
C MET A 493 46.03 5.79 -2.59
N VAL A 494 45.49 6.95 -2.21
CA VAL A 494 45.04 7.21 -0.85
C VAL A 494 43.52 7.07 -0.81
N ARG A 495 43.03 6.18 0.04
CA ARG A 495 41.61 6.01 0.20
C ARG A 495 41.00 7.18 0.97
N ASN A 496 39.79 7.57 0.58
CA ASN A 496 39.12 8.70 1.19
C ASN A 496 38.68 8.36 2.61
N GLU A 497 38.60 9.40 3.46
CA GLU A 497 38.09 9.20 4.81
C GLU A 497 36.61 8.85 4.80
N GLN A 498 35.88 9.28 3.77
CA GLN A 498 34.50 8.84 3.60
C GLN A 498 34.45 7.42 3.04
N LEU A 499 35.47 7.02 2.28
CA LEU A 499 35.52 5.67 1.74
C LEU A 499 35.89 4.64 2.81
N THR A 500 36.69 5.05 3.79
CA THR A 500 37.18 4.10 4.80
C THR A 500 36.06 3.61 5.71
N ASN A 501 35.19 4.51 6.15
CA ASN A 501 34.21 4.20 7.18
C ASN A 501 32.85 3.78 6.63
N ASN A 502 32.75 3.50 5.34
CA ASN A 502 31.50 2.95 4.80
C ASN A 502 31.29 1.53 5.31
N LYS A 503 30.04 1.21 5.63
CA LYS A 503 29.75 -0.09 6.25
C LYS A 503 29.89 -1.23 5.25
N VAL A 504 29.34 -1.08 4.05
CA VAL A 504 29.28 -2.18 3.09
C VAL A 504 30.66 -2.52 2.55
N LEU A 505 31.44 -1.49 2.20
CA LEU A 505 32.75 -1.74 1.60
C LEU A 505 33.71 -2.38 2.61
N GLN A 506 33.80 -1.81 3.81
CA GLN A 506 34.67 -2.42 4.83
C GLN A 506 34.12 -3.77 5.28
N GLY A 507 32.81 -3.96 5.21
CA GLY A 507 32.25 -5.27 5.54
C GLY A 507 32.67 -6.33 4.55
N ILE A 508 32.61 -6.02 3.25
CA ILE A 508 33.03 -6.99 2.25
C ILE A 508 34.55 -7.16 2.28
N VAL A 509 35.29 -6.13 2.72
CA VAL A 509 36.73 -6.26 2.89
C VAL A 509 37.03 -7.25 4.01
N GLN A 510 36.32 -7.13 5.14
CA GLN A 510 36.52 -8.05 6.25
C GLN A 510 36.07 -9.46 5.90
N VAL A 511 34.96 -9.58 5.14
CA VAL A 511 34.46 -10.89 4.75
C VAL A 511 35.44 -11.60 3.83
N LEU A 512 35.94 -10.89 2.81
CA LEU A 512 36.89 -11.51 1.91
C LEU A 512 38.29 -11.61 2.49
N GLY A 513 38.59 -10.89 3.57
CA GLY A 513 39.91 -10.96 4.18
C GLY A 513 41.02 -10.41 3.32
N LEU A 514 40.75 -9.35 2.58
CA LEU A 514 41.69 -8.77 1.64
C LEU A 514 42.32 -7.50 2.19
N ASP A 515 43.47 -7.13 1.61
CA ASP A 515 44.20 -5.93 1.99
C ASP A 515 44.46 -5.08 0.76
N PHE A 516 44.36 -3.76 0.94
CA PHE A 516 44.49 -2.83 -0.17
C PHE A 516 45.93 -2.76 -0.68
N ASN A 517 46.91 -2.88 0.22
CA ASN A 517 48.30 -2.67 -0.16
C ASN A 517 48.84 -3.81 -1.03
N CYS A 518 48.34 -5.03 -0.83
CA CYS A 518 48.83 -6.17 -1.59
C CYS A 518 48.27 -6.16 -3.01
N HIS A 519 49.12 -6.53 -3.95
CA HIS A 519 48.74 -6.70 -5.36
C HIS A 519 48.77 -8.19 -5.67
N TYR A 520 47.59 -8.80 -5.78
CA TYR A 520 47.46 -10.26 -5.82
C TYR A 520 47.88 -10.79 -7.19
N LYS A 521 49.19 -10.72 -7.44
CA LYS A 521 49.76 -11.17 -8.70
C LYS A 521 50.27 -12.60 -8.64
N THR A 522 50.16 -13.26 -7.48
CA THR A 522 50.65 -14.63 -7.32
C THR A 522 49.56 -15.48 -6.68
N GLN A 523 49.79 -16.80 -6.71
CA GLN A 523 48.78 -17.74 -6.24
C GLN A 523 48.70 -17.78 -4.72
N GLU A 524 49.79 -17.48 -4.02
CA GLU A 524 49.77 -17.52 -2.56
C GLU A 524 48.97 -16.36 -1.98
N GLU A 525 49.16 -15.16 -2.52
CA GLU A 525 48.36 -14.02 -2.09
C GLU A 525 46.89 -14.19 -2.45
N ARG A 526 46.61 -14.90 -3.55
CA ARG A 526 45.24 -15.28 -3.85
C ARG A 526 44.70 -16.27 -2.82
N ALA A 527 45.52 -17.24 -2.42
CA ALA A 527 45.11 -18.20 -1.41
C ALA A 527 44.94 -17.57 -0.04
N LYS A 528 45.51 -16.39 0.19
CA LYS A 528 45.27 -15.65 1.41
C LYS A 528 43.80 -15.24 1.56
N LEU A 529 43.05 -15.17 0.47
CA LEU A 529 41.66 -14.74 0.51
C LEU A 529 40.79 -15.75 1.26
N ARG A 530 39.73 -15.24 1.87
CA ARG A 530 38.83 -16.10 2.63
C ARG A 530 38.01 -17.00 1.71
N TYR A 531 37.63 -16.50 0.54
CA TYR A 531 36.86 -17.26 -0.43
C TYR A 531 37.60 -17.36 -1.75
N GLY A 532 37.25 -18.39 -2.51
CA GLY A 532 37.95 -18.68 -3.75
C GLY A 532 37.44 -17.92 -4.96
N CYS A 533 36.19 -17.47 -4.90
CA CYS A 533 35.60 -16.69 -5.98
C CYS A 533 34.35 -16.00 -5.42
N ILE A 534 34.19 -14.73 -5.73
CA ILE A 534 32.99 -13.99 -5.34
C ILE A 534 32.02 -14.02 -6.51
N VAL A 535 30.84 -14.60 -6.31
CA VAL A 535 29.83 -14.72 -7.35
C VAL A 535 28.69 -13.78 -6.95
N ALA A 536 28.63 -12.64 -7.63
CA ALA A 536 27.56 -11.68 -7.36
C ALA A 536 26.25 -12.19 -7.94
N CYS A 537 25.15 -11.77 -7.31
CA CYS A 537 23.81 -12.25 -7.67
C CYS A 537 22.86 -11.06 -7.56
N VAL A 538 22.53 -10.47 -8.69
CA VAL A 538 21.67 -9.28 -8.72
C VAL A 538 20.42 -9.57 -9.54
N ASP A 539 19.47 -8.65 -9.51
CA ASP A 539 18.29 -8.77 -10.36
C ASP A 539 18.67 -8.55 -11.82
N GLN A 540 17.75 -8.95 -12.71
CA GLN A 540 17.94 -8.75 -14.14
C GLN A 540 17.16 -7.56 -14.67
N ASP A 541 16.71 -6.67 -13.78
CA ASP A 541 16.14 -5.41 -14.21
C ASP A 541 17.23 -4.51 -14.79
N LEU A 542 16.84 -3.33 -15.28
CA LEU A 542 17.76 -2.54 -16.07
C LEU A 542 18.82 -1.85 -15.20
N ASP A 543 18.46 -1.44 -13.99
CA ASP A 543 19.47 -1.08 -13.00
C ASP A 543 19.93 -2.36 -12.30
N GLY A 544 20.70 -2.24 -11.23
CA GLY A 544 21.23 -3.46 -10.65
C GLY A 544 22.40 -3.97 -11.48
N CYS A 545 22.16 -5.00 -12.28
CA CYS A 545 23.15 -5.41 -13.27
C CYS A 545 23.40 -4.28 -14.25
N GLY A 546 24.60 -3.72 -14.20
CA GLY A 546 24.90 -2.51 -14.95
C GLY A 546 25.23 -1.38 -14.00
N LYS A 547 24.45 -1.24 -12.94
CA LYS A 547 24.80 -0.33 -11.86
C LYS A 547 25.53 -1.03 -10.73
N ILE A 548 24.87 -1.97 -10.04
CA ILE A 548 25.45 -2.59 -8.85
C ILE A 548 26.66 -3.42 -9.23
N LEU A 549 26.52 -4.26 -10.26
CA LEU A 549 27.68 -4.92 -10.85
C LEU A 549 28.68 -3.89 -11.38
N GLY A 550 28.18 -2.82 -12.00
CA GLY A 550 29.02 -1.76 -12.52
C GLY A 550 29.96 -1.16 -11.49
N LEU A 551 29.40 -0.55 -10.43
CA LEU A 551 30.25 0.02 -9.39
C LEU A 551 31.04 -1.04 -8.65
N LEU A 552 30.48 -2.24 -8.47
CA LEU A 552 31.18 -3.29 -7.74
C LEU A 552 32.47 -3.71 -8.46
N LEU A 553 32.35 -4.18 -9.70
CA LEU A 553 33.56 -4.59 -10.40
C LEU A 553 34.39 -3.40 -10.88
N ALA A 554 33.84 -2.19 -10.91
CA ALA A 554 34.68 -1.02 -11.12
C ALA A 554 35.58 -0.76 -9.93
N TYR A 555 35.04 -0.91 -8.71
CA TYR A 555 35.84 -0.80 -7.50
C TYR A 555 36.91 -1.90 -7.46
N PHE A 556 36.51 -3.12 -7.81
CA PHE A 556 37.47 -4.22 -7.89
C PHE A 556 38.57 -3.96 -8.92
N HIS A 557 38.21 -3.42 -10.08
CA HIS A 557 39.21 -3.08 -11.09
C HIS A 557 40.12 -1.96 -10.61
N LEU A 558 39.57 -0.97 -9.93
CA LEU A 558 40.36 0.16 -9.48
C LEU A 558 41.36 -0.24 -8.42
N PHE A 559 41.03 -1.22 -7.58
CA PHE A 559 41.97 -1.62 -6.54
C PHE A 559 42.75 -2.89 -6.89
N TRP A 560 42.07 -3.97 -7.29
CA TRP A 560 42.71 -5.27 -7.52
C TRP A 560 42.33 -5.79 -8.90
N PRO A 561 42.97 -5.28 -9.96
CA PRO A 561 42.65 -5.79 -11.31
C PRO A 561 43.06 -7.24 -11.51
N GLN A 562 44.05 -7.71 -10.76
CA GLN A 562 44.55 -9.07 -10.97
C GLN A 562 43.55 -10.13 -10.51
N LEU A 563 42.64 -9.77 -9.60
CA LEU A 563 41.56 -10.69 -9.26
C LEU A 563 40.63 -10.90 -10.44
N ILE A 564 40.27 -9.82 -11.13
CA ILE A 564 39.40 -9.93 -12.30
C ILE A 564 40.13 -10.62 -13.44
N ILE A 565 41.43 -10.36 -13.57
CA ILE A 565 42.22 -10.99 -14.64
C ILE A 565 42.31 -12.49 -14.42
N HIS A 566 42.57 -12.92 -13.19
CA HIS A 566 42.79 -14.33 -12.89
C HIS A 566 41.49 -15.08 -12.61
N GLY A 567 40.34 -14.44 -12.77
CA GLY A 567 39.07 -15.12 -12.57
C GLY A 567 38.66 -15.28 -11.13
N PHE A 568 38.46 -14.15 -10.43
CA PHE A 568 37.95 -14.17 -9.07
C PHE A 568 36.51 -13.67 -8.97
N VAL A 569 36.04 -12.90 -9.93
CA VAL A 569 34.71 -12.30 -9.89
C VAL A 569 33.85 -13.00 -10.92
N LYS A 570 32.67 -13.44 -10.50
CA LYS A 570 31.75 -14.16 -11.36
C LYS A 570 30.35 -13.59 -11.19
N ARG A 571 29.60 -13.58 -12.28
CA ARG A 571 28.21 -13.14 -12.29
C ARG A 571 27.29 -14.35 -12.25
N LEU A 572 26.20 -14.24 -11.50
CA LEU A 572 25.17 -15.28 -11.44
C LEU A 572 24.02 -14.77 -12.30
N LEU A 573 24.08 -15.06 -13.60
CA LEU A 573 23.11 -14.56 -14.55
C LEU A 573 21.84 -15.40 -14.48
N THR A 574 20.75 -14.76 -14.08
CA THR A 574 19.42 -15.33 -13.94
C THR A 574 18.56 -14.98 -15.16
N PRO A 575 17.60 -15.83 -15.53
CA PRO A 575 16.72 -15.49 -16.64
C PRO A 575 15.82 -14.31 -16.30
N LEU A 576 15.58 -13.48 -17.31
CA LEU A 576 14.70 -12.33 -17.21
C LEU A 576 13.27 -12.67 -17.62
N ILE A 577 13.09 -13.22 -18.82
CA ILE A 577 11.78 -13.60 -19.33
C ILE A 577 11.81 -15.08 -19.63
N ARG A 578 10.85 -15.82 -19.08
CA ARG A 578 10.79 -17.27 -19.28
C ARG A 578 9.47 -17.63 -19.93
N VAL A 579 9.54 -18.41 -21.01
CA VAL A 579 8.35 -18.80 -21.76
C VAL A 579 8.25 -20.32 -21.71
N TYR A 580 7.10 -20.81 -21.28
CA TYR A 580 6.83 -22.23 -21.15
C TYR A 580 5.84 -22.68 -22.22
N GLU A 581 6.19 -23.77 -22.91
CA GLU A 581 5.26 -24.45 -23.80
C GLU A 581 4.55 -25.56 -23.03
N LYS A 582 3.25 -25.70 -23.27
CA LYS A 582 2.45 -26.67 -22.55
C LYS A 582 2.87 -28.09 -22.91
N GLY A 583 3.09 -28.93 -21.90
CA GLY A 583 3.62 -30.26 -22.09
C GLY A 583 5.13 -30.35 -22.09
N LYS A 584 5.84 -29.22 -21.97
CA LYS A 584 7.29 -29.20 -21.94
C LYS A 584 7.74 -28.35 -20.75
N THR A 585 8.75 -28.85 -20.03
CA THR A 585 9.18 -28.23 -18.78
C THR A 585 10.57 -27.60 -18.88
N MET A 586 11.02 -27.23 -20.09
CA MET A 586 12.32 -26.61 -20.27
C MET A 586 12.14 -25.15 -20.63
N PRO A 587 12.64 -24.22 -19.81
CA PRO A 587 12.49 -22.79 -20.12
C PRO A 587 13.37 -22.38 -21.29
N VAL A 588 12.94 -21.30 -21.96
CA VAL A 588 13.79 -20.68 -22.97
C VAL A 588 14.84 -19.77 -22.34
N GLU A 589 14.61 -19.33 -21.10
CA GLU A 589 15.49 -18.51 -20.26
C GLU A 589 16.22 -17.42 -21.05
N PHE A 590 15.43 -16.52 -21.63
CA PHE A 590 15.98 -15.37 -22.34
C PHE A 590 16.41 -14.29 -21.35
N TYR A 591 17.52 -13.62 -21.65
CA TYR A 591 18.16 -12.72 -20.72
C TYR A 591 18.00 -11.24 -21.05
N TYR A 592 17.53 -10.89 -22.24
CA TYR A 592 17.39 -9.50 -22.64
C TYR A 592 16.07 -9.29 -23.35
N GLU A 593 15.60 -8.04 -23.33
CA GLU A 593 14.33 -7.71 -23.97
C GLU A 593 14.44 -7.80 -25.49
N GLN A 594 15.57 -7.39 -26.05
CA GLN A 594 15.74 -7.45 -27.50
C GLN A 594 15.80 -8.88 -28.01
N GLU A 595 16.42 -9.79 -27.24
CA GLU A 595 16.42 -11.20 -27.61
C GLU A 595 15.00 -11.77 -27.59
N PHE A 596 14.21 -11.40 -26.59
CA PHE A 596 12.83 -11.87 -26.52
C PHE A 596 12.00 -11.30 -27.67
N ASP A 597 12.25 -10.04 -28.03
CA ASP A 597 11.54 -9.46 -29.17
C ASP A 597 11.91 -10.15 -30.47
N ALA A 598 13.19 -10.48 -30.66
CA ALA A 598 13.62 -11.21 -31.84
C ALA A 598 13.00 -12.60 -31.88
N TRP A 599 12.91 -13.26 -30.73
CA TRP A 599 12.32 -14.59 -30.70
C TRP A 599 10.81 -14.54 -30.95
N ALA A 600 10.16 -13.48 -30.49
CA ALA A 600 8.74 -13.31 -30.77
C ALA A 600 8.49 -13.03 -32.24
N LYS A 601 9.36 -12.25 -32.88
CA LYS A 601 9.18 -11.96 -34.29
C LYS A 601 9.52 -13.17 -35.17
N LYS A 602 10.51 -13.98 -34.78
CA LYS A 602 10.81 -15.16 -35.59
C LYS A 602 9.76 -16.25 -35.39
N GLN A 603 9.08 -16.25 -34.24
CA GLN A 603 7.98 -17.19 -34.04
C GLN A 603 6.76 -16.78 -34.84
N THR A 604 5.99 -17.77 -35.27
CA THR A 604 4.80 -17.49 -36.08
C THR A 604 3.71 -16.81 -35.26
N SER A 605 3.42 -17.32 -34.07
CA SER A 605 2.37 -16.75 -33.24
C SER A 605 2.68 -17.04 -31.78
N LEU A 606 2.07 -16.25 -30.90
CA LEU A 606 2.23 -16.42 -29.45
C LEU A 606 1.10 -17.29 -28.90
N VAL A 607 0.99 -18.49 -29.45
CA VAL A 607 0.01 -19.48 -29.02
C VAL A 607 0.76 -20.67 -28.45
N ASN A 608 0.09 -21.38 -27.52
CA ASN A 608 0.66 -22.50 -26.77
C ASN A 608 1.95 -22.09 -26.07
N HIS A 609 1.95 -20.88 -25.50
CA HIS A 609 3.11 -20.33 -24.81
C HIS A 609 2.64 -19.44 -23.67
N THR A 610 3.28 -19.60 -22.51
CA THR A 610 3.04 -18.76 -21.36
C THR A 610 4.29 -17.94 -21.08
N VAL A 611 4.14 -16.62 -21.04
CA VAL A 611 5.26 -15.70 -20.89
C VAL A 611 5.26 -15.15 -19.47
N LYS A 612 6.39 -15.25 -18.79
CA LYS A 612 6.54 -14.74 -17.43
C LYS A 612 7.71 -13.79 -17.37
N TYR A 613 7.47 -12.61 -16.81
CA TYR A 613 8.50 -11.61 -16.59
C TYR A 613 8.95 -11.68 -15.13
N TYR A 614 10.26 -11.67 -14.92
CA TYR A 614 10.82 -11.71 -13.57
C TYR A 614 11.59 -10.41 -13.35
N LYS A 615 10.87 -9.37 -12.93
CA LYS A 615 11.46 -8.07 -12.63
C LYS A 615 11.92 -7.99 -11.18
N GLY A 616 12.78 -8.93 -10.81
CA GLY A 616 13.22 -9.10 -9.44
C GLY A 616 13.46 -10.57 -9.19
N LEU A 617 14.37 -10.85 -8.26
CA LEU A 617 14.75 -12.24 -8.02
C LEU A 617 13.68 -13.00 -7.25
N ALA A 618 12.94 -12.33 -6.36
CA ALA A 618 11.93 -13.01 -5.56
C ALA A 618 10.72 -13.45 -6.37
N ALA A 619 10.60 -13.02 -7.63
CA ALA A 619 9.49 -13.44 -8.47
C ALA A 619 9.55 -14.92 -8.83
N HIS A 620 10.71 -15.56 -8.69
CA HIS A 620 10.82 -16.99 -8.97
C HIS A 620 10.11 -17.81 -7.90
N ASP A 621 9.49 -18.90 -8.32
CA ASP A 621 8.73 -19.77 -7.42
C ASP A 621 9.65 -20.84 -6.83
N THR A 622 9.07 -21.71 -6.00
CA THR A 622 9.85 -22.76 -5.35
C THR A 622 10.33 -23.80 -6.35
N HIS A 623 9.43 -24.26 -7.23
CA HIS A 623 9.86 -25.16 -8.30
C HIS A 623 10.81 -24.45 -9.26
N GLU A 624 10.59 -23.16 -9.49
CA GLU A 624 11.49 -22.39 -10.34
C GLU A 624 12.88 -22.29 -9.73
N VAL A 625 12.96 -21.98 -8.44
CA VAL A 625 14.26 -21.81 -7.81
C VAL A 625 14.97 -23.16 -7.68
N LYS A 626 14.23 -24.25 -7.44
CA LYS A 626 14.92 -25.54 -7.37
C LYS A 626 15.34 -26.03 -8.75
N SER A 627 14.59 -25.69 -9.81
CA SER A 627 15.01 -26.04 -11.15
C SER A 627 16.25 -25.27 -11.57
N MET A 628 16.33 -23.98 -11.23
CA MET A 628 17.50 -23.21 -11.62
C MET A 628 18.70 -23.52 -10.72
N PHE A 629 18.46 -23.96 -9.49
CA PHE A 629 19.54 -24.34 -8.60
C PHE A 629 20.02 -25.76 -8.84
N LYS A 630 19.23 -26.59 -9.51
CA LYS A 630 19.67 -27.93 -9.88
C LYS A 630 20.87 -27.87 -10.82
N HIS A 631 20.90 -26.88 -11.70
CA HIS A 631 21.99 -26.67 -12.65
C HIS A 631 22.85 -25.48 -12.25
N PHE A 632 23.14 -25.37 -10.95
CA PHE A 632 23.89 -24.23 -10.43
C PHE A 632 25.31 -24.16 -10.95
N ASP A 633 25.87 -25.29 -11.41
CA ASP A 633 27.19 -25.25 -12.04
C ASP A 633 27.18 -24.44 -13.33
N ASN A 634 26.05 -24.43 -14.03
CA ASN A 634 25.87 -23.57 -15.19
C ASN A 634 25.51 -22.17 -14.70
N MET A 635 25.12 -21.30 -15.65
CA MET A 635 24.62 -19.93 -15.40
C MET A 635 25.46 -19.13 -14.40
N VAL A 636 26.75 -19.40 -14.36
CA VAL A 636 27.72 -18.63 -13.59
C VAL A 636 28.88 -18.28 -14.51
N TYR A 637 29.16 -16.99 -14.65
CA TYR A 637 30.02 -16.48 -15.72
C TYR A 637 31.23 -15.78 -15.13
N THR A 638 32.41 -16.18 -15.55
CA THR A 638 33.64 -15.56 -15.04
C THR A 638 33.92 -14.26 -15.78
N PHE A 639 34.19 -13.19 -15.03
CA PHE A 639 34.55 -11.92 -15.63
C PHE A 639 36.02 -11.90 -16.02
N THR A 640 36.32 -11.31 -17.17
CA THR A 640 37.67 -11.17 -17.67
C THR A 640 37.95 -9.71 -17.98
N LEU A 641 39.19 -9.30 -17.80
CA LEU A 641 39.60 -7.91 -17.99
C LEU A 641 40.38 -7.78 -19.28
N ASP A 642 40.01 -6.81 -20.10
CA ASP A 642 40.67 -6.51 -21.36
C ASP A 642 41.61 -5.32 -21.19
N ASP A 643 42.44 -5.10 -22.21
CA ASP A 643 43.35 -3.97 -22.18
C ASP A 643 42.62 -2.65 -22.36
N SER A 644 41.50 -2.65 -23.06
CA SER A 644 40.70 -1.46 -23.29
C SER A 644 39.64 -1.23 -22.23
N ALA A 645 39.59 -2.07 -21.20
CA ALA A 645 38.56 -1.94 -20.18
C ALA A 645 38.80 -0.74 -19.28
N LYS A 646 40.07 -0.40 -19.02
CA LYS A 646 40.40 0.65 -18.06
C LYS A 646 39.87 2.02 -18.51
N GLU A 647 39.95 2.29 -19.81
CA GLU A 647 39.42 3.55 -20.34
C GLU A 647 37.92 3.64 -20.13
N LEU A 648 37.20 2.53 -20.35
CA LEU A 648 35.76 2.51 -20.13
C LEU A 648 35.43 2.67 -18.66
N PHE A 649 36.24 2.06 -17.79
CA PHE A 649 36.06 2.22 -16.34
C PHE A 649 36.22 3.67 -15.92
N HIS A 650 37.23 4.35 -16.47
CA HIS A 650 37.41 5.76 -16.14
C HIS A 650 36.31 6.62 -16.73
N ILE A 651 35.80 6.26 -17.91
CA ILE A 651 34.78 7.07 -18.57
C ILE A 651 33.45 6.97 -17.83
N TYR A 652 33.01 5.75 -17.52
CA TYR A 652 31.69 5.60 -16.91
C TYR A 652 31.70 5.97 -15.44
N PHE A 653 32.79 5.68 -14.74
CA PHE A 653 32.95 6.02 -13.32
C PHE A 653 34.26 6.79 -13.18
N GLY A 654 34.17 8.11 -13.25
CA GLY A 654 35.34 8.95 -13.11
C GLY A 654 34.95 10.35 -12.70
N GLY A 655 35.96 11.09 -12.24
CA GLY A 655 35.72 12.46 -11.79
C GLY A 655 35.28 13.38 -12.93
N GLU A 656 35.80 13.14 -14.14
CA GLU A 656 35.48 13.98 -15.29
C GLU A 656 34.10 13.59 -15.81
N SER A 657 33.10 14.41 -15.50
CA SER A 657 31.74 14.12 -15.96
C SER A 657 31.58 14.37 -17.46
N GLU A 658 32.22 15.43 -17.98
CA GLU A 658 32.10 15.76 -19.39
C GLU A 658 32.60 14.63 -20.29
N LEU A 659 33.58 13.86 -19.82
CA LEU A 659 34.10 12.73 -20.57
C LEU A 659 33.01 11.70 -20.85
N ARG A 660 32.04 11.57 -19.95
CA ARG A 660 30.93 10.68 -20.23
C ARG A 660 29.82 11.36 -21.00
N LYS A 661 29.75 12.70 -20.96
CA LYS A 661 28.72 13.43 -21.70
C LYS A 661 28.73 13.06 -23.17
N ARG A 662 29.91 13.12 -23.78
CA ARG A 662 30.09 12.81 -25.20
C ARG A 662 29.78 11.37 -25.53
N GLU A 663 29.67 10.48 -24.54
CA GLU A 663 29.28 9.11 -24.81
C GLU A 663 27.95 8.74 -24.17
N LEU A 664 27.26 9.69 -23.55
CA LEU A 664 25.86 9.50 -23.20
C LEU A 664 24.89 10.10 -24.20
N CYS A 665 25.39 10.69 -25.28
CA CYS A 665 24.54 11.22 -26.33
C CYS A 665 24.43 10.28 -27.53
N THR A 666 25.11 9.13 -27.50
CA THR A 666 25.12 8.26 -28.67
C THR A 666 24.02 7.20 -28.59
N GLY A 667 24.04 6.37 -27.56
CA GLY A 667 23.11 5.27 -27.43
C GLY A 667 23.82 3.93 -27.31
N VAL A 668 23.09 2.95 -26.79
CA VAL A 668 23.67 1.65 -26.50
C VAL A 668 23.88 0.87 -27.79
N VAL A 669 25.05 0.23 -27.90
CA VAL A 669 25.39 -0.63 -29.04
C VAL A 669 25.08 -2.07 -28.64
N PRO A 670 24.12 -2.74 -29.28
CA PRO A 670 23.81 -4.12 -28.90
C PRO A 670 24.94 -5.07 -29.26
N LEU A 671 25.04 -6.14 -28.48
CA LEU A 671 26.07 -7.15 -28.72
C LEU A 671 25.78 -7.93 -30.00
N THR A 672 26.85 -8.30 -30.70
CA THR A 672 26.71 -9.12 -31.88
C THR A 672 26.33 -10.54 -31.51
N GLU A 673 25.81 -11.28 -32.50
CA GLU A 673 25.39 -12.65 -32.26
C GLU A 673 26.58 -13.55 -31.94
N THR A 674 27.71 -13.34 -32.60
CA THR A 674 28.90 -14.15 -32.30
C THR A 674 29.44 -13.85 -30.91
N GLN A 675 29.31 -12.60 -30.44
CA GLN A 675 29.75 -12.28 -29.09
C GLN A 675 28.89 -12.97 -28.04
N THR A 676 27.56 -12.94 -28.23
CA THR A 676 26.66 -13.63 -27.31
C THR A 676 26.87 -15.14 -27.35
N GLN A 677 27.15 -15.68 -28.54
CA GLN A 677 27.47 -17.10 -28.66
C GLN A 677 28.76 -17.43 -27.91
N SER A 678 29.75 -16.55 -27.98
CA SER A 678 30.99 -16.77 -27.24
C SER A 678 30.76 -16.68 -25.73
N ILE A 679 29.86 -15.79 -25.30
CA ILE A 679 29.55 -15.68 -23.87
C ILE A 679 28.86 -16.94 -23.38
N HIS A 680 27.85 -17.42 -24.10
CA HIS A 680 27.08 -18.55 -23.61
C HIS A 680 27.78 -19.88 -23.82
N SER A 681 28.62 -20.00 -24.85
CA SER A 681 29.35 -21.24 -25.08
C SER A 681 30.38 -21.49 -23.98
N VAL A 682 31.21 -20.49 -23.70
CA VAL A 682 32.14 -20.54 -22.58
C VAL A 682 31.96 -19.27 -21.76
N ARG A 683 31.75 -19.43 -20.46
CA ARG A 683 31.27 -18.34 -19.61
C ARG A 683 32.41 -17.41 -19.22
N ARG A 684 32.85 -16.62 -20.20
CA ARG A 684 33.91 -15.64 -20.02
C ARG A 684 33.38 -14.30 -20.50
N ILE A 685 32.80 -13.52 -19.60
CA ILE A 685 32.26 -12.21 -19.92
C ILE A 685 33.36 -11.16 -19.82
N PRO A 686 33.71 -10.47 -20.89
CA PRO A 686 34.64 -9.33 -20.77
C PRO A 686 33.97 -8.17 -20.07
N CYS A 687 34.78 -7.42 -19.31
CA CYS A 687 34.26 -6.26 -18.61
C CYS A 687 33.86 -5.15 -19.58
N SER A 688 34.56 -5.05 -20.72
CA SER A 688 34.27 -4.00 -21.69
C SER A 688 32.87 -4.15 -22.27
N LEU A 689 32.48 -5.39 -22.62
CA LEU A 689 31.16 -5.61 -23.17
C LEU A 689 30.06 -5.33 -22.15
N HIS A 690 30.28 -5.74 -20.89
CA HIS A 690 29.31 -5.47 -19.85
C HIS A 690 29.15 -3.98 -19.60
N LEU A 691 30.27 -3.25 -19.56
CA LEU A 691 30.22 -1.79 -19.40
C LEU A 691 29.53 -1.13 -20.58
N GLN A 692 29.77 -1.63 -21.79
CA GLN A 692 29.19 -1.00 -22.98
C GLN A 692 27.71 -1.30 -23.10
N VAL A 693 27.23 -2.41 -22.56
CA VAL A 693 25.82 -2.74 -22.72
C VAL A 693 25.02 -2.39 -21.47
N ASP A 694 25.29 -3.07 -20.36
CA ASP A 694 24.40 -2.98 -19.20
C ASP A 694 24.56 -1.65 -18.50
N THR A 695 25.81 -1.21 -18.26
CA THR A 695 26.05 0.05 -17.59
C THR A 695 25.55 1.22 -18.41
N LYS A 696 25.79 1.20 -19.72
CA LYS A 696 25.32 2.30 -20.58
C LYS A 696 23.81 2.32 -20.66
N ALA A 697 23.17 1.15 -20.70
CA ALA A 697 21.71 1.10 -20.69
C ALA A 697 21.15 1.68 -19.39
N TYR A 698 21.78 1.35 -18.26
CA TYR A 698 21.33 1.94 -17.00
C TYR A 698 21.52 3.45 -17.01
N LYS A 699 22.66 3.93 -17.51
CA LYS A 699 22.91 5.37 -17.51
C LYS A 699 21.89 6.11 -18.36
N LEU A 700 21.56 5.56 -19.53
CA LEU A 700 20.52 6.16 -20.36
C LEU A 700 19.16 6.14 -19.65
N ASP A 701 18.85 5.03 -18.98
CA ASP A 701 17.58 4.94 -18.25
C ASP A 701 17.51 5.95 -17.11
N ALA A 702 18.63 6.16 -16.42
CA ALA A 702 18.64 7.11 -15.31
C ALA A 702 18.57 8.55 -15.80
N ILE A 703 19.20 8.84 -16.93
CA ILE A 703 18.99 10.12 -17.60
C ILE A 703 17.52 10.34 -17.90
N GLU A 704 16.86 9.31 -18.43
CA GLU A 704 15.45 9.44 -18.78
C GLU A 704 14.55 9.52 -17.54
N ARG A 705 14.96 8.89 -16.43
CA ARG A 705 14.08 8.85 -15.27
C ARG A 705 14.37 9.99 -14.30
N GLN A 706 15.41 10.77 -14.55
CA GLN A 706 15.73 11.87 -13.63
C GLN A 706 15.66 13.25 -14.28
N ILE A 707 16.11 13.40 -15.51
CA ILE A 707 16.04 14.69 -16.20
C ILE A 707 14.61 14.89 -16.72
N PRO A 708 13.99 16.03 -16.44
CA PRO A 708 12.62 16.26 -16.93
C PRO A 708 12.58 16.44 -18.44
N ASN A 709 11.41 16.17 -19.01
CA ASN A 709 11.15 16.41 -20.43
C ASN A 709 10.78 17.87 -20.60
N PHE A 710 11.32 18.52 -21.64
CA PHE A 710 11.07 19.94 -21.84
C PHE A 710 9.61 20.18 -22.24
N LEU A 711 8.99 19.20 -22.88
CA LEU A 711 7.56 19.29 -23.16
C LEU A 711 6.75 19.17 -21.86
N ASP A 712 7.08 18.16 -21.05
CA ASP A 712 6.40 17.98 -19.76
C ASP A 712 6.79 19.08 -18.78
N GLY A 713 8.10 19.34 -18.64
CA GLY A 713 8.59 20.06 -17.50
C GLY A 713 8.70 19.21 -16.26
N MET A 714 8.46 17.91 -16.35
CA MET A 714 8.36 17.05 -15.19
C MET A 714 8.88 15.66 -15.51
N THR A 715 9.23 14.95 -14.43
CA THR A 715 9.89 13.66 -14.49
C THR A 715 8.93 12.57 -14.99
N ARG A 716 9.49 11.53 -15.63
CA ARG A 716 8.71 10.38 -16.04
C ARG A 716 7.93 9.78 -14.87
N ALA A 717 8.56 9.68 -13.70
CA ALA A 717 7.83 9.26 -12.50
C ALA A 717 6.73 10.25 -12.15
N ARG A 718 7.01 11.55 -12.28
CA ARG A 718 6.00 12.56 -11.97
C ARG A 718 4.86 12.52 -12.98
N ARG A 719 5.16 12.27 -14.26
CA ARG A 719 4.10 12.17 -15.24
C ARG A 719 3.30 10.88 -15.06
N LYS A 720 3.95 9.83 -14.57
CA LYS A 720 3.25 8.61 -14.20
C LYS A 720 2.28 8.88 -13.05
N ILE A 721 2.73 9.65 -12.06
CA ILE A 721 1.87 10.02 -10.94
C ILE A 721 0.69 10.86 -11.41
N LEU A 722 0.94 11.80 -12.33
CA LEU A 722 -0.16 12.62 -12.84
C LEU A 722 -1.16 11.79 -13.64
N ALA A 723 -0.68 10.85 -14.46
CA ALA A 723 -1.59 9.97 -15.20
C ALA A 723 -2.40 9.10 -14.24
N GLY A 724 -1.76 8.58 -13.20
CA GLY A 724 -2.50 7.79 -12.21
C GLY A 724 -3.52 8.61 -11.46
N GLY A 725 -3.19 9.87 -11.15
CA GLY A 725 -4.16 10.74 -10.51
C GLY A 725 -5.32 11.08 -11.41
N VAL A 726 -5.05 11.26 -12.71
CA VAL A 726 -6.12 11.50 -13.67
C VAL A 726 -7.05 10.30 -13.75
N LYS A 727 -6.49 9.09 -13.78
CA LYS A 727 -7.33 7.89 -13.83
C LYS A 727 -8.05 7.64 -12.50
N CYS A 728 -7.45 8.05 -11.38
CA CYS A 728 -8.02 7.73 -10.07
C CYS A 728 -9.13 8.70 -9.68
N PHE A 729 -8.90 10.00 -9.86
CA PHE A 729 -9.83 11.01 -9.39
C PHE A 729 -10.84 11.42 -10.44
N ALA A 730 -10.88 10.73 -11.58
CA ALA A 730 -11.86 11.07 -12.62
C ALA A 730 -13.28 10.73 -12.18
N SER A 731 -13.48 9.51 -11.66
CA SER A 731 -14.81 9.11 -11.21
C SER A 731 -15.26 9.91 -10.00
N ASN A 732 -14.35 10.15 -9.05
CA ASN A 732 -14.67 10.92 -7.86
C ASN A 732 -13.41 11.60 -7.37
N ASN A 733 -13.51 12.90 -7.10
CA ASN A 733 -12.40 13.67 -6.56
C ASN A 733 -12.37 13.65 -5.03
N ARG A 734 -12.90 12.59 -4.43
CA ARG A 734 -12.93 12.47 -2.97
C ARG A 734 -11.52 12.28 -2.42
N GLU A 735 -11.42 12.34 -1.10
CA GLU A 735 -10.12 12.34 -0.45
C GLU A 735 -9.46 10.98 -0.55
N ARG A 736 -8.14 10.98 -0.73
CA ARG A 736 -7.36 9.75 -0.83
C ARG A 736 -6.05 9.93 -0.07
N LYS A 737 -5.66 8.89 0.66
CA LYS A 737 -4.40 8.91 1.36
C LYS A 737 -3.25 8.71 0.39
N VAL A 738 -2.06 9.19 0.80
CA VAL A 738 -0.91 9.20 -0.11
C VAL A 738 -0.40 7.78 -0.35
N PHE A 739 -0.35 6.95 0.70
CA PHE A 739 0.15 5.59 0.51
C PHE A 739 -0.83 4.76 -0.32
N GLN A 740 -2.13 4.97 -0.14
CA GLN A 740 -3.12 4.27 -0.96
C GLN A 740 -3.03 4.70 -2.42
N PHE A 741 -2.86 6.01 -2.65
CA PHE A 741 -2.73 6.51 -4.01
C PHE A 741 -1.44 6.01 -4.67
N GLY A 742 -0.37 5.91 -3.89
CA GLY A 742 0.87 5.35 -4.41
C GLY A 742 0.74 3.89 -4.77
N GLY A 743 0.05 3.12 -3.93
CA GLY A 743 -0.24 1.74 -4.29
C GLY A 743 -1.09 1.64 -5.53
N TYR A 744 -2.06 2.54 -5.67
CA TYR A 744 -2.92 2.56 -6.87
C TYR A 744 -2.10 2.82 -8.12
N VAL A 745 -1.22 3.82 -8.09
CA VAL A 745 -0.46 4.16 -9.28
C VAL A 745 0.66 3.17 -9.54
N ALA A 746 1.13 2.45 -8.52
CA ALA A 746 2.07 1.36 -8.77
C ALA A 746 1.37 0.17 -9.40
N ASP A 747 0.13 -0.08 -9.00
CA ASP A 747 -0.61 -1.21 -9.57
C ASP A 747 -1.06 -0.93 -10.99
N HIS A 748 -1.58 0.27 -11.25
CA HIS A 748 -2.23 0.55 -12.54
C HIS A 748 -1.27 1.05 -13.60
N MET A 749 -0.21 1.75 -13.21
CA MET A 749 0.74 2.31 -14.18
C MET A 749 2.03 1.51 -14.27
N PHE A 750 2.08 0.34 -13.63
CA PHE A 750 3.21 -0.61 -13.74
C PHE A 750 4.53 0.02 -13.31
N TYR A 751 4.51 0.68 -12.16
CA TYR A 751 5.72 1.25 -11.56
C TYR A 751 6.40 0.15 -10.77
N HIS A 752 7.40 -0.49 -11.37
CA HIS A 752 8.03 -1.67 -10.81
C HIS A 752 9.33 -1.34 -10.06
N HIS A 753 9.43 -0.15 -9.49
CA HIS A 753 10.65 0.27 -8.80
C HIS A 753 10.54 0.14 -7.29
N GLY A 754 9.59 0.84 -6.69
CA GLY A 754 9.48 0.83 -5.24
C GLY A 754 8.19 1.50 -4.81
N ASP A 755 8.11 1.77 -3.51
CA ASP A 755 6.94 2.41 -2.94
C ASP A 755 7.24 3.78 -2.32
N MET A 756 8.23 3.87 -1.44
CA MET A 756 8.40 5.10 -0.70
C MET A 756 9.05 6.20 -1.53
N SER A 757 9.78 5.84 -2.59
CA SER A 757 10.21 6.85 -3.55
C SER A 757 9.01 7.43 -4.28
N LEU A 758 8.06 6.58 -4.64
CA LEU A 758 6.82 7.04 -5.26
C LEU A 758 6.03 7.93 -4.32
N ASN A 759 5.93 7.55 -3.05
CA ASN A 759 5.22 8.37 -2.07
C ASN A 759 5.92 9.70 -1.84
N THR A 760 7.25 9.70 -1.81
CA THR A 760 8.00 10.94 -1.68
C THR A 760 7.78 11.85 -2.88
N SER A 761 7.75 11.28 -4.09
CA SER A 761 7.49 12.08 -5.27
C SER A 761 6.07 12.65 -5.26
N ILE A 762 5.10 11.87 -4.78
CA ILE A 762 3.73 12.38 -4.65
C ILE A 762 3.68 13.54 -3.66
N ILE A 763 4.36 13.40 -2.52
CA ILE A 763 4.38 14.45 -1.51
C ILE A 763 5.02 15.71 -2.05
N LYS A 764 6.14 15.56 -2.76
CA LYS A 764 6.80 16.73 -3.35
C LYS A 764 5.96 17.36 -4.44
N ALA A 765 5.20 16.56 -5.19
CA ALA A 765 4.33 17.12 -6.21
C ALA A 765 3.15 17.88 -5.61
N ALA A 766 2.67 17.45 -4.44
CA ALA A 766 1.53 18.10 -3.82
C ALA A 766 1.91 19.24 -2.88
N GLN A 767 3.19 19.52 -2.71
CA GLN A 767 3.62 20.59 -1.82
C GLN A 767 3.33 21.96 -2.44
N TYR A 768 3.01 22.93 -1.58
CA TYR A 768 2.77 24.29 -2.03
C TYR A 768 3.09 25.25 -0.89
N TYR A 769 4.11 26.07 -1.08
CA TYR A 769 4.49 27.12 -0.14
C TYR A 769 5.39 28.10 -0.87
N PRO A 770 5.62 29.29 -0.31
CA PRO A 770 6.60 30.20 -0.93
C PRO A 770 7.99 29.57 -0.97
N GLY A 771 8.55 29.52 -2.16
CA GLY A 771 9.83 28.87 -2.38
C GLY A 771 9.76 27.40 -2.73
N SER A 772 8.57 26.82 -2.75
CA SER A 772 8.42 25.41 -3.12
C SER A 772 8.72 25.22 -4.61
N SER A 773 9.22 24.02 -4.94
CA SER A 773 9.63 23.74 -6.30
C SER A 773 8.45 23.74 -7.27
N HIS A 774 7.25 23.43 -6.79
CA HIS A 774 6.05 23.39 -7.62
C HIS A 774 5.29 24.69 -7.43
N LEU A 775 5.47 25.62 -8.36
CA LEU A 775 4.72 26.86 -8.33
C LEU A 775 3.26 26.64 -8.68
N TYR A 776 2.97 25.64 -9.51
CA TYR A 776 1.61 25.28 -9.90
C TYR A 776 1.42 23.79 -9.70
N PRO A 777 1.18 23.36 -8.46
CA PRO A 777 1.08 21.92 -8.18
C PRO A 777 -0.15 21.30 -8.83
N VAL A 778 -0.04 20.01 -9.14
CA VAL A 778 -1.13 19.28 -9.76
C VAL A 778 -2.07 18.64 -8.75
N PHE A 779 -1.77 18.74 -7.46
CA PHE A 779 -2.59 18.13 -6.42
C PHE A 779 -2.91 19.16 -5.34
N ILE A 780 -4.14 19.13 -4.87
CA ILE A 780 -4.50 19.82 -3.63
C ILE A 780 -4.14 18.90 -2.47
N GLY A 781 -3.45 19.45 -1.48
CA GLY A 781 -2.95 18.66 -0.36
C GLY A 781 -3.66 18.99 0.94
N ILE A 782 -4.01 17.95 1.69
CA ILE A 782 -4.62 18.09 3.01
C ILE A 782 -3.79 17.27 3.98
N GLY A 783 -3.17 17.95 4.94
CA GLY A 783 -2.24 17.35 5.87
C GLY A 783 -1.09 18.31 6.13
N SER A 784 -0.04 17.80 6.76
CA SER A 784 1.13 18.60 7.09
C SER A 784 2.21 18.34 6.03
N PHE A 785 2.13 19.09 4.94
CA PHE A 785 3.12 19.00 3.88
C PHE A 785 4.37 19.81 4.17
N GLY A 786 4.33 20.68 5.17
CA GLY A 786 5.50 21.44 5.53
C GLY A 786 5.52 22.81 4.87
N SER A 787 5.98 23.80 5.63
CA SER A 787 6.07 25.16 5.15
C SER A 787 7.47 25.43 4.62
N ARG A 788 7.78 26.70 4.36
CA ARG A 788 9.07 27.07 3.79
C ARG A 788 10.21 26.96 4.79
N HIS A 789 9.93 26.71 6.07
CA HIS A 789 10.98 26.73 7.08
C HIS A 789 11.89 25.52 6.96
N LEU A 790 11.32 24.33 6.80
CA LEU A 790 12.16 23.15 6.61
C LEU A 790 12.36 22.80 5.15
N GLY A 791 11.83 23.60 4.23
CA GLY A 791 11.95 23.31 2.81
C GLY A 791 11.25 22.03 2.40
N GLY A 792 10.10 21.74 3.00
CA GLY A 792 9.37 20.52 2.70
C GLY A 792 9.86 19.29 3.43
N LYS A 793 10.90 19.39 4.25
CA LYS A 793 11.40 18.25 4.99
C LYS A 793 10.59 17.94 6.24
N ASP A 794 9.73 18.87 6.69
CA ASP A 794 8.88 18.66 7.85
C ASP A 794 7.54 18.01 7.47
N ALA A 795 7.45 17.41 6.28
CA ALA A 795 6.24 16.70 5.90
C ALA A 795 6.08 15.44 6.73
N GLY A 796 4.82 15.11 7.04
CA GLY A 796 4.50 13.94 7.84
C GLY A 796 4.51 12.66 7.03
N SER A 797 4.05 11.60 7.68
CA SER A 797 4.05 10.28 7.07
C SER A 797 2.99 10.20 5.95
N PRO A 798 3.29 9.44 4.89
CA PRO A 798 2.31 9.31 3.79
C PRO A 798 1.02 8.60 4.15
N ARG A 799 0.99 7.83 5.24
CA ARG A 799 -0.21 7.06 5.57
C ARG A 799 -1.35 7.95 6.04
N TYR A 800 -1.05 9.07 6.69
CA TYR A 800 -2.06 9.99 7.19
C TYR A 800 -2.18 11.27 6.39
N ILE A 801 -1.10 11.69 5.71
CA ILE A 801 -1.19 12.79 4.76
C ILE A 801 -2.07 12.38 3.58
N SER A 802 -2.94 13.29 3.15
CA SER A 802 -3.90 12.99 2.10
C SER A 802 -3.79 13.98 0.94
N VAL A 803 -4.09 13.51 -0.27
CA VAL A 803 -4.03 14.32 -1.48
C VAL A 803 -5.27 14.09 -2.32
N GLN A 804 -5.69 15.14 -3.02
CA GLN A 804 -6.75 15.05 -4.01
C GLN A 804 -6.31 15.80 -5.25
N LEU A 805 -7.04 15.60 -6.34
CA LEU A 805 -6.67 16.21 -7.60
C LEU A 805 -7.19 17.65 -7.67
N ALA A 806 -6.32 18.55 -8.10
CA ALA A 806 -6.72 19.93 -8.37
C ALA A 806 -7.55 19.93 -9.66
N SER A 807 -8.88 19.89 -9.50
CA SER A 807 -9.76 19.57 -10.62
C SER A 807 -9.73 20.68 -11.68
N GLU A 808 -9.91 21.93 -11.27
CA GLU A 808 -10.01 23.02 -12.23
C GLU A 808 -8.69 23.25 -12.96
N PHE A 809 -7.59 23.32 -12.20
CA PHE A 809 -6.29 23.60 -12.78
C PHE A 809 -5.86 22.51 -13.76
N ILE A 810 -6.07 21.25 -13.40
CA ILE A 810 -5.68 20.16 -14.29
C ILE A 810 -6.61 20.10 -15.50
N LYS A 811 -7.92 20.28 -15.28
CA LYS A 811 -8.87 20.17 -16.39
C LYS A 811 -8.70 21.30 -17.38
N THR A 812 -8.18 22.46 -16.95
CA THR A 812 -7.85 23.51 -17.90
C THR A 812 -6.45 23.37 -18.46
N MET A 813 -5.54 22.73 -17.72
CA MET A 813 -4.13 22.79 -18.03
C MET A 813 -3.66 21.56 -18.82
N PHE A 814 -4.20 20.39 -18.49
CA PHE A 814 -3.91 19.14 -19.20
C PHE A 814 -5.24 18.59 -19.70
N PRO A 815 -5.76 19.09 -20.81
CA PRO A 815 -7.10 18.68 -21.26
C PRO A 815 -7.15 17.20 -21.64
N ALA A 816 -8.29 16.58 -21.34
CA ALA A 816 -8.48 15.16 -21.64
C ALA A 816 -8.52 14.91 -23.13
N GLU A 817 -9.13 15.83 -23.89
CA GLU A 817 -9.10 15.71 -25.34
C GLU A 817 -7.69 15.79 -25.89
N ASP A 818 -6.83 16.58 -25.24
CA ASP A 818 -5.42 16.57 -25.61
C ASP A 818 -4.73 15.31 -25.07
N SER A 819 -5.23 14.76 -23.96
CA SER A 819 -4.61 13.58 -23.36
C SER A 819 -4.89 12.33 -24.19
N TRP A 820 -5.95 12.33 -25.00
CA TRP A 820 -6.20 11.20 -25.88
C TRP A 820 -5.08 11.05 -26.92
N LEU A 821 -4.67 12.15 -27.52
CA LEU A 821 -3.85 12.11 -28.74
C LEU A 821 -2.35 12.09 -28.46
N LEU A 822 -1.94 11.99 -27.20
CA LEU A 822 -0.53 11.90 -26.88
C LEU A 822 0.01 10.53 -27.27
N PRO A 823 1.30 10.41 -27.56
CA PRO A 823 1.91 9.09 -27.64
C PRO A 823 1.99 8.46 -26.26
N TYR A 824 1.87 7.13 -26.21
CA TYR A 824 1.80 6.42 -24.95
C TYR A 824 2.95 5.44 -24.82
N VAL A 825 3.40 5.25 -23.58
CA VAL A 825 4.43 4.29 -23.24
C VAL A 825 3.78 2.93 -23.07
N PHE A 826 4.29 1.92 -23.77
CA PHE A 826 3.78 0.56 -23.68
C PHE A 826 4.69 -0.24 -22.75
N GLU A 827 4.08 -0.87 -21.74
CA GLU A 827 4.80 -1.72 -20.80
C GLU A 827 4.21 -3.12 -20.87
N ASP A 828 5.01 -4.07 -21.39
CA ASP A 828 4.62 -5.48 -21.51
C ASP A 828 3.35 -5.64 -22.35
N GLY A 829 3.22 -4.83 -23.39
CA GLY A 829 2.04 -4.88 -24.25
C GLY A 829 0.82 -4.22 -23.68
N GLN A 830 0.93 -3.53 -22.55
CA GLN A 830 -0.18 -2.86 -21.91
C GLN A 830 0.07 -1.35 -21.87
N ARG A 831 -1.01 -0.59 -21.97
CA ARG A 831 -0.90 0.86 -21.95
C ARG A 831 -0.47 1.36 -20.57
N ALA A 832 0.28 2.45 -20.57
CA ALA A 832 0.81 3.05 -19.35
C ALA A 832 0.66 4.56 -19.50
N GLU A 833 1.40 5.32 -18.70
CA GLU A 833 1.34 6.77 -18.76
C GLU A 833 1.79 7.26 -20.14
N PRO A 834 1.33 8.45 -20.54
CA PRO A 834 1.72 8.98 -21.86
C PRO A 834 3.22 9.25 -21.95
N GLU A 835 3.71 9.28 -23.19
CA GLU A 835 5.11 9.59 -23.42
C GLU A 835 5.43 10.99 -22.94
N TYR A 836 4.53 11.95 -23.16
CA TYR A 836 4.66 13.28 -22.60
C TYR A 836 3.30 13.97 -22.60
N TYR A 837 3.05 14.74 -21.55
CA TYR A 837 1.94 15.71 -21.51
C TYR A 837 2.51 17.04 -21.97
N VAL A 838 2.16 17.47 -23.17
CA VAL A 838 2.51 18.82 -23.63
C VAL A 838 1.33 19.73 -23.30
N PRO A 839 1.52 20.71 -22.43
CA PRO A 839 0.40 21.53 -21.96
C PRO A 839 0.24 22.83 -22.72
N VAL A 840 -0.82 23.58 -22.41
CA VAL A 840 -1.09 24.84 -23.09
C VAL A 840 -0.11 25.94 -22.70
N LEU A 841 0.60 25.79 -21.59
CA LEU A 841 1.66 26.72 -21.19
C LEU A 841 2.83 25.90 -20.67
N PRO A 842 4.07 26.25 -21.02
CA PRO A 842 5.19 25.33 -20.78
C PRO A 842 5.62 25.21 -19.32
N LEU A 843 5.30 24.09 -18.68
CA LEU A 843 5.69 23.88 -17.29
C LEU A 843 7.20 23.80 -17.10
N ALA A 844 7.96 23.59 -18.19
CA ALA A 844 9.41 23.73 -18.10
C ALA A 844 9.82 25.17 -17.80
N ILE A 845 8.90 26.12 -17.97
CA ILE A 845 9.18 27.51 -17.67
C ILE A 845 8.61 27.92 -16.30
N MET A 846 7.37 27.53 -16.00
CA MET A 846 6.77 27.98 -14.74
C MET A 846 7.41 27.29 -13.54
N GLU A 847 7.67 26.00 -13.64
CA GLU A 847 8.25 25.28 -12.52
C GLU A 847 9.72 25.62 -12.35
N TYR A 848 10.27 25.26 -11.21
CA TYR A 848 11.69 25.50 -10.95
C TYR A 848 12.21 24.50 -9.94
N GLY A 849 13.34 23.88 -10.27
CA GLY A 849 13.95 22.88 -9.42
C GLY A 849 15.39 22.64 -9.83
N ALA A 850 16.05 21.74 -9.10
CA ALA A 850 17.46 21.45 -9.33
C ALA A 850 17.71 19.97 -9.08
N ASN A 851 18.01 19.23 -10.14
CA ASN A 851 18.28 17.80 -10.07
C ASN A 851 19.66 17.49 -10.64
N PRO A 852 20.35 16.47 -10.11
CA PRO A 852 21.48 15.89 -10.81
C PRO A 852 21.03 14.72 -11.67
N SER A 853 21.94 14.22 -12.49
CA SER A 853 21.69 12.98 -13.22
C SER A 853 23.02 12.35 -13.58
N GLU A 854 22.97 11.34 -14.45
CA GLU A 854 24.17 10.60 -14.87
C GLU A 854 24.83 11.31 -16.04
N GLY A 855 25.39 12.48 -15.76
CA GLY A 855 26.11 13.21 -16.78
C GLY A 855 25.71 14.66 -16.91
N TRP A 856 24.50 15.01 -16.47
CA TRP A 856 24.00 16.36 -16.60
C TRP A 856 23.39 16.85 -15.30
N LYS A 857 23.10 18.14 -15.26
CA LYS A 857 22.40 18.78 -14.16
C LYS A 857 21.28 19.62 -14.73
N TYR A 858 20.16 19.66 -14.01
CA TYR A 858 18.96 20.37 -14.44
C TYR A 858 18.64 21.44 -13.41
N THR A 859 18.69 22.71 -13.81
CA THR A 859 18.29 23.80 -12.94
C THR A 859 17.41 24.76 -13.72
N THR A 860 16.33 25.21 -13.08
CA THR A 860 15.36 26.11 -13.69
C THR A 860 14.93 27.13 -12.66
N TRP A 861 14.59 28.33 -13.14
CA TRP A 861 14.02 29.37 -12.29
C TRP A 861 12.75 29.90 -12.95
N ALA A 862 11.73 30.11 -12.14
CA ALA A 862 10.40 30.44 -12.66
C ALA A 862 10.38 31.80 -13.35
N ARG A 863 9.75 31.86 -14.51
CA ARG A 863 9.44 33.12 -15.15
C ARG A 863 8.06 33.60 -14.74
N GLN A 864 7.87 34.91 -14.78
CA GLN A 864 6.61 35.50 -14.39
C GLN A 864 5.52 35.16 -15.39
N LEU A 865 4.29 35.04 -14.90
CA LEU A 865 3.15 34.73 -15.76
C LEU A 865 2.52 36.02 -16.31
N GLU A 866 3.37 36.90 -16.79
CA GLU A 866 2.97 38.03 -17.63
C GLU A 866 3.84 38.15 -18.86
N ASP A 867 5.14 37.87 -18.74
CA ASP A 867 6.02 37.84 -19.91
C ASP A 867 5.70 36.65 -20.79
N ILE A 868 5.54 35.47 -20.18
CA ILE A 868 5.23 34.26 -20.95
C ILE A 868 3.83 34.35 -21.55
N LEU A 869 2.89 34.97 -20.84
CA LEU A 869 1.54 35.15 -21.39
C LEU A 869 1.58 36.05 -22.62
N ALA A 870 2.32 37.15 -22.54
CA ALA A 870 2.47 38.04 -23.69
C ALA A 870 3.15 37.33 -24.84
N LEU A 871 4.18 36.53 -24.55
CA LEU A 871 4.90 35.81 -25.59
C LEU A 871 3.99 34.83 -26.33
N VAL A 872 3.26 34.01 -25.57
CA VAL A 872 2.39 33.00 -26.20
C VAL A 872 1.23 33.68 -26.93
N ARG A 873 0.64 34.72 -26.33
CA ARG A 873 -0.45 35.43 -26.98
C ARG A 873 0.00 36.10 -28.27
N ALA A 874 1.19 36.69 -28.28
CA ALA A 874 1.72 37.29 -29.49
C ALA A 874 2.00 36.23 -30.55
N TYR A 875 2.46 35.06 -30.14
CA TYR A 875 2.66 33.99 -31.12
C TYR A 875 1.34 33.44 -31.66
N VAL A 876 0.28 33.46 -30.87
CA VAL A 876 -0.98 32.82 -31.25
C VAL A 876 -1.99 33.83 -31.79
N ASP A 877 -2.25 34.90 -31.05
CA ASP A 877 -3.25 35.89 -31.47
C ASP A 877 -2.69 36.73 -32.61
N LYS A 878 -3.48 36.87 -33.68
CA LYS A 878 -3.09 37.71 -34.81
C LYS A 878 -3.39 39.18 -34.57
N ASP A 879 -4.18 39.51 -33.55
CA ASP A 879 -4.50 40.90 -33.25
C ASP A 879 -3.39 41.59 -32.48
N ASN A 880 -2.46 40.85 -31.90
CA ASN A 880 -1.32 41.44 -31.22
C ASN A 880 -0.40 42.09 -32.25
N PRO A 881 -0.05 43.36 -32.10
CA PRO A 881 0.84 44.01 -33.09
C PRO A 881 2.23 43.40 -33.16
N LYS A 882 2.66 42.66 -32.14
CA LYS A 882 3.97 42.02 -32.14
C LYS A 882 3.94 40.61 -32.71
N HIS A 883 2.82 40.20 -33.32
CA HIS A 883 2.71 38.85 -33.85
C HIS A 883 3.68 38.62 -34.99
N GLU A 884 3.73 39.54 -35.96
CA GLU A 884 4.67 39.42 -37.06
C GLU A 884 6.11 39.58 -36.58
N LEU A 885 6.34 40.50 -35.64
CA LEU A 885 7.67 40.69 -35.08
C LEU A 885 8.13 39.46 -34.32
N LEU A 886 7.24 38.84 -33.55
CA LEU A 886 7.61 37.61 -32.84
C LEU A 886 7.83 36.45 -33.80
N HIS A 887 7.06 36.39 -34.90
CA HIS A 887 7.32 35.35 -35.89
C HIS A 887 8.67 35.54 -36.57
N TYR A 888 9.03 36.79 -36.86
CA TYR A 888 10.37 37.07 -37.37
C TYR A 888 11.43 36.68 -36.35
N ALA A 889 11.14 36.86 -35.06
CA ALA A 889 12.03 36.38 -34.01
C ALA A 889 12.12 34.86 -33.99
N ILE A 890 11.03 34.17 -34.37
CA ILE A 890 11.08 32.71 -34.49
C ILE A 890 12.05 32.31 -35.59
N LYS A 891 11.91 32.93 -36.77
CA LYS A 891 12.82 32.55 -37.87
C LYS A 891 14.24 33.06 -37.68
N HIS A 892 14.48 34.07 -36.84
CA HIS A 892 15.80 34.69 -36.77
C HIS A 892 16.39 34.75 -35.36
N LYS A 893 15.73 34.16 -34.37
CA LYS A 893 16.24 34.07 -33.00
C LYS A 893 16.53 35.46 -32.40
N ILE A 894 15.55 36.36 -32.52
CA ILE A 894 15.77 37.74 -32.08
C ILE A 894 15.41 37.90 -30.60
N THR A 895 14.31 37.29 -30.16
CA THR A 895 13.82 37.32 -28.78
C THR A 895 13.62 38.76 -28.29
N ILE A 896 12.68 39.43 -28.94
CA ILE A 896 12.41 40.84 -28.65
C ILE A 896 11.76 41.00 -27.28
N LEU A 897 10.77 40.18 -26.96
CA LEU A 897 10.07 40.31 -25.70
C LEU A 897 10.93 39.82 -24.54
N PRO A 898 10.85 40.47 -23.38
CA PRO A 898 11.69 40.08 -22.25
C PRO A 898 11.09 38.93 -21.45
N LEU A 899 11.99 38.17 -20.83
CA LEU A 899 11.62 37.10 -19.91
C LEU A 899 12.24 37.39 -18.56
N ARG A 900 11.41 37.50 -17.53
CA ARG A 900 11.91 37.91 -16.23
C ARG A 900 11.54 36.87 -15.17
N PRO A 901 12.39 36.70 -14.16
CA PRO A 901 12.04 35.79 -13.06
C PRO A 901 10.78 36.24 -12.33
N SER A 902 10.02 35.26 -11.85
CA SER A 902 8.73 35.54 -11.24
C SER A 902 8.89 36.24 -9.90
N ASN A 903 7.98 37.17 -9.63
CA ASN A 903 7.97 37.91 -8.37
C ASN A 903 6.92 37.38 -7.40
N TYR A 904 6.24 36.29 -7.74
CA TYR A 904 5.21 35.75 -6.87
C TYR A 904 5.82 35.13 -5.62
N ASN A 905 5.17 35.37 -4.48
CA ASN A 905 5.63 34.90 -3.16
C ASN A 905 7.05 35.37 -2.87
N PHE A 906 7.37 36.59 -3.27
CA PHE A 906 8.72 37.13 -3.13
C PHE A 906 8.61 38.64 -3.00
N LYS A 907 8.86 39.15 -1.81
CA LYS A 907 8.79 40.58 -1.54
C LYS A 907 10.10 41.31 -1.85
N GLY A 908 11.12 40.59 -2.29
CA GLY A 908 12.38 41.18 -2.66
C GLY A 908 12.37 41.69 -4.09
N HIS A 909 13.55 42.08 -4.56
CA HIS A 909 13.71 42.63 -5.89
C HIS A 909 14.76 41.84 -6.66
N LEU A 910 14.47 41.55 -7.93
CA LEU A 910 15.42 40.88 -8.80
C LEU A 910 16.24 41.91 -9.55
N LYS A 911 17.51 41.60 -9.77
CA LYS A 911 18.39 42.47 -10.54
C LYS A 911 19.17 41.65 -11.55
N ARG A 912 19.57 42.30 -12.65
CA ARG A 912 20.31 41.65 -13.70
C ARG A 912 21.68 42.31 -13.85
N PHE A 913 22.74 41.51 -13.80
CA PHE A 913 24.09 42.02 -14.00
C PHE A 913 24.83 41.05 -14.91
N GLY A 914 25.45 41.59 -15.95
CA GLY A 914 26.14 40.79 -16.94
C GLY A 914 25.21 39.82 -17.64
N GLN A 915 25.34 38.54 -17.32
CA GLN A 915 24.44 37.51 -17.84
C GLN A 915 23.77 36.74 -16.72
N TYR A 916 23.68 37.31 -15.52
CA TYR A 916 23.16 36.59 -14.37
C TYR A 916 22.15 37.42 -13.61
N TYR A 917 21.13 36.74 -13.09
CA TYR A 917 20.10 37.35 -12.26
C TYR A 917 20.41 37.09 -10.79
N TYR A 918 20.15 38.08 -9.96
CA TYR A 918 20.37 38.02 -8.53
C TYR A 918 19.07 38.34 -7.81
N SER A 919 18.73 37.53 -6.81
CA SER A 919 17.58 37.76 -5.96
C SER A 919 18.07 38.32 -4.63
N TYR A 920 17.37 39.35 -4.15
CA TYR A 920 17.77 40.07 -2.94
C TYR A 920 16.66 40.02 -1.91
N GLY A 921 17.03 39.71 -0.67
CA GLY A 921 16.12 39.94 0.44
C GLY A 921 16.13 41.39 0.86
N THR A 922 15.16 41.78 1.67
CA THR A 922 15.04 43.15 2.15
C THR A 922 15.17 43.17 3.67
N TYR A 923 15.67 44.30 4.18
CA TYR A 923 15.98 44.45 5.59
C TYR A 923 15.62 45.86 6.04
N ASP A 924 15.41 46.00 7.35
CA ASP A 924 15.16 47.28 7.99
C ASP A 924 16.14 47.47 9.12
N ILE A 925 16.74 48.65 9.20
CA ILE A 925 17.79 48.95 10.17
C ILE A 925 17.30 50.03 11.12
N SER A 926 17.40 49.76 12.42
CA SER A 926 17.12 50.73 13.47
C SER A 926 18.38 50.87 14.31
N GLU A 927 19.17 51.90 14.05
CA GLU A 927 20.45 52.07 14.73
C GLU A 927 20.25 52.43 16.20
N GLN A 928 19.16 53.11 16.54
CA GLN A 928 18.88 53.42 17.94
C GLN A 928 18.48 52.19 18.73
N ARG A 929 18.12 51.09 18.06
CA ARG A 929 17.73 49.86 18.70
C ARG A 929 18.68 48.70 18.38
N ASN A 930 19.47 48.83 17.30
CA ASN A 930 20.54 47.89 16.95
C ASN A 930 20.00 46.48 16.69
N ILE A 931 18.87 46.40 15.98
CA ILE A 931 18.29 45.14 15.56
C ILE A 931 18.24 45.12 14.05
N ILE A 932 18.82 44.09 13.44
CA ILE A 932 18.73 43.90 11.99
C ILE A 932 17.52 43.01 11.73
N THR A 933 16.45 43.60 11.21
CA THR A 933 15.20 42.90 10.96
C THR A 933 15.09 42.61 9.48
N ILE A 934 15.17 41.33 9.11
CA ILE A 934 15.02 40.92 7.72
C ILE A 934 13.64 40.32 7.54
N THR A 935 12.91 40.80 6.52
CA THR A 935 11.54 40.39 6.28
C THR A 935 11.37 39.56 5.01
N GLU A 936 12.26 39.70 4.04
CA GLU A 936 12.22 38.87 2.84
C GLU A 936 13.63 38.37 2.53
N LEU A 937 13.69 37.11 2.10
CA LEU A 937 14.90 36.33 1.93
C LEU A 937 14.86 35.66 0.58
N PRO A 938 16.02 35.32 -0.01
CA PRO A 938 16.04 34.67 -1.33
C PRO A 938 15.20 33.41 -1.40
N LEU A 939 14.70 33.14 -2.61
CA LEU A 939 13.50 32.33 -2.81
C LEU A 939 13.77 30.83 -2.88
N ARG A 940 14.93 30.36 -2.44
CA ARG A 940 15.02 28.90 -2.36
C ARG A 940 15.53 28.40 -1.01
N VAL A 941 16.48 29.09 -0.39
CA VAL A 941 17.06 28.61 0.87
C VAL A 941 16.03 28.76 1.99
N PRO A 942 15.79 27.70 2.78
CA PRO A 942 14.55 27.60 3.56
C PRO A 942 14.52 28.33 4.90
N THR A 943 15.40 29.31 5.14
CA THR A 943 15.42 30.19 6.31
C THR A 943 15.77 29.48 7.62
N VAL A 944 15.95 28.16 7.59
CA VAL A 944 16.43 27.42 8.74
C VAL A 944 17.82 26.85 8.51
N ALA A 945 18.05 26.24 7.34
CA ALA A 945 19.41 26.01 6.90
C ALA A 945 20.15 27.32 6.68
N TYR A 946 19.42 28.40 6.38
CA TYR A 946 20.03 29.72 6.28
C TYR A 946 20.61 30.18 7.61
N ILE A 947 19.84 30.06 8.69
CA ILE A 947 20.35 30.50 10.00
C ILE A 947 21.36 29.51 10.57
N GLU A 948 21.36 28.27 10.10
CA GLU A 948 22.42 27.34 10.48
C GLU A 948 23.71 27.67 9.74
N SER A 949 23.61 28.07 8.47
CA SER A 949 24.78 28.47 7.71
C SER A 949 25.34 29.80 8.22
N ILE A 950 24.46 30.70 8.65
CA ILE A 950 24.92 31.97 9.20
C ILE A 950 25.48 31.78 10.60
N LYS A 951 25.17 30.65 11.25
CA LYS A 951 25.76 30.30 12.53
C LYS A 951 27.07 29.53 12.38
N LYS A 952 27.43 29.15 11.16
CA LYS A 952 28.68 28.46 10.91
C LYS A 952 29.76 29.37 10.33
N SER A 953 29.41 30.58 9.92
CA SER A 953 30.41 31.53 9.45
C SER A 953 31.19 32.08 10.64
N SER A 954 32.50 31.84 10.64
CA SER A 954 33.32 32.19 11.80
C SER A 954 33.41 33.69 12.00
N ASN A 955 33.68 34.43 10.91
CA ASN A 955 33.86 35.88 11.02
C ASN A 955 32.61 36.57 11.51
N ARG A 956 31.44 36.13 11.03
CA ARG A 956 30.18 36.68 11.52
C ARG A 956 29.96 36.40 13.00
N MET A 957 30.57 35.33 13.53
CA MET A 957 30.50 35.08 14.97
C MET A 957 31.21 36.19 15.75
N THR A 958 32.23 36.80 15.15
CA THR A 958 32.91 37.90 15.83
C THR A 958 32.13 39.20 15.72
N PHE A 959 31.10 39.24 14.87
CA PHE A 959 30.42 40.49 14.57
C PHE A 959 28.99 40.56 15.09
N ILE A 960 28.36 39.43 15.40
CA ILE A 960 26.98 39.41 15.85
C ILE A 960 26.92 38.94 17.30
N GLU A 961 25.75 39.08 17.89
CA GLU A 961 25.48 38.56 19.23
C GLU A 961 24.61 37.30 19.17
N GLU A 962 23.43 37.40 18.56
CA GLU A 962 22.53 36.25 18.47
C GLU A 962 21.49 36.49 17.39
N ILE A 963 20.75 35.44 17.08
CA ILE A 963 19.71 35.45 16.04
C ILE A 963 18.43 34.88 16.64
N ILE A 964 17.31 35.58 16.44
CA ILE A 964 16.00 35.10 16.84
C ILE A 964 15.10 35.06 15.61
N ASP A 965 14.29 34.01 15.51
CA ASP A 965 13.44 33.76 14.36
C ASP A 965 11.98 33.83 14.81
N TYR A 966 11.27 34.87 14.35
CA TYR A 966 9.84 35.01 14.57
C TYR A 966 9.05 34.83 13.28
N SER A 967 9.52 33.95 12.39
CA SER A 967 8.84 33.73 11.13
C SER A 967 7.81 32.60 11.27
N SER A 968 6.59 32.89 10.87
CA SER A 968 5.50 31.92 10.85
C SER A 968 5.32 31.41 9.42
N SER A 969 4.22 30.70 9.20
CA SER A 969 3.87 30.30 7.84
C SER A 969 3.56 31.52 6.99
N GLU A 970 3.96 31.46 5.72
CA GLU A 970 3.70 32.44 4.66
C GLU A 970 4.44 33.76 4.84
N THR A 971 5.15 33.96 5.95
CA THR A 971 5.85 35.22 6.15
C THR A 971 7.17 34.95 6.86
N ILE A 972 8.11 35.87 6.67
CA ILE A 972 9.45 35.77 7.25
C ILE A 972 9.74 37.06 8.00
N GLU A 973 10.21 36.93 9.24
CA GLU A 973 10.87 38.03 9.92
C GLU A 973 11.88 37.43 10.90
N ILE A 974 13.13 37.85 10.76
CA ILE A 974 14.22 37.36 11.59
C ILE A 974 14.97 38.57 12.14
N LEU A 975 15.20 38.58 13.46
CA LEU A 975 15.86 39.69 14.12
C LEU A 975 17.26 39.24 14.54
N VAL A 976 18.25 40.02 14.15
CA VAL A 976 19.65 39.75 14.49
C VAL A 976 20.12 40.83 15.45
N LYS A 977 20.62 40.39 16.61
CA LYS A 977 21.30 41.27 17.55
C LYS A 977 22.80 41.14 17.34
N LEU A 978 23.47 42.28 17.20
CA LEU A 978 24.90 42.33 16.96
C LEU A 978 25.54 43.28 17.95
N LYS A 979 26.88 43.30 17.95
CA LYS A 979 27.62 44.17 18.86
C LYS A 979 27.39 45.63 18.48
N PRO A 980 27.21 46.52 19.46
CA PRO A 980 27.02 47.94 19.14
C PRO A 980 28.20 48.58 18.44
N ASN A 981 29.43 48.15 18.75
CA ASN A 981 30.61 48.69 18.09
C ASN A 981 30.91 48.02 16.76
N SER A 982 30.24 46.91 16.44
CA SER A 982 30.45 46.21 15.18
C SER A 982 29.53 46.68 14.06
N LEU A 983 28.55 47.53 14.38
CA LEU A 983 27.55 47.95 13.39
C LEU A 983 28.18 48.68 12.22
N ASN A 984 29.23 49.46 12.46
CA ASN A 984 29.97 50.07 11.38
C ASN A 984 31.09 49.18 10.85
N ARG A 985 31.56 48.21 11.65
CA ARG A 985 32.71 47.41 11.26
C ARG A 985 32.42 46.57 10.03
N ILE A 986 31.20 46.06 9.91
CA ILE A 986 30.78 45.31 8.74
C ILE A 986 30.87 46.14 7.47
N VAL A 987 30.81 47.47 7.59
CA VAL A 987 31.00 48.33 6.44
C VAL A 987 32.44 48.23 5.93
N GLU A 988 33.42 48.20 6.83
CA GLU A 988 34.81 48.19 6.38
C GLU A 988 35.27 46.78 6.01
N GLU A 989 34.77 45.79 6.75
CA GLU A 989 35.19 44.38 6.53
C GLU A 989 34.33 43.75 5.42
N PHE A 990 33.02 43.62 5.63
CA PHE A 990 32.14 43.19 4.51
C PHE A 990 32.08 44.38 3.55
N LYS A 991 31.71 44.18 2.28
CA LYS A 991 31.80 45.30 1.31
C LYS A 991 30.44 45.68 0.73
N GLU A 992 30.33 46.85 0.09
CA GLU A 992 29.05 47.25 -0.57
C GLU A 992 29.34 47.60 -2.03
N THR A 993 29.29 46.62 -2.92
CA THR A 993 29.59 46.85 -4.36
C THR A 993 28.35 47.40 -5.07
N GLU A 994 28.48 47.76 -6.35
CA GLU A 994 27.34 48.37 -7.09
C GLU A 994 26.18 47.39 -7.15
N GLU A 995 26.42 46.10 -6.96
CA GLU A 995 25.35 45.12 -7.10
C GLU A 995 24.74 44.72 -5.77
N GLN A 996 25.51 44.69 -4.69
CA GLN A 996 25.00 44.30 -3.38
C GLN A 996 25.47 45.29 -2.33
N ASP A 997 24.65 45.48 -1.30
CA ASP A 997 24.95 46.42 -0.23
C ASP A 997 25.87 45.78 0.80
N SER A 998 26.23 46.58 1.80
CA SER A 998 27.03 46.07 2.91
C SER A 998 26.23 45.08 3.75
N ILE A 999 24.98 45.42 4.06
CA ILE A 999 24.14 44.52 4.84
C ILE A 999 23.76 43.29 4.03
N GLU A 1000 23.59 43.43 2.72
CA GLU A 1000 23.31 42.28 1.87
C GLU A 1000 24.50 41.32 1.84
N ASN A 1001 25.72 41.86 1.83
CA ASN A 1001 26.89 41.02 1.96
C ASN A 1001 27.00 40.41 3.36
N PHE A 1002 26.52 41.16 4.36
CA PHE A 1002 26.59 40.69 5.75
C PHE A 1002 25.68 39.48 5.98
N LEU A 1003 24.41 39.63 5.67
CA LEU A 1003 23.42 38.59 5.93
C LEU A 1003 23.28 37.60 4.78
N ARG A 1004 24.09 37.75 3.72
CA ARG A 1004 24.04 36.90 2.52
C ARG A 1004 22.64 36.89 1.91
N LEU A 1005 22.06 38.09 1.79
CA LEU A 1005 20.73 38.24 1.20
C LEU A 1005 20.75 38.25 -0.31
N ARG A 1006 21.93 38.20 -0.94
CA ARG A 1006 22.04 38.11 -2.39
C ARG A 1006 22.14 36.65 -2.79
N ASN A 1007 21.53 36.30 -3.93
CA ASN A 1007 21.58 34.93 -4.42
C ASN A 1007 21.60 34.96 -5.94
N CYS A 1008 22.72 34.55 -6.53
CA CYS A 1008 22.79 34.41 -7.97
C CYS A 1008 22.05 33.15 -8.39
N LEU A 1009 21.20 33.27 -9.40
CA LEU A 1009 20.41 32.13 -9.87
C LEU A 1009 20.99 31.65 -11.20
N HIS A 1010 21.30 30.35 -11.26
CA HIS A 1010 21.91 29.72 -12.41
C HIS A 1010 20.93 28.74 -13.06
N SER A 1011 21.04 28.59 -14.37
CA SER A 1011 20.18 27.71 -15.13
C SER A 1011 21.04 26.74 -15.95
N HIS A 1012 20.80 25.45 -15.75
CA HIS A 1012 21.42 24.39 -16.55
C HIS A 1012 20.29 23.71 -17.30
N LEU A 1013 20.06 24.12 -18.55
CA LEU A 1013 18.89 23.69 -19.30
C LEU A 1013 19.21 22.44 -20.11
N ASN A 1014 19.35 21.34 -19.38
CA ASN A 1014 19.51 20.02 -19.97
C ASN A 1014 18.19 19.29 -19.84
N PHE A 1015 17.58 18.94 -20.98
CA PHE A 1015 16.29 18.28 -20.99
C PHE A 1015 16.41 16.99 -21.80
N VAL A 1016 15.43 16.11 -21.65
CA VAL A 1016 15.38 14.89 -22.43
C VAL A 1016 14.39 15.07 -23.57
N LYS A 1017 14.80 14.67 -24.77
CA LYS A 1017 13.92 14.72 -25.91
C LYS A 1017 12.82 13.68 -25.79
N PRO A 1018 11.70 13.87 -26.51
CA PRO A 1018 10.70 12.79 -26.56
C PRO A 1018 11.23 11.50 -27.13
N LYS A 1019 12.21 11.56 -28.03
CA LYS A 1019 12.86 10.34 -28.51
C LYS A 1019 13.68 9.67 -27.41
N GLY A 1020 14.36 10.46 -26.60
CA GLY A 1020 15.07 9.90 -25.45
C GLY A 1020 16.42 10.53 -25.15
N GLY A 1021 16.91 11.40 -26.04
CA GLY A 1021 18.22 11.96 -25.88
C GLY A 1021 18.24 13.31 -25.16
N ILE A 1022 19.43 13.68 -24.69
CA ILE A 1022 19.64 14.98 -24.05
C ILE A 1022 19.71 16.07 -25.11
N ILE A 1023 18.94 17.13 -24.90
CA ILE A 1023 19.04 18.37 -25.65
C ILE A 1023 19.41 19.48 -24.67
N GLU A 1024 20.42 20.26 -25.03
CA GLU A 1024 20.88 21.37 -24.20
C GLU A 1024 20.38 22.69 -24.78
N PHE A 1025 20.08 23.63 -23.88
CA PHE A 1025 19.58 24.94 -24.25
C PHE A 1025 20.41 26.02 -23.57
N ASN A 1026 20.29 27.24 -24.08
CA ASN A 1026 21.01 28.38 -23.54
C ASN A 1026 20.11 29.35 -22.78
N SER A 1027 18.93 29.66 -23.30
CA SER A 1027 17.99 30.54 -22.65
C SER A 1027 16.62 29.88 -22.66
N TYR A 1028 15.65 30.53 -22.02
CA TYR A 1028 14.29 30.00 -21.99
C TYR A 1028 13.54 30.27 -23.28
N TYR A 1029 14.03 31.19 -24.11
CA TYR A 1029 13.42 31.42 -25.41
C TYR A 1029 13.51 30.18 -26.29
N GLU A 1030 14.63 29.46 -26.20
CA GLU A 1030 14.76 28.20 -26.92
C GLU A 1030 13.74 27.17 -26.42
N ILE A 1031 13.51 27.15 -25.09
CA ILE A 1031 12.50 26.26 -24.52
C ILE A 1031 11.12 26.58 -25.09
N LEU A 1032 10.77 27.87 -25.10
CA LEU A 1032 9.46 28.29 -25.58
C LEU A 1032 9.30 28.00 -27.07
N TYR A 1033 10.34 28.28 -27.86
CA TYR A 1033 10.24 28.13 -29.31
C TYR A 1033 10.35 26.67 -29.72
N ALA A 1034 10.83 25.79 -28.85
CA ALA A 1034 10.75 24.36 -29.09
C ALA A 1034 9.42 23.78 -28.64
N TRP A 1035 8.83 24.32 -27.57
CA TRP A 1035 7.55 23.82 -27.09
C TRP A 1035 6.38 24.27 -27.94
N LEU A 1036 6.47 25.46 -28.56
CA LEU A 1036 5.36 25.98 -29.37
C LEU A 1036 4.95 25.07 -30.54
N PRO A 1037 5.86 24.53 -31.35
CA PRO A 1037 5.40 23.68 -32.46
C PRO A 1037 4.65 22.45 -32.01
N TYR A 1038 5.03 21.84 -30.89
CA TYR A 1038 4.37 20.61 -30.46
C TYR A 1038 2.89 20.85 -30.18
N ARG A 1039 2.58 21.94 -29.47
CA ARG A 1039 1.19 22.32 -29.29
C ARG A 1039 0.53 22.69 -30.62
N ARG A 1040 1.31 23.23 -31.56
CA ARG A 1040 0.77 23.55 -32.87
C ARG A 1040 0.23 22.30 -33.58
N GLU A 1041 1.11 21.31 -33.85
CA GLU A 1041 0.54 20.13 -34.52
C GLU A 1041 -0.39 19.33 -33.62
N LEU A 1042 -0.33 19.45 -32.29
CA LEU A 1042 -1.31 18.70 -31.50
C LEU A 1042 -2.70 19.31 -31.63
N TYR A 1043 -2.81 20.65 -31.61
CA TYR A 1043 -4.09 21.27 -31.89
C TYR A 1043 -4.58 20.90 -33.29
N GLN A 1044 -3.66 20.89 -34.25
CA GLN A 1044 -4.02 20.60 -35.64
C GLN A 1044 -4.54 19.18 -35.80
N LYS A 1045 -3.87 18.21 -35.16
CA LYS A 1045 -4.31 16.83 -35.25
C LYS A 1045 -5.59 16.60 -34.47
N ARG A 1046 -5.75 17.27 -33.32
CA ARG A 1046 -6.99 17.15 -32.56
C ARG A 1046 -8.17 17.69 -33.35
N LEU A 1047 -7.96 18.77 -34.10
CA LEU A 1047 -9.06 19.32 -34.88
C LEU A 1047 -9.50 18.40 -36.01
N MET A 1048 -8.56 17.83 -36.81
CA MET A 1048 -9.20 17.01 -37.83
C MET A 1048 -9.65 15.66 -37.30
N ARG A 1049 -9.08 15.17 -36.19
CA ARG A 1049 -9.62 13.96 -35.57
C ARG A 1049 -11.04 14.21 -35.07
N GLU A 1050 -11.26 15.37 -34.45
CA GLU A 1050 -12.60 15.74 -34.03
C GLU A 1050 -13.55 15.86 -35.21
N HIS A 1051 -13.07 16.44 -36.32
CA HIS A 1051 -13.90 16.59 -37.51
C HIS A 1051 -14.32 15.22 -38.07
N ALA A 1052 -13.36 14.30 -38.20
CA ALA A 1052 -13.68 12.99 -38.76
C ALA A 1052 -14.61 12.20 -37.84
N VAL A 1053 -14.31 12.18 -36.54
CA VAL A 1053 -15.14 11.41 -35.63
C VAL A 1053 -16.52 12.04 -35.50
N LEU A 1054 -16.64 13.36 -35.70
CA LEU A 1054 -17.94 13.99 -35.63
C LEU A 1054 -18.78 13.75 -36.88
N LYS A 1055 -18.15 13.70 -38.06
CA LYS A 1055 -18.92 13.34 -39.24
C LYS A 1055 -19.37 11.88 -39.18
N LEU A 1056 -18.55 11.01 -38.60
CA LEU A 1056 -18.98 9.63 -38.38
C LEU A 1056 -20.13 9.57 -37.37
N ARG A 1057 -20.05 10.38 -36.31
CA ARG A 1057 -21.12 10.43 -35.32
C ARG A 1057 -22.43 10.93 -35.94
N ILE A 1058 -22.36 11.95 -36.80
CA ILE A 1058 -23.59 12.50 -37.35
C ILE A 1058 -24.19 11.56 -38.39
N ILE A 1059 -23.37 10.85 -39.16
CA ILE A 1059 -23.95 9.89 -40.11
C ILE A 1059 -24.55 8.70 -39.36
N MET A 1060 -23.94 8.31 -38.23
CA MET A 1060 -24.50 7.23 -37.42
C MET A 1060 -25.80 7.66 -36.75
N GLU A 1061 -25.88 8.91 -36.29
CA GLU A 1061 -27.12 9.42 -35.72
C GLU A 1061 -28.23 9.52 -36.77
N THR A 1062 -27.87 9.93 -37.99
CA THR A 1062 -28.86 9.98 -39.07
C THR A 1062 -29.34 8.57 -39.42
N ALA A 1063 -28.44 7.58 -39.40
CA ALA A 1063 -28.85 6.21 -39.64
C ALA A 1063 -29.79 5.71 -38.54
N ILE A 1064 -29.52 6.07 -37.28
CA ILE A 1064 -30.44 5.73 -36.19
C ILE A 1064 -31.81 6.34 -36.42
N VAL A 1065 -31.85 7.63 -36.79
CA VAL A 1065 -33.13 8.31 -37.00
C VAL A 1065 -33.90 7.66 -38.16
N ARG A 1066 -33.20 7.33 -39.25
CA ARG A 1066 -33.87 6.70 -40.38
C ARG A 1066 -34.43 5.33 -40.02
N TYR A 1067 -33.66 4.52 -39.26
CA TYR A 1067 -34.20 3.22 -38.86
C TYR A 1067 -35.36 3.37 -37.90
N ILE A 1068 -35.31 4.38 -37.01
CA ILE A 1068 -36.40 4.61 -36.08
C ILE A 1068 -37.67 4.98 -36.83
N ASN A 1069 -37.55 5.80 -37.87
CA ASN A 1069 -38.73 6.19 -38.63
C ASN A 1069 -39.17 5.10 -39.62
N GLU A 1070 -38.30 4.13 -39.92
CA GLU A 1070 -38.63 3.09 -40.87
C GLU A 1070 -39.10 1.78 -40.24
N SER A 1071 -38.75 1.51 -38.98
CA SER A 1071 -39.03 0.21 -38.38
C SER A 1071 -40.52 -0.03 -38.15
N ALA A 1072 -41.34 1.01 -38.18
CA ALA A 1072 -42.78 0.82 -38.02
C ALA A 1072 -43.37 0.03 -39.18
N GLU A 1073 -42.96 0.35 -40.41
CA GLU A 1073 -43.38 -0.40 -41.58
C GLU A 1073 -42.40 -1.47 -42.00
N LEU A 1074 -41.20 -1.51 -41.39
CA LEU A 1074 -40.26 -2.58 -41.72
C LEU A 1074 -40.75 -3.92 -41.21
N ASN A 1075 -41.24 -3.96 -39.96
CA ASN A 1075 -41.70 -5.17 -39.29
C ASN A 1075 -40.62 -6.25 -39.27
N LEU A 1076 -39.50 -5.90 -38.63
CA LEU A 1076 -38.38 -6.82 -38.47
C LEU A 1076 -38.62 -7.83 -37.35
N SER A 1077 -39.68 -7.64 -36.55
CA SER A 1077 -39.94 -8.51 -35.41
C SER A 1077 -40.19 -9.96 -35.84
N HIS A 1078 -40.79 -10.15 -37.01
CA HIS A 1078 -41.06 -11.48 -37.51
C HIS A 1078 -39.85 -12.05 -38.24
N TYR A 1079 -38.69 -12.02 -37.60
CA TYR A 1079 -37.46 -12.57 -38.15
C TYR A 1079 -36.79 -13.45 -37.10
N GLU A 1080 -36.02 -14.43 -37.58
CA GLU A 1080 -35.51 -15.47 -36.68
C GLU A 1080 -34.24 -15.03 -35.96
N ASP A 1081 -33.16 -14.79 -36.70
CA ASP A 1081 -31.85 -14.67 -36.06
C ASP A 1081 -31.12 -13.39 -36.45
N GLU A 1082 -29.86 -13.29 -36.01
CA GLU A 1082 -29.07 -12.08 -36.26
C GLU A 1082 -28.69 -11.95 -37.73
N LYS A 1083 -28.36 -13.06 -38.37
CA LYS A 1083 -27.89 -13.02 -39.76
C LYS A 1083 -28.97 -12.55 -40.71
N GLU A 1084 -30.20 -13.06 -40.55
CA GLU A 1084 -31.29 -12.65 -41.41
C GLU A 1084 -31.63 -11.18 -41.23
N ALA A 1085 -31.66 -10.70 -39.97
CA ALA A 1085 -31.93 -9.30 -39.71
C ALA A 1085 -30.84 -8.41 -40.30
N SER A 1086 -29.57 -8.81 -40.15
CA SER A 1086 -28.47 -8.03 -40.71
C SER A 1086 -28.53 -8.00 -42.23
N ARG A 1087 -28.91 -9.13 -42.85
CA ARG A 1087 -29.05 -9.17 -44.31
C ARG A 1087 -30.19 -8.26 -44.77
N ILE A 1088 -31.29 -8.25 -44.03
CA ILE A 1088 -32.42 -7.37 -44.37
C ILE A 1088 -32.00 -5.90 -44.25
N LEU A 1089 -31.31 -5.56 -43.17
CA LEU A 1089 -30.85 -4.18 -43.00
C LEU A 1089 -29.82 -3.80 -44.07
N SER A 1090 -28.99 -4.74 -44.51
CA SER A 1090 -28.03 -4.47 -45.56
C SER A 1090 -28.72 -4.24 -46.90
N GLU A 1091 -29.71 -5.06 -47.23
CA GLU A 1091 -30.43 -4.86 -48.49
C GLU A 1091 -31.37 -3.66 -48.43
N HIS A 1092 -31.63 -3.12 -47.23
CA HIS A 1092 -32.30 -1.83 -47.12
C HIS A 1092 -31.33 -0.65 -47.19
N GLY A 1093 -30.03 -0.91 -47.37
CA GLY A 1093 -29.06 0.15 -47.56
C GLY A 1093 -28.54 0.80 -46.29
N PHE A 1094 -28.71 0.16 -45.14
CA PHE A 1094 -28.24 0.74 -43.90
C PHE A 1094 -26.71 0.67 -43.81
N PRO A 1095 -26.06 1.69 -43.25
CA PRO A 1095 -24.60 1.69 -43.20
C PRO A 1095 -24.08 0.91 -42.01
N PRO A 1096 -23.28 -0.13 -42.25
CA PRO A 1096 -22.69 -0.88 -41.14
C PRO A 1096 -21.41 -0.22 -40.64
N LEU A 1097 -21.49 0.37 -39.45
CA LEU A 1097 -20.34 1.02 -38.83
C LEU A 1097 -20.38 0.75 -37.34
N ASN A 1098 -19.21 0.41 -36.78
CA ASN A 1098 -19.11 0.02 -35.39
C ASN A 1098 -19.34 1.19 -34.43
N HIS A 1099 -20.53 1.24 -33.83
CA HIS A 1099 -20.91 2.35 -32.97
C HIS A 1099 -20.10 2.41 -31.68
N THR A 1100 -19.52 1.30 -31.24
CA THR A 1100 -18.68 1.32 -30.05
C THR A 1100 -17.33 1.98 -30.30
N LEU A 1101 -16.92 2.10 -31.56
CA LEU A 1101 -15.75 2.87 -31.92
C LEU A 1101 -16.09 4.30 -32.35
N ILE A 1102 -17.37 4.66 -32.38
CA ILE A 1102 -17.80 5.99 -32.79
C ILE A 1102 -18.26 6.82 -31.60
N ILE A 1103 -19.06 6.22 -30.72
CA ILE A 1103 -19.47 6.91 -29.50
C ILE A 1103 -18.27 7.18 -28.60
N SER A 1104 -17.42 6.16 -28.42
CA SER A 1104 -16.20 6.30 -27.65
C SER A 1104 -15.01 5.91 -28.52
N PRO A 1105 -14.33 6.89 -29.14
CA PRO A 1105 -13.20 6.53 -30.03
C PRO A 1105 -12.00 5.96 -29.31
N GLU A 1106 -11.61 6.52 -28.17
CA GLU A 1106 -10.54 6.02 -27.31
C GLU A 1106 -9.21 5.95 -28.06
N PHE A 1107 -8.71 7.15 -28.39
CA PHE A 1107 -7.40 7.42 -29.02
C PHE A 1107 -7.12 6.50 -30.21
N ALA A 1108 -7.93 6.69 -31.25
CA ALA A 1108 -7.73 6.04 -32.54
C ALA A 1108 -7.26 7.09 -33.54
N SER A 1109 -6.16 6.80 -34.24
CA SER A 1109 -5.64 7.69 -35.25
C SER A 1109 -6.56 7.72 -36.47
N ILE A 1110 -6.33 8.71 -37.34
CA ILE A 1110 -7.26 8.99 -38.44
C ILE A 1110 -7.30 7.82 -39.41
N GLU A 1111 -6.14 7.30 -39.81
CA GLU A 1111 -6.10 6.20 -40.77
C GLU A 1111 -6.70 4.93 -40.18
N GLU A 1112 -6.41 4.63 -38.91
CA GLU A 1112 -6.98 3.44 -38.31
C GLU A 1112 -8.46 3.61 -37.99
N LEU A 1113 -8.90 4.83 -37.68
CA LEU A 1113 -10.33 5.08 -37.49
C LEU A 1113 -11.08 4.89 -38.80
N ASN A 1114 -10.53 5.39 -39.92
CA ASN A 1114 -11.18 5.19 -41.21
C ASN A 1114 -11.19 3.72 -41.62
N GLN A 1115 -10.07 3.01 -41.38
CA GLN A 1115 -10.03 1.60 -41.74
C GLN A 1115 -10.91 0.75 -40.83
N LYS A 1116 -11.19 1.20 -39.61
CA LYS A 1116 -12.16 0.51 -38.76
C LYS A 1116 -13.59 0.84 -39.16
N ALA A 1117 -13.85 2.06 -39.61
CA ALA A 1117 -15.20 2.49 -39.92
C ALA A 1117 -15.65 2.17 -41.34
N LEU A 1118 -14.73 1.78 -42.24
CA LEU A 1118 -15.17 1.36 -43.56
C LEU A 1118 -16.00 0.08 -43.47
N GLN A 1119 -15.60 -0.85 -42.61
CA GLN A 1119 -16.44 -1.96 -42.21
C GLN A 1119 -17.18 -1.56 -40.94
N GLY A 1120 -17.99 -2.48 -40.42
CA GLY A 1120 -18.68 -2.21 -39.18
C GLY A 1120 -19.79 -3.21 -38.94
N CYS A 1121 -20.66 -2.88 -38.00
CA CYS A 1121 -21.72 -3.75 -37.56
C CYS A 1121 -23.03 -2.99 -37.45
N TYR A 1122 -24.14 -3.71 -37.61
CA TYR A 1122 -25.48 -3.15 -37.46
C TYR A 1122 -25.95 -3.14 -36.02
N THR A 1123 -25.02 -3.28 -35.06
CA THR A 1123 -25.38 -3.40 -33.65
C THR A 1123 -26.01 -2.12 -33.10
N TYR A 1124 -25.76 -0.97 -33.73
CA TYR A 1124 -26.44 0.24 -33.27
C TYR A 1124 -27.94 0.18 -33.54
N ILE A 1125 -28.35 -0.59 -34.57
CA ILE A 1125 -29.75 -0.95 -34.70
C ILE A 1125 -30.20 -1.81 -33.54
N LEU A 1126 -29.37 -2.77 -33.15
CA LEU A 1126 -29.74 -3.75 -32.14
C LEU A 1126 -29.54 -3.26 -30.72
N SER A 1127 -28.40 -2.61 -30.44
CA SER A 1127 -28.08 -2.21 -29.09
C SER A 1127 -28.84 -0.97 -28.62
N LEU A 1128 -29.61 -0.32 -29.49
CA LEU A 1128 -30.43 0.80 -29.04
C LEU A 1128 -31.56 0.28 -28.17
N GLN A 1129 -31.79 0.96 -27.05
CA GLN A 1129 -32.88 0.56 -26.17
C GLN A 1129 -34.22 1.00 -26.76
N ALA A 1130 -35.27 0.26 -26.39
CA ALA A 1130 -36.60 0.52 -26.95
C ALA A 1130 -37.16 1.84 -26.47
N ARG A 1131 -36.74 2.29 -25.28
CA ARG A 1131 -37.36 3.43 -24.60
C ARG A 1131 -37.28 4.73 -25.39
N GLU A 1132 -36.38 4.81 -26.36
CA GLU A 1132 -36.26 5.98 -27.21
C GLU A 1132 -37.35 6.07 -28.27
N LEU A 1133 -38.38 5.20 -28.23
CA LEU A 1133 -39.40 5.20 -29.28
C LEU A 1133 -40.29 6.42 -29.23
N LEU A 1134 -40.30 7.16 -28.12
CA LEU A 1134 -41.19 8.30 -27.97
C LEU A 1134 -40.80 9.44 -28.91
N ILE A 1135 -41.81 10.19 -29.35
CA ILE A 1135 -41.59 11.21 -30.37
C ILE A 1135 -40.81 12.41 -29.81
N ALA A 1136 -41.03 12.77 -28.54
CA ALA A 1136 -40.28 13.88 -27.95
C ALA A 1136 -38.80 13.55 -27.84
N ALA A 1137 -38.48 12.30 -27.54
CA ALA A 1137 -37.09 11.87 -27.53
C ALA A 1137 -36.47 11.99 -28.93
N LYS A 1138 -37.23 11.62 -29.97
CA LYS A 1138 -36.69 11.73 -31.31
C LYS A 1138 -36.52 13.18 -31.74
N THR A 1139 -37.38 14.08 -31.25
CA THR A 1139 -37.17 15.51 -31.50
C THR A 1139 -35.91 16.00 -30.79
N ARG A 1140 -35.65 15.49 -29.58
CA ARG A 1140 -34.42 15.83 -28.89
C ARG A 1140 -33.20 15.34 -29.67
N ARG A 1141 -33.27 14.13 -30.24
CA ARG A 1141 -32.17 13.65 -31.07
C ARG A 1141 -32.03 14.44 -32.37
N VAL A 1142 -33.14 14.97 -32.90
CA VAL A 1142 -33.05 15.86 -34.06
C VAL A 1142 -32.31 17.14 -33.69
N GLU A 1143 -32.63 17.70 -32.52
CA GLU A 1143 -31.90 18.88 -32.02
C GLU A 1143 -30.42 18.56 -31.79
N LYS A 1144 -30.14 17.35 -31.29
CA LYS A 1144 -28.77 16.91 -31.11
C LYS A 1144 -28.04 16.82 -32.44
N ILE A 1145 -28.72 16.32 -33.47
CA ILE A 1145 -28.15 16.26 -34.82
C ILE A 1145 -27.85 17.66 -35.34
N LYS A 1146 -28.76 18.60 -35.08
CA LYS A 1146 -28.52 20.00 -35.48
C LYS A 1146 -27.30 20.57 -34.78
N LYS A 1147 -27.15 20.29 -33.48
CA LYS A 1147 -26.00 20.79 -32.75
C LYS A 1147 -24.71 20.14 -33.24
N MET A 1148 -24.75 18.84 -33.57
CA MET A 1148 -23.57 18.17 -34.11
C MET A 1148 -23.16 18.76 -35.45
N GLN A 1149 -24.13 19.07 -36.31
CA GLN A 1149 -23.80 19.70 -37.60
C GLN A 1149 -23.25 21.10 -37.41
N ALA A 1150 -23.80 21.85 -36.45
CA ALA A 1150 -23.25 23.17 -36.15
C ALA A 1150 -21.82 23.08 -35.64
N ARG A 1151 -21.54 22.09 -34.79
CA ARG A 1151 -20.17 21.87 -34.31
C ARG A 1151 -19.25 21.46 -35.45
N LEU A 1152 -19.77 20.69 -36.41
CA LEU A 1152 -18.97 20.33 -37.59
C LEU A 1152 -18.62 21.57 -38.40
N ASP A 1153 -19.59 22.48 -38.57
CA ASP A 1153 -19.32 23.74 -39.28
C ASP A 1153 -18.27 24.57 -38.54
N LYS A 1154 -18.39 24.65 -37.21
CA LYS A 1154 -17.44 25.42 -36.42
C LYS A 1154 -16.04 24.82 -36.49
N VAL A 1155 -15.95 23.49 -36.43
CA VAL A 1155 -14.65 22.84 -36.51
C VAL A 1155 -14.04 23.05 -37.90
N GLU A 1156 -14.87 22.99 -38.95
CA GLU A 1156 -14.36 23.21 -40.30
C GLU A 1156 -13.85 24.64 -40.48
N GLN A 1157 -14.54 25.62 -39.89
CA GLN A 1157 -14.04 27.00 -40.02
C GLN A 1157 -12.87 27.28 -39.09
N LEU A 1158 -12.71 26.52 -38.00
CA LEU A 1158 -11.48 26.61 -37.22
C LEU A 1158 -10.31 25.98 -37.95
N LEU A 1159 -10.58 24.99 -38.82
CA LEU A 1159 -9.52 24.38 -39.59
C LEU A 1159 -8.94 25.32 -40.65
N GLN A 1160 -9.72 26.30 -41.10
CA GLN A 1160 -9.35 27.12 -42.25
C GLN A 1160 -8.92 28.53 -41.88
N GLU A 1161 -8.70 28.81 -40.60
CA GLU A 1161 -8.33 30.17 -40.21
C GLU A 1161 -6.90 30.48 -40.63
N SER A 1162 -6.61 31.79 -40.75
CA SER A 1162 -5.41 32.24 -41.45
C SER A 1162 -4.08 31.84 -40.80
N PRO A 1163 -3.82 32.09 -39.49
CA PRO A 1163 -2.47 31.80 -38.96
C PRO A 1163 -2.16 30.31 -38.92
N PHE A 1164 -3.04 29.55 -38.29
CA PHE A 1164 -2.90 28.11 -38.08
C PHE A 1164 -4.23 27.60 -37.52
N PRO A 1165 -4.56 26.32 -37.70
CA PRO A 1165 -5.76 25.78 -37.08
C PRO A 1165 -5.68 25.84 -35.56
N GLY A 1166 -6.83 26.10 -34.95
CA GLY A 1166 -6.91 26.21 -33.50
C GLY A 1166 -6.23 27.45 -32.97
N ALA A 1167 -6.48 28.59 -33.62
CA ALA A 1167 -5.90 29.85 -33.17
C ALA A 1167 -6.65 30.43 -31.98
N SER A 1168 -7.94 30.71 -32.15
CA SER A 1168 -8.75 31.21 -31.04
C SER A 1168 -8.96 30.14 -29.97
N VAL A 1169 -8.84 28.86 -30.34
CA VAL A 1169 -8.99 27.79 -29.34
C VAL A 1169 -7.97 27.97 -28.24
N TRP A 1170 -6.69 28.08 -28.63
CA TRP A 1170 -5.61 28.34 -27.68
C TRP A 1170 -5.87 29.60 -26.88
N LEU A 1171 -6.59 30.57 -27.44
CA LEU A 1171 -6.97 31.74 -26.66
C LEU A 1171 -7.92 31.37 -25.52
N GLU A 1172 -8.94 30.53 -25.76
CA GLU A 1172 -9.81 30.30 -24.59
C GLU A 1172 -9.16 29.34 -23.59
N GLU A 1173 -8.33 28.37 -24.03
CA GLU A 1173 -7.61 27.65 -22.96
C GLU A 1173 -6.62 28.55 -22.22
N ILE A 1174 -6.00 29.53 -22.88
CA ILE A 1174 -5.13 30.46 -22.14
C ILE A 1174 -5.93 31.26 -21.13
N ASP A 1175 -7.10 31.76 -21.54
CA ASP A 1175 -7.96 32.52 -20.63
C ASP A 1175 -8.42 31.67 -19.45
N ALA A 1176 -8.86 30.44 -19.72
CA ALA A 1176 -9.33 29.56 -18.66
C ALA A 1176 -8.19 29.19 -17.72
N VAL A 1177 -6.99 28.93 -18.26
CA VAL A 1177 -5.86 28.56 -17.43
C VAL A 1177 -5.46 29.71 -16.53
N GLU A 1178 -5.40 30.94 -17.06
CA GLU A 1178 -4.99 32.05 -16.20
C GLU A 1178 -6.07 32.38 -15.18
N LYS A 1179 -7.35 32.20 -15.52
CA LYS A 1179 -8.41 32.42 -14.54
C LYS A 1179 -8.35 31.39 -13.40
N ALA A 1180 -8.14 30.11 -13.74
CA ALA A 1180 -8.03 29.09 -12.71
C ALA A 1180 -6.78 29.29 -11.87
N ILE A 1181 -5.69 29.74 -12.50
CA ILE A 1181 -4.46 30.02 -11.77
C ILE A 1181 -4.68 31.18 -10.80
N ILE A 1182 -5.39 32.23 -11.23
CA ILE A 1182 -5.68 33.35 -10.34
C ILE A 1182 -6.55 32.89 -9.18
N LYS A 1183 -7.55 32.05 -9.46
CA LYS A 1183 -8.42 31.53 -8.42
C LYS A 1183 -7.64 30.74 -7.38
N GLY A 1184 -6.81 29.81 -7.82
CA GLY A 1184 -5.99 29.06 -6.89
C GLY A 1184 -4.95 29.91 -6.18
N ARG A 1185 -4.46 30.95 -6.86
CA ARG A 1185 -3.47 31.85 -6.30
C ARG A 1185 -4.04 32.70 -5.18
N ASN A 1186 -5.34 33.02 -5.26
CA ASN A 1186 -5.95 33.84 -4.23
C ASN A 1186 -6.25 33.06 -2.95
N THR A 1187 -6.26 31.73 -2.99
CA THR A 1187 -6.66 30.93 -1.84
C THR A 1187 -5.63 29.85 -1.49
N GLN A 1188 -4.34 30.14 -1.72
CA GLN A 1188 -3.23 29.26 -1.31
C GLN A 1188 -3.35 27.87 -1.95
N TRP A 1189 -3.78 27.88 -3.19
CA TRP A 1189 -3.94 26.71 -3.99
C TRP A 1189 -4.77 25.71 -3.33
N LYS A 1190 -5.52 26.10 -2.32
CA LYS A 1190 -6.37 25.12 -1.71
C LYS A 1190 -7.70 25.11 -2.33
N PHE A 1191 -8.07 26.22 -2.96
CA PHE A 1191 -9.35 26.26 -3.58
C PHE A 1191 -10.43 25.90 -2.57
N HIS A 1192 -11.13 24.85 -2.95
CA HIS A 1192 -12.31 24.24 -2.30
C HIS A 1192 -13.49 24.17 -3.24
N TYR B 418 12.88 12.79 22.95
CA TYR B 418 12.56 13.78 23.96
C TYR B 418 13.24 15.10 23.66
N THR B 419 12.45 16.15 23.47
CA THR B 419 12.96 17.51 23.26
C THR B 419 12.74 18.30 24.54
N ARG B 420 13.83 18.84 25.09
CA ARG B 420 13.75 19.54 26.37
C ARG B 420 13.07 20.89 26.19
N ALA B 421 12.10 21.17 27.06
CA ALA B 421 11.50 22.49 27.10
C ALA B 421 12.46 23.48 27.75
N ARG B 422 12.41 24.73 27.29
CA ARG B 422 13.23 25.76 27.89
C ARG B 422 12.67 26.14 29.26
N ASN B 423 13.58 26.38 30.21
CA ASN B 423 13.26 26.67 31.61
C ASN B 423 12.41 25.55 32.22
N ALA B 424 12.71 24.31 31.84
CA ALA B 424 12.08 23.14 32.43
C ALA B 424 13.07 22.46 33.36
N GLY B 425 12.58 21.97 34.49
CA GLY B 425 13.45 21.49 35.54
C GLY B 425 14.27 22.58 36.19
N GLY B 426 13.72 23.78 36.31
CA GLY B 426 14.38 24.92 36.91
C GLY B 426 13.51 25.57 37.95
N LYS B 427 13.57 26.91 37.99
CA LYS B 427 12.79 27.65 38.96
C LYS B 427 11.30 27.65 38.62
N ARG B 428 10.96 27.65 37.34
CA ARG B 428 9.58 27.65 36.89
C ARG B 428 9.07 26.25 36.57
N ALA B 429 9.77 25.21 37.03
CA ALA B 429 9.42 23.83 36.69
C ALA B 429 8.06 23.41 37.20
N GLN B 430 7.57 24.03 38.28
CA GLN B 430 6.24 23.71 38.77
C GLN B 430 5.14 24.29 37.90
N ASP B 431 5.47 25.26 37.05
CA ASP B 431 4.50 25.85 36.13
C ASP B 431 4.50 25.20 34.77
N CYS B 432 5.31 24.17 34.57
CA CYS B 432 5.41 23.52 33.28
C CYS B 432 4.28 22.52 33.09
N MET B 433 4.24 21.93 31.90
CA MET B 433 3.40 20.78 31.60
C MET B 433 4.21 19.86 30.70
N LEU B 434 3.75 18.62 30.56
CA LEU B 434 4.39 17.65 29.68
C LEU B 434 3.35 17.00 28.79
N LEU B 435 3.66 16.87 27.51
CA LEU B 435 2.78 16.27 26.53
C LEU B 435 3.21 14.83 26.31
N ALA B 436 2.32 13.89 26.63
CA ALA B 436 2.58 12.46 26.46
C ALA B 436 1.84 11.99 25.21
N ALA B 437 2.58 11.75 24.14
CA ALA B 437 2.00 11.36 22.86
C ALA B 437 2.09 9.85 22.68
N GLU B 438 0.98 9.27 22.21
CA GLU B 438 0.93 7.83 21.98
C GLU B 438 1.80 7.39 20.81
N GLY B 439 2.22 8.31 19.96
CA GLY B 439 3.06 7.95 18.84
C GLY B 439 3.41 9.16 18.00
N ASP B 440 4.00 8.88 16.84
CA ASP B 440 4.45 9.95 15.96
C ASP B 440 3.29 10.67 15.30
N SER B 441 2.14 10.00 15.17
CA SER B 441 0.95 10.65 14.63
C SER B 441 0.51 11.81 15.50
N ALA B 442 0.54 11.61 16.82
CA ALA B 442 0.28 12.73 17.73
C ALA B 442 1.46 13.69 17.75
N LEU B 443 2.67 13.20 17.51
CA LEU B 443 3.85 14.05 17.53
C LEU B 443 3.79 15.12 16.45
N SER B 444 3.34 14.75 15.24
CA SER B 444 3.25 15.71 14.15
C SER B 444 2.26 16.83 14.48
N LEU B 445 1.09 16.45 15.01
CA LEU B 445 0.10 17.44 15.41
C LEU B 445 0.62 18.34 16.51
N LEU B 446 1.38 17.78 17.45
CA LEU B 446 1.91 18.60 18.53
C LEU B 446 2.98 19.56 18.03
N ARG B 447 3.90 19.09 17.16
CA ARG B 447 4.89 19.99 16.57
C ARG B 447 4.24 21.10 15.77
N THR B 448 3.11 20.85 15.13
CA THR B 448 2.40 21.92 14.45
C THR B 448 1.74 22.87 15.44
N GLY B 449 0.96 22.32 16.39
CA GLY B 449 0.09 23.15 17.19
C GLY B 449 0.80 23.95 18.27
N LEU B 450 1.83 23.36 18.90
CA LEU B 450 2.53 24.07 19.96
C LEU B 450 3.22 25.33 19.43
N THR B 451 3.87 25.22 18.27
CA THR B 451 4.49 26.41 17.70
C THR B 451 3.43 27.32 17.08
N LEU B 452 2.77 26.85 16.02
CA LEU B 452 1.68 27.53 15.33
C LEU B 452 2.02 28.96 14.92
N GLY B 453 3.32 29.26 14.79
CA GLY B 453 3.74 30.61 14.51
C GLY B 453 3.42 31.56 15.64
N LYS B 454 3.01 32.78 15.29
CA LYS B 454 2.65 33.79 16.28
C LYS B 454 1.19 33.59 16.69
N SER B 455 0.64 34.60 17.40
CA SER B 455 -0.73 34.61 17.91
C SER B 455 -0.98 33.38 18.81
N ASN B 456 -0.22 33.33 19.90
CA ASN B 456 -0.24 32.18 20.80
C ASN B 456 -0.49 32.62 22.25
N PRO B 457 -1.74 32.96 22.59
CA PRO B 457 -2.07 33.18 24.00
C PRO B 457 -2.00 31.87 24.78
N SER B 458 -2.64 30.83 24.25
CA SER B 458 -2.53 29.48 24.76
C SER B 458 -1.71 28.64 23.78
N GLY B 459 -1.38 27.43 24.21
CA GLY B 459 -0.55 26.55 23.40
C GLY B 459 0.85 27.10 23.25
N PRO B 460 1.64 27.05 24.33
CA PRO B 460 2.93 27.76 24.36
C PRO B 460 3.89 27.26 23.29
N SER B 461 4.65 28.20 22.71
CA SER B 461 5.57 27.90 21.61
C SER B 461 6.82 27.23 22.18
N PHE B 462 6.67 25.93 22.48
CA PHE B 462 7.73 25.08 23.03
C PHE B 462 8.27 25.61 24.35
N ASP B 463 7.46 26.37 25.07
CA ASP B 463 7.82 26.92 26.37
C ASP B 463 7.14 26.09 27.44
N PHE B 464 7.94 25.49 28.33
CA PHE B 464 7.50 24.74 29.50
C PHE B 464 6.63 23.54 29.13
N CYS B 465 6.81 22.98 27.93
CA CYS B 465 5.94 21.91 27.44
C CYS B 465 6.68 20.60 27.23
N GLY B 466 7.78 20.61 26.49
CA GLY B 466 8.52 19.39 26.24
C GLY B 466 7.75 18.42 25.36
N MET B 467 8.25 17.20 25.22
CA MET B 467 7.63 16.22 24.34
C MET B 467 8.19 14.83 24.60
N ILE B 468 7.31 13.86 24.78
CA ILE B 468 7.71 12.47 24.98
C ILE B 468 6.76 11.58 24.18
N SER B 469 7.29 10.52 23.59
CA SER B 469 6.51 9.56 22.82
C SER B 469 6.45 8.24 23.59
N LEU B 470 5.24 7.72 23.77
CA LEU B 470 5.04 6.48 24.51
C LEU B 470 5.44 5.25 23.72
N GLY B 471 5.73 5.39 22.43
CA GLY B 471 6.16 4.27 21.61
C GLY B 471 5.09 3.22 21.37
N GLY B 472 3.84 3.63 21.22
CA GLY B 472 2.76 2.70 20.97
C GLY B 472 2.18 2.17 22.27
N VAL B 473 2.48 0.90 22.59
CA VAL B 473 1.96 0.24 23.77
C VAL B 473 3.10 0.02 24.75
N ILE B 474 2.86 0.37 26.02
CA ILE B 474 3.83 0.15 27.09
C ILE B 474 3.36 -1.05 27.91
N MET B 475 4.23 -1.52 28.78
CA MET B 475 3.81 -2.55 29.72
C MET B 475 3.23 -1.91 30.98
N ASN B 476 2.47 -2.71 31.72
CA ASN B 476 1.92 -2.30 33.00
C ASN B 476 2.74 -2.89 34.13
N ALA B 477 2.89 -2.12 35.21
CA ALA B 477 3.73 -2.54 36.32
C ALA B 477 3.06 -3.56 37.22
N CYS B 478 1.74 -3.74 37.09
CA CYS B 478 1.00 -4.60 38.01
C CYS B 478 1.44 -6.06 37.90
N LYS B 479 1.62 -6.54 36.67
CA LYS B 479 2.07 -7.92 36.48
C LYS B 479 3.58 -8.04 36.52
N LYS B 480 4.29 -6.95 36.74
CA LYS B 480 5.75 -6.98 36.87
C LYS B 480 6.20 -6.99 38.32
N VAL B 481 5.61 -6.15 39.17
CA VAL B 481 6.04 -6.06 40.55
C VAL B 481 5.63 -7.33 41.31
N THR B 482 6.37 -7.61 42.38
CA THR B 482 6.20 -8.84 43.15
C THR B 482 5.72 -8.63 44.57
N ASN B 483 6.01 -7.47 45.18
CA ASN B 483 5.57 -7.11 46.54
C ASN B 483 6.05 -8.13 47.57
N ILE B 484 7.32 -8.55 47.45
CA ILE B 484 7.92 -9.50 48.37
C ILE B 484 8.42 -8.79 49.63
N THR B 485 8.83 -9.59 50.62
CA THR B 485 9.38 -9.17 51.93
C THR B 485 8.66 -7.96 52.53
N THR B 486 7.34 -8.08 52.63
CA THR B 486 6.52 -7.10 53.31
C THR B 486 6.24 -7.48 54.76
N ASP B 487 6.92 -8.51 55.27
CA ASP B 487 6.69 -9.00 56.62
C ASP B 487 7.36 -8.16 57.70
N SER B 488 8.18 -7.17 57.31
CA SER B 488 8.91 -6.33 58.26
C SER B 488 8.06 -5.19 58.82
N GLY B 489 6.74 -5.27 58.71
CA GLY B 489 5.86 -4.21 59.18
C GLY B 489 5.55 -3.15 58.15
N GLU B 490 6.22 -3.16 57.01
CA GLU B 490 5.98 -2.21 55.93
C GLU B 490 5.88 -2.97 54.61
N THR B 491 5.03 -2.48 53.73
CA THR B 491 4.82 -3.12 52.42
C THR B 491 5.77 -2.49 51.41
N ILE B 492 6.86 -3.17 51.12
CA ILE B 492 7.84 -2.72 50.13
C ILE B 492 7.58 -3.47 48.83
N MET B 493 7.73 -2.78 47.71
CA MET B 493 7.43 -3.33 46.40
C MET B 493 8.70 -3.39 45.57
N VAL B 494 8.96 -4.54 44.97
CA VAL B 494 10.18 -4.78 44.21
C VAL B 494 9.85 -4.71 42.72
N ARG B 495 10.52 -3.81 42.00
CA ARG B 495 10.32 -3.69 40.57
C ARG B 495 10.97 -4.87 39.84
N ASN B 496 10.30 -5.32 38.78
CA ASN B 496 10.80 -6.46 38.02
C ASN B 496 12.05 -6.10 37.24
N GLU B 497 12.85 -7.12 36.93
CA GLU B 497 14.01 -6.90 36.07
C GLU B 497 13.60 -6.54 34.65
N GLN B 498 12.44 -7.05 34.20
CA GLN B 498 11.90 -6.63 32.91
C GLN B 498 11.40 -5.20 32.96
N LEU B 499 10.81 -4.79 34.09
CA LEU B 499 10.28 -3.44 34.20
C LEU B 499 11.40 -2.40 34.31
N THR B 500 12.55 -2.79 34.85
CA THR B 500 13.63 -1.83 35.08
C THR B 500 14.25 -1.37 33.76
N ASN B 501 14.48 -2.29 32.83
CA ASN B 501 15.23 -1.98 31.62
C ASN B 501 14.34 -1.70 30.42
N ASN B 502 13.03 -1.50 30.63
CA ASN B 502 12.19 -1.04 29.54
C ASN B 502 12.56 0.38 29.16
N LYS B 503 12.56 0.65 27.85
CA LYS B 503 13.02 1.95 27.36
C LYS B 503 12.04 3.06 27.69
N VAL B 504 10.76 2.83 27.44
CA VAL B 504 9.77 3.91 27.56
C VAL B 504 9.54 4.30 29.01
N LEU B 505 9.42 3.31 29.90
CA LEU B 505 9.15 3.60 31.30
C LEU B 505 10.32 4.31 31.97
N GLN B 506 11.54 3.79 31.79
CA GLN B 506 12.69 4.47 32.36
C GLN B 506 12.95 5.81 31.69
N GLY B 507 12.55 5.96 30.42
CA GLY B 507 12.65 7.24 29.76
C GLY B 507 11.74 8.28 30.37
N ILE B 508 10.49 7.89 30.66
CA ILE B 508 9.56 8.83 31.27
C ILE B 508 9.94 9.09 32.72
N VAL B 509 10.60 8.13 33.38
CA VAL B 509 11.13 8.36 34.72
C VAL B 509 12.23 9.41 34.69
N GLN B 510 13.14 9.29 33.71
CA GLN B 510 14.22 10.27 33.58
C GLN B 510 13.68 11.64 33.19
N VAL B 511 12.67 11.68 32.31
CA VAL B 511 12.10 12.94 31.87
C VAL B 511 11.39 13.65 33.02
N LEU B 512 10.58 12.91 33.79
CA LEU B 512 9.88 13.53 34.89
C LEU B 512 10.78 13.78 36.10
N GLY B 513 11.94 13.15 36.18
CA GLY B 513 12.82 13.34 37.31
C GLY B 513 12.28 12.81 38.62
N LEU B 514 11.59 11.68 38.59
CA LEU B 514 10.94 11.10 39.75
C LEU B 514 11.73 9.91 40.31
N ASP B 515 11.43 9.56 41.55
CA ASP B 515 12.04 8.43 42.23
C ASP B 515 10.95 7.54 42.81
N PHE B 516 11.19 6.22 42.74
CA PHE B 516 10.19 5.25 43.19
C PHE B 516 10.04 5.26 44.71
N ASN B 517 11.14 5.47 45.43
CA ASN B 517 11.12 5.35 46.88
C ASN B 517 10.31 6.46 47.53
N CYS B 518 10.37 7.67 46.99
CA CYS B 518 9.68 8.80 47.58
C CYS B 518 8.19 8.75 47.27
N HIS B 519 7.37 8.94 48.29
CA HIS B 519 5.93 9.07 48.14
C HIS B 519 5.61 10.56 48.28
N TYR B 520 5.06 11.15 47.22
CA TYR B 520 4.95 12.60 47.11
C TYR B 520 3.71 13.10 47.84
N LYS B 521 3.78 13.07 49.17
CA LYS B 521 2.67 13.58 49.97
C LYS B 521 2.69 15.11 50.03
N THR B 522 3.86 15.68 50.30
CA THR B 522 3.98 17.12 50.52
C THR B 522 4.20 17.85 49.21
N GLN B 523 4.12 19.19 49.28
CA GLN B 523 4.25 20.02 48.10
C GLN B 523 5.69 20.13 47.62
N GLU B 524 6.66 20.06 48.54
CA GLU B 524 8.06 20.17 48.15
C GLU B 524 8.51 18.97 47.32
N GLU B 525 8.03 17.78 47.67
CA GLU B 525 8.35 16.59 46.88
C GLU B 525 7.74 16.66 45.48
N ARG B 526 6.58 17.30 45.34
CA ARG B 526 6.02 17.54 44.02
C ARG B 526 6.82 18.60 43.27
N ALA B 527 7.32 19.60 44.00
CA ALA B 527 8.18 20.62 43.38
C ALA B 527 9.52 20.05 42.94
N LYS B 528 9.92 18.91 43.51
CA LYS B 528 11.12 18.21 43.04
C LYS B 528 10.98 17.72 41.61
N LEU B 529 9.75 17.50 41.15
CA LEU B 529 9.52 16.97 39.80
C LEU B 529 9.98 17.97 38.74
N ARG B 530 10.39 17.42 37.60
CA ARG B 530 10.90 18.26 36.52
C ARG B 530 9.80 19.06 35.84
N TYR B 531 8.58 18.53 35.82
CA TYR B 531 7.47 19.19 35.16
C TYR B 531 6.33 19.40 36.15
N GLY B 532 5.56 20.48 35.93
CA GLY B 532 4.45 20.78 36.81
C GLY B 532 3.32 19.77 36.72
N CYS B 533 3.06 19.26 35.52
CA CYS B 533 2.05 18.24 35.31
C CYS B 533 2.39 17.49 34.03
N ILE B 534 1.79 16.31 33.88
CA ILE B 534 1.89 15.54 32.65
C ILE B 534 0.49 15.46 32.03
N VAL B 535 0.39 15.88 30.77
CA VAL B 535 -0.87 15.90 30.04
C VAL B 535 -0.76 14.89 28.90
N ALA B 536 -1.56 13.83 28.99
CA ALA B 536 -1.55 12.79 27.96
C ALA B 536 -2.24 13.28 26.69
N CYS B 537 -1.78 12.75 25.56
CA CYS B 537 -2.27 13.17 24.25
C CYS B 537 -2.34 11.91 23.38
N VAL B 538 -3.53 11.29 23.35
CA VAL B 538 -3.75 10.05 22.62
C VAL B 538 -4.92 10.24 21.67
N ASP B 539 -5.03 9.34 20.70
CA ASP B 539 -6.17 9.36 19.82
C ASP B 539 -7.40 9.10 20.64
N GLN B 540 -8.57 9.33 20.07
CA GLN B 540 -9.77 9.05 20.81
C GLN B 540 -10.35 7.70 20.43
N ASP B 541 -9.59 6.95 19.63
CA ASP B 541 -9.99 5.60 19.25
C ASP B 541 -10.18 4.71 20.48
N LEU B 542 -10.93 3.63 20.30
CA LEU B 542 -11.19 2.69 21.38
C LEU B 542 -9.93 2.24 22.01
N ASP B 543 -8.95 2.08 21.17
CA ASP B 543 -7.61 1.73 21.56
C ASP B 543 -6.95 3.03 22.03
N GLY B 544 -5.93 2.96 22.85
CA GLY B 544 -5.29 4.19 23.30
C GLY B 544 -5.98 4.90 24.43
N CYS B 545 -7.22 5.34 24.28
CA CYS B 545 -7.87 5.90 25.42
C CYS B 545 -8.53 4.66 25.96
N GLY B 546 -8.27 4.39 27.20
CA GLY B 546 -8.70 3.20 27.91
C GLY B 546 -7.62 2.15 28.00
N LYS B 547 -6.86 1.96 26.91
CA LYS B 547 -5.74 1.02 26.96
C LYS B 547 -4.43 1.72 27.30
N ILE B 548 -3.98 2.62 26.44
CA ILE B 548 -2.71 3.31 26.70
C ILE B 548 -2.86 4.27 27.87
N LEU B 549 -3.96 5.02 27.88
CA LEU B 549 -4.30 5.82 29.06
C LEU B 549 -4.46 4.93 30.28
N GLY B 550 -5.17 3.80 30.12
CA GLY B 550 -5.43 2.89 31.21
C GLY B 550 -4.17 2.33 31.82
N LEU B 551 -3.26 1.80 31.00
CA LEU B 551 -1.99 1.28 31.53
C LEU B 551 -1.13 2.39 32.11
N LEU B 552 -1.11 3.56 31.47
CA LEU B 552 -0.28 4.66 31.97
C LEU B 552 -0.72 5.12 33.36
N LEU B 553 -2.01 5.44 33.50
CA LEU B 553 -2.45 5.90 34.81
C LEU B 553 -2.61 4.77 35.80
N ALA B 554 -2.68 3.52 35.36
CA ALA B 554 -2.60 2.40 36.29
C ALA B 554 -1.20 2.26 36.86
N TYR B 555 -0.18 2.45 36.03
CA TYR B 555 1.20 2.47 36.51
C TYR B 555 1.42 3.63 37.49
N PHE B 556 0.90 4.81 37.15
CA PHE B 556 0.98 5.95 38.05
C PHE B 556 0.26 5.68 39.37
N HIS B 557 -0.92 5.07 39.32
CA HIS B 557 -1.64 4.72 40.55
C HIS B 557 -0.89 3.69 41.37
N LEU B 558 -0.32 2.69 40.71
CA LEU B 558 0.37 1.63 41.43
C LEU B 558 1.62 2.14 42.13
N PHE B 559 2.30 3.13 41.55
CA PHE B 559 3.48 3.64 42.23
C PHE B 559 3.26 4.95 42.99
N TRP B 560 2.61 5.94 42.39
CA TRP B 560 2.46 7.26 43.02
C TRP B 560 1.00 7.69 42.96
N PRO B 561 0.16 7.17 43.86
CA PRO B 561 -1.24 7.60 43.87
C PRO B 561 -1.42 9.06 44.26
N GLN B 562 -0.48 9.63 45.00
CA GLN B 562 -0.62 11.01 45.46
C GLN B 562 -0.46 12.01 44.31
N LEU B 563 0.25 11.63 43.26
CA LEU B 563 0.30 12.48 42.07
C LEU B 563 -1.07 12.58 41.41
N ILE B 564 -1.78 11.46 41.29
CA ILE B 564 -3.11 11.46 40.71
C ILE B 564 -4.09 12.16 41.64
N ILE B 565 -3.90 12.01 42.95
CA ILE B 565 -4.83 12.60 43.92
C ILE B 565 -4.75 14.12 43.87
N HIS B 566 -3.54 14.68 43.90
CA HIS B 566 -3.39 16.12 43.94
C HIS B 566 -3.66 16.78 42.58
N GLY B 567 -3.43 16.06 41.50
CA GLY B 567 -3.73 16.60 40.18
C GLY B 567 -2.55 16.72 39.26
N PHE B 568 -1.55 15.85 39.44
CA PHE B 568 -0.37 15.88 38.58
C PHE B 568 -0.67 15.34 37.19
N VAL B 569 -1.71 14.50 37.04
CA VAL B 569 -1.99 13.81 35.79
C VAL B 569 -3.22 14.43 35.17
N LYS B 570 -3.08 14.88 33.92
CA LYS B 570 -4.16 15.43 33.12
C LYS B 570 -4.09 14.80 31.74
N ARG B 571 -5.15 15.04 30.95
CA ARG B 571 -5.16 14.56 29.57
C ARG B 571 -5.92 15.53 28.71
N LEU B 572 -5.60 15.55 27.42
CA LEU B 572 -6.32 16.38 26.47
C LEU B 572 -7.30 15.52 25.71
N LEU B 573 -8.54 16.00 25.60
CA LEU B 573 -9.67 15.23 25.11
C LEU B 573 -10.08 15.82 23.77
N THR B 574 -9.47 15.33 22.70
CA THR B 574 -9.79 15.80 21.37
C THR B 574 -11.16 15.30 20.92
N PRO B 575 -11.86 16.06 20.09
CA PRO B 575 -13.17 15.60 19.60
C PRO B 575 -13.02 14.46 18.61
N LEU B 576 -13.76 13.37 18.86
CA LEU B 576 -13.74 12.23 17.95
C LEU B 576 -14.45 12.57 16.64
N ILE B 577 -15.66 13.13 16.73
CA ILE B 577 -16.48 13.44 15.57
C ILE B 577 -16.87 14.91 15.63
N ARG B 578 -16.80 15.59 14.49
CA ARG B 578 -17.16 17.00 14.40
C ARG B 578 -18.20 17.21 13.30
N VAL B 579 -19.27 17.92 13.63
CA VAL B 579 -20.32 18.25 12.67
C VAL B 579 -20.28 19.76 12.43
N TYR B 580 -20.14 20.14 11.16
CA TYR B 580 -20.07 21.54 10.76
C TYR B 580 -21.36 21.93 10.04
N GLU B 581 -21.92 23.07 10.43
CA GLU B 581 -23.07 23.66 9.76
C GLU B 581 -22.57 24.75 8.82
N LYS B 582 -23.14 24.79 7.61
CA LYS B 582 -22.69 25.75 6.61
C LYS B 582 -23.03 27.18 7.03
N GLY B 583 -22.05 28.06 6.96
CA GLY B 583 -22.20 29.43 7.43
C GLY B 583 -21.87 29.64 8.89
N LYS B 584 -21.54 28.59 9.62
CA LYS B 584 -21.20 28.69 11.04
C LYS B 584 -19.90 27.94 11.29
N THR B 585 -18.99 28.55 12.04
CA THR B 585 -17.64 28.04 12.19
C THR B 585 -17.39 27.37 13.53
N MET B 586 -18.44 27.03 14.26
CA MET B 586 -18.29 26.37 15.56
C MET B 586 -18.71 24.92 15.45
N PRO B 587 -17.80 23.95 15.57
CA PRO B 587 -18.18 22.55 15.51
C PRO B 587 -18.91 22.12 16.77
N VAL B 588 -19.65 21.01 16.65
CA VAL B 588 -20.35 20.45 17.80
C VAL B 588 -19.40 19.70 18.72
N GLU B 589 -18.22 19.31 18.23
CA GLU B 589 -17.15 18.58 18.94
C GLU B 589 -17.69 17.50 19.88
N PHE B 590 -18.38 16.53 19.28
CA PHE B 590 -18.87 15.39 20.05
C PHE B 590 -17.78 14.36 20.24
N TYR B 591 -17.80 13.71 21.40
CA TYR B 591 -16.69 12.88 21.85
C TYR B 591 -16.95 11.37 21.77
N TYR B 592 -18.20 10.94 21.90
CA TYR B 592 -18.52 9.52 21.87
C TYR B 592 -19.58 9.25 20.81
N GLU B 593 -19.55 8.02 20.27
CA GLU B 593 -20.52 7.64 19.26
C GLU B 593 -21.93 7.54 19.83
N GLN B 594 -22.05 7.21 21.12
CA GLN B 594 -23.35 7.25 21.77
C GLN B 594 -23.92 8.66 21.80
N GLU B 595 -23.08 9.63 22.15
CA GLU B 595 -23.50 11.03 22.09
C GLU B 595 -23.81 11.44 20.65
N PHE B 596 -23.01 10.96 19.71
CA PHE B 596 -23.19 11.35 18.31
C PHE B 596 -24.51 10.85 17.75
N ASP B 597 -24.82 9.57 17.93
CA ASP B 597 -26.09 9.10 17.36
C ASP B 597 -27.29 9.48 18.22
N ALA B 598 -27.09 9.79 19.51
CA ALA B 598 -28.16 10.43 20.27
C ALA B 598 -28.49 11.80 19.69
N TRP B 599 -27.47 12.57 19.33
CA TRP B 599 -27.70 13.86 18.68
C TRP B 599 -28.32 13.68 17.30
N ALA B 600 -27.92 12.63 16.58
CA ALA B 600 -28.49 12.37 15.26
C ALA B 600 -29.97 12.02 15.35
N LYS B 601 -30.35 11.21 16.34
CA LYS B 601 -31.76 10.87 16.51
C LYS B 601 -32.58 12.02 17.06
N LYS B 602 -32.00 12.86 17.93
CA LYS B 602 -32.75 14.01 18.41
C LYS B 602 -32.84 15.12 17.38
N GLN B 603 -31.96 15.11 16.37
CA GLN B 603 -32.08 16.07 15.27
C GLN B 603 -33.17 15.63 14.30
N THR B 604 -33.77 16.63 13.64
CA THR B 604 -34.83 16.34 12.69
C THR B 604 -34.31 15.61 11.46
N SER B 605 -33.23 16.11 10.87
CA SER B 605 -32.66 15.50 9.67
C SER B 605 -31.19 15.85 9.59
N LEU B 606 -30.44 15.06 8.82
CA LEU B 606 -29.02 15.29 8.61
C LEU B 606 -28.79 16.11 7.34
N VAL B 607 -29.40 17.29 7.32
CA VAL B 607 -29.27 18.24 6.23
C VAL B 607 -28.57 19.49 6.76
N ASN B 608 -27.86 20.17 5.86
CA ASN B 608 -27.05 21.35 6.19
C ASN B 608 -26.03 21.01 7.28
N HIS B 609 -25.43 19.82 7.19
CA HIS B 609 -24.46 19.35 8.17
C HIS B 609 -23.44 18.46 7.47
N THR B 610 -22.17 18.65 7.84
CA THR B 610 -21.08 17.81 7.35
C THR B 610 -20.44 17.13 8.53
N VAL B 611 -20.33 15.80 8.46
CA VAL B 611 -19.82 14.98 9.55
C VAL B 611 -18.40 14.54 9.22
N LYS B 612 -17.48 14.78 10.14
CA LYS B 612 -16.08 14.43 9.98
C LYS B 612 -15.66 13.52 11.13
N TYR B 613 -15.13 12.35 10.79
CA TYR B 613 -14.61 11.40 11.76
C TYR B 613 -13.10 11.54 11.82
N TYR B 614 -12.56 11.57 13.03
CA TYR B 614 -11.12 11.69 13.24
C TYR B 614 -10.63 10.45 13.97
N LYS B 615 -10.32 9.41 13.19
CA LYS B 615 -9.82 8.15 13.73
C LYS B 615 -8.30 8.20 13.88
N GLY B 616 -7.86 9.11 14.73
CA GLY B 616 -6.44 9.40 14.93
C GLY B 616 -6.26 10.89 15.00
N LEU B 617 -5.21 11.31 15.72
CA LEU B 617 -4.98 12.75 15.90
C LEU B 617 -4.46 13.41 14.64
N ALA B 618 -3.62 12.71 13.87
CA ALA B 618 -3.01 13.30 12.68
C ALA B 618 -4.03 13.59 11.57
N ALA B 619 -5.25 13.10 11.69
CA ALA B 619 -6.29 13.40 10.70
C ALA B 619 -6.83 14.82 10.81
N HIS B 620 -6.50 15.55 11.86
CA HIS B 620 -6.91 16.95 11.97
C HIS B 620 -6.12 17.81 10.98
N ASP B 621 -6.79 18.82 10.43
CA ASP B 621 -6.17 19.71 9.45
C ASP B 621 -5.48 20.87 10.16
N THR B 622 -4.89 21.77 9.37
CA THR B 622 -4.16 22.90 9.91
C THR B 622 -5.09 23.90 10.59
N HIS B 623 -6.22 24.21 9.95
CA HIS B 623 -7.17 25.11 10.57
C HIS B 623 -7.84 24.47 11.79
N GLU B 624 -8.02 23.14 11.76
CA GLU B 624 -8.59 22.45 12.90
C GLU B 624 -7.66 22.47 14.10
N VAL B 625 -6.36 22.22 13.87
CA VAL B 625 -5.41 22.25 14.98
C VAL B 625 -5.20 23.68 15.46
N LYS B 626 -5.29 24.66 14.55
CA LYS B 626 -5.23 26.07 14.96
C LYS B 626 -6.41 26.42 15.85
N SER B 627 -7.61 25.96 15.49
CA SER B 627 -8.80 26.23 16.30
C SER B 627 -8.72 25.54 17.66
N MET B 628 -8.20 24.31 17.70
CA MET B 628 -8.08 23.62 18.97
C MET B 628 -7.02 24.27 19.86
N PHE B 629 -5.91 24.72 19.28
CA PHE B 629 -4.85 25.33 20.06
C PHE B 629 -5.13 26.78 20.40
N LYS B 630 -6.12 27.41 19.77
CA LYS B 630 -6.58 28.71 20.22
C LYS B 630 -7.18 28.62 21.62
N HIS B 631 -7.85 27.52 21.92
CA HIS B 631 -8.47 27.31 23.23
C HIS B 631 -7.78 26.14 23.95
N PHE B 632 -6.45 26.12 23.92
CA PHE B 632 -5.68 25.04 24.54
C PHE B 632 -5.89 24.97 26.05
N ASP B 633 -6.27 26.08 26.69
CA ASP B 633 -6.59 26.03 28.11
C ASP B 633 -7.82 25.18 28.38
N ASN B 634 -8.74 25.10 27.41
CA ASN B 634 -9.87 24.19 27.50
C ASN B 634 -9.42 22.80 27.11
N MET B 635 -10.39 21.87 27.05
CA MET B 635 -10.20 20.45 26.67
C MET B 635 -8.99 19.78 27.34
N VAL B 636 -8.67 20.21 28.55
CA VAL B 636 -7.64 19.58 29.37
C VAL B 636 -8.28 19.21 30.70
N TYR B 637 -8.25 17.91 31.03
CA TYR B 637 -9.02 17.35 32.11
C TYR B 637 -8.08 16.71 33.12
N THR B 638 -8.26 17.06 34.39
CA THR B 638 -7.41 16.56 35.46
C THR B 638 -7.99 15.28 36.03
N PHE B 639 -7.16 14.25 36.16
CA PHE B 639 -7.61 12.99 36.73
C PHE B 639 -7.64 13.07 38.25
N THR B 640 -8.65 12.46 38.85
CA THR B 640 -8.83 12.41 40.29
C THR B 640 -9.01 10.96 40.72
N LEU B 641 -8.44 10.61 41.87
CA LEU B 641 -8.48 9.25 42.37
C LEU B 641 -9.55 9.12 43.44
N ASP B 642 -10.39 8.09 43.31
CA ASP B 642 -11.44 7.79 44.26
C ASP B 642 -10.99 6.67 45.20
N ASP B 643 -11.80 6.44 46.24
CA ASP B 643 -11.50 5.37 47.18
C ASP B 643 -11.75 4.00 46.55
N SER B 644 -12.69 3.92 45.62
CA SER B 644 -13.01 2.66 44.94
C SER B 644 -12.19 2.46 43.67
N ALA B 645 -11.26 3.36 43.36
CA ALA B 645 -10.49 3.23 42.13
C ALA B 645 -9.50 2.08 42.20
N LYS B 646 -8.90 1.85 43.38
CA LYS B 646 -7.85 0.85 43.50
C LYS B 646 -8.37 -0.57 43.21
N GLU B 647 -9.60 -0.86 43.64
CA GLU B 647 -10.19 -2.16 43.35
C GLU B 647 -10.36 -2.36 41.85
N LEU B 648 -10.83 -1.33 41.14
CA LEU B 648 -10.98 -1.44 39.69
C LEU B 648 -9.63 -1.54 39.00
N PHE B 649 -8.60 -0.87 39.55
CA PHE B 649 -7.25 -1.00 39.02
C PHE B 649 -6.75 -2.43 39.14
N HIS B 650 -7.01 -3.07 40.27
CA HIS B 650 -6.64 -4.47 40.42
C HIS B 650 -7.48 -5.39 39.55
N ILE B 651 -8.74 -5.01 39.29
CA ILE B 651 -9.61 -5.82 38.45
C ILE B 651 -9.11 -5.82 37.00
N TYR B 652 -8.97 -4.64 36.40
CA TYR B 652 -8.71 -4.58 34.97
C TYR B 652 -7.27 -4.91 34.63
N PHE B 653 -6.33 -4.55 35.51
CA PHE B 653 -4.92 -4.79 35.28
C PHE B 653 -4.33 -5.58 36.43
N GLY B 654 -3.44 -6.51 36.11
CA GLY B 654 -2.80 -7.33 37.12
C GLY B 654 -3.73 -8.36 37.71
N GLY B 655 -3.23 -9.00 38.76
CA GLY B 655 -3.99 -10.04 39.43
C GLY B 655 -4.16 -11.28 38.58
N GLU B 656 -5.39 -11.74 38.46
CA GLU B 656 -5.71 -12.97 37.75
C GLU B 656 -6.81 -12.72 36.73
N SER B 657 -6.85 -13.59 35.72
CA SER B 657 -7.88 -13.50 34.69
C SER B 657 -9.26 -13.79 35.27
N GLU B 658 -9.35 -14.75 36.20
CA GLU B 658 -10.63 -15.14 36.77
C GLU B 658 -11.31 -13.98 37.50
N LEU B 659 -10.53 -13.08 38.07
CA LEU B 659 -11.11 -11.93 38.74
C LEU B 659 -11.72 -10.95 37.75
N ARG B 660 -11.23 -10.92 36.51
CA ARG B 660 -11.80 -10.03 35.51
C ARG B 660 -12.76 -10.73 34.55
N LYS B 661 -12.68 -12.06 34.44
CA LYS B 661 -13.60 -12.80 33.58
C LYS B 661 -15.05 -12.50 33.95
N ARG B 662 -15.36 -12.53 35.24
CA ARG B 662 -16.70 -12.27 35.74
C ARG B 662 -17.19 -10.86 35.45
N GLU B 663 -16.30 -9.93 35.09
CA GLU B 663 -16.73 -8.60 34.69
C GLU B 663 -16.42 -8.29 33.23
N LEU B 664 -15.93 -9.26 32.46
CA LEU B 664 -15.91 -9.13 31.01
C LEU B 664 -17.09 -9.79 30.32
N CYS B 665 -18.03 -10.35 31.09
CA CYS B 665 -19.24 -10.92 30.51
C CYS B 665 -20.45 -10.03 30.67
N THR B 666 -20.34 -8.91 31.40
CA THR B 666 -21.49 -8.06 31.64
C THR B 666 -21.70 -7.09 30.48
N GLY B 667 -20.74 -6.23 30.22
CA GLY B 667 -20.87 -5.18 29.23
C GLY B 667 -20.67 -3.80 29.82
N VAL B 668 -20.37 -2.85 28.95
CA VAL B 668 -20.02 -1.50 29.38
C VAL B 668 -21.26 -0.76 29.85
N VAL B 669 -21.13 -0.07 30.98
CA VAL B 669 -22.20 0.76 31.53
C VAL B 669 -21.95 2.20 31.08
N PRO B 670 -22.84 2.79 30.28
CA PRO B 670 -22.61 4.17 29.83
C PRO B 670 -22.75 5.17 30.97
N LEU B 671 -22.03 6.28 30.85
CA LEU B 671 -22.07 7.32 31.85
C LEU B 671 -23.43 8.02 31.84
N THR B 672 -23.86 8.43 33.04
CA THR B 672 -25.10 9.18 33.14
C THR B 672 -24.91 10.61 32.62
N GLU B 673 -26.04 11.27 32.35
CA GLU B 673 -25.99 12.64 31.83
C GLU B 673 -25.42 13.60 32.87
N THR B 674 -25.78 13.42 34.14
CA THR B 674 -25.24 14.30 35.19
C THR B 674 -23.75 14.09 35.38
N GLN B 675 -23.26 12.85 35.20
CA GLN B 675 -21.82 12.60 35.31
C GLN B 675 -21.06 13.30 34.19
N THR B 676 -21.56 13.19 32.96
CA THR B 676 -20.92 13.86 31.83
C THR B 676 -20.98 15.38 31.98
N GLN B 677 -22.10 15.89 32.52
CA GLN B 677 -22.21 17.32 32.81
C GLN B 677 -21.19 17.74 33.86
N SER B 678 -20.96 16.90 34.87
CA SER B 678 -19.96 17.21 35.88
C SER B 678 -18.55 17.18 35.30
N ILE B 679 -18.29 16.27 34.36
CA ILE B 679 -16.99 16.21 33.70
C ILE B 679 -16.75 17.46 32.87
N HIS B 680 -17.73 17.85 32.06
CA HIS B 680 -17.50 18.98 31.15
C HIS B 680 -17.61 20.33 31.83
N SER B 681 -18.38 20.44 32.91
CA SER B 681 -18.50 21.71 33.62
C SER B 681 -17.20 22.05 34.35
N VAL B 682 -16.66 21.11 35.11
CA VAL B 682 -15.35 21.25 35.73
C VAL B 682 -14.54 20.00 35.40
N ARG B 683 -13.33 20.20 34.89
CA ARG B 683 -12.58 19.14 34.24
C ARG B 683 -11.85 18.28 35.29
N ARG B 684 -12.63 17.50 36.02
CA ARG B 684 -12.13 16.54 37.01
C ARG B 684 -12.70 15.18 36.65
N ILE B 685 -11.92 14.38 35.92
CA ILE B 685 -12.32 13.04 35.52
C ILE B 685 -11.92 12.07 36.61
N PRO B 686 -12.85 11.37 37.24
CA PRO B 686 -12.45 10.29 38.15
C PRO B 686 -11.87 9.11 37.39
N CYS B 687 -10.93 8.43 38.03
CA CYS B 687 -10.31 7.27 37.40
C CYS B 687 -11.27 6.10 37.30
N SER B 688 -12.21 6.00 38.26
CA SER B 688 -13.17 4.90 38.25
C SER B 688 -14.08 4.96 37.02
N LEU B 689 -14.56 6.15 36.68
CA LEU B 689 -15.43 6.28 35.50
C LEU B 689 -14.67 5.98 34.21
N HIS B 690 -13.42 6.45 34.11
CA HIS B 690 -12.62 6.17 32.93
C HIS B 690 -12.35 4.68 32.79
N LEU B 691 -12.01 4.01 33.90
CA LEU B 691 -11.79 2.56 33.87
C LEU B 691 -13.07 1.82 33.50
N GLN B 692 -14.21 2.28 34.01
CA GLN B 692 -15.46 1.58 33.76
C GLN B 692 -15.95 1.79 32.33
N VAL B 693 -15.60 2.90 31.69
CA VAL B 693 -16.11 3.14 30.35
C VAL B 693 -15.06 2.79 29.30
N ASP B 694 -13.96 3.55 29.26
CA ASP B 694 -13.04 3.45 28.13
C ASP B 694 -12.24 2.16 28.17
N THR B 695 -11.71 1.82 29.34
CA THR B 695 -10.91 0.60 29.46
C THR B 695 -11.77 -0.64 29.23
N LYS B 696 -12.97 -0.68 29.79
CA LYS B 696 -13.86 -1.83 29.59
C LYS B 696 -14.29 -1.93 28.14
N ALA B 697 -14.56 -0.81 27.47
CA ALA B 697 -14.90 -0.84 26.06
C ALA B 697 -13.73 -1.38 25.23
N TYR B 698 -12.50 -0.97 25.55
CA TYR B 698 -11.35 -1.52 24.85
C TYR B 698 -11.22 -3.02 25.09
N LYS B 699 -11.45 -3.46 26.34
CA LYS B 699 -11.33 -4.88 26.65
C LYS B 699 -12.34 -5.71 25.86
N LEU B 700 -13.58 -5.22 25.79
CA LEU B 700 -14.60 -5.92 25.01
C LEU B 700 -14.25 -5.92 23.53
N ASP B 701 -13.74 -4.79 23.01
CA ASP B 701 -13.36 -4.73 21.61
C ASP B 701 -12.23 -5.69 21.29
N ALA B 702 -11.23 -5.78 22.18
CA ALA B 702 -10.11 -6.69 21.94
C ALA B 702 -10.54 -8.14 22.08
N ILE B 703 -11.50 -8.42 22.97
CA ILE B 703 -12.06 -9.77 23.07
C ILE B 703 -12.75 -10.14 21.76
N GLU B 704 -13.55 -9.24 21.21
CA GLU B 704 -14.21 -9.50 19.94
C GLU B 704 -13.22 -9.54 18.78
N ARG B 705 -12.07 -8.88 18.92
CA ARG B 705 -11.10 -8.75 17.85
C ARG B 705 -10.12 -9.92 17.78
N GLN B 706 -9.82 -10.55 18.91
CA GLN B 706 -8.80 -11.59 18.95
C GLN B 706 -9.35 -13.00 19.13
N ILE B 707 -10.52 -13.14 19.73
CA ILE B 707 -11.11 -14.48 19.91
C ILE B 707 -11.98 -14.79 18.69
N PRO B 708 -11.80 -15.94 18.05
CA PRO B 708 -12.60 -16.27 16.87
C PRO B 708 -14.06 -16.56 17.22
N ASN B 709 -14.91 -16.36 16.22
CA ASN B 709 -16.31 -16.73 16.34
C ASN B 709 -16.47 -18.23 16.14
N PHE B 710 -17.36 -18.85 16.93
CA PHE B 710 -17.54 -20.29 16.83
C PHE B 710 -18.23 -20.68 15.52
N LEU B 711 -18.97 -19.74 14.92
CA LEU B 711 -19.53 -20.00 13.59
C LEU B 711 -18.45 -19.93 12.53
N ASP B 712 -17.67 -18.84 12.52
CA ASP B 712 -16.63 -18.68 11.52
C ASP B 712 -15.45 -19.61 11.78
N GLY B 713 -15.00 -19.67 13.04
CA GLY B 713 -13.70 -20.23 13.34
C GLY B 713 -12.57 -19.26 13.13
N MET B 714 -12.87 -18.01 12.80
CA MET B 714 -11.87 -17.02 12.46
C MET B 714 -12.26 -15.68 13.04
N THR B 715 -11.27 -14.82 13.25
CA THR B 715 -11.46 -13.57 13.96
C THR B 715 -12.07 -12.51 13.03
N ARG B 716 -12.30 -11.33 13.59
CA ARG B 716 -12.89 -10.23 12.83
C ARG B 716 -11.96 -9.78 11.70
N ALA B 717 -10.66 -9.68 11.99
CA ALA B 717 -9.70 -9.30 10.95
C ALA B 717 -9.62 -10.36 9.86
N ARG B 718 -9.65 -11.64 10.24
CA ARG B 718 -9.54 -12.70 9.25
C ARG B 718 -10.79 -12.78 8.37
N ARG B 719 -11.98 -12.58 8.96
CA ARG B 719 -13.18 -12.58 8.15
C ARG B 719 -13.27 -11.32 7.30
N LYS B 720 -12.70 -10.21 7.78
CA LYS B 720 -12.58 -9.01 6.95
C LYS B 720 -11.69 -9.29 5.75
N ILE B 721 -10.57 -9.99 5.96
CA ILE B 721 -9.67 -10.36 4.88
C ILE B 721 -10.36 -11.27 3.88
N LEU B 722 -11.13 -12.25 4.38
CA LEU B 722 -11.83 -13.17 3.49
C LEU B 722 -12.90 -12.45 2.66
N ALA B 723 -13.65 -11.55 3.28
CA ALA B 723 -14.65 -10.78 2.53
C ALA B 723 -13.99 -9.88 1.48
N GLY B 724 -12.87 -9.25 1.84
CA GLY B 724 -12.15 -8.44 0.88
C GLY B 724 -11.59 -9.27 -0.26
N GLY B 725 -11.12 -10.49 0.03
CA GLY B 725 -10.65 -11.37 -1.02
C GLY B 725 -11.77 -11.83 -1.94
N VAL B 726 -12.95 -12.08 -1.36
CA VAL B 726 -14.11 -12.44 -2.16
C VAL B 726 -14.49 -11.31 -3.11
N LYS B 727 -14.47 -10.07 -2.61
CA LYS B 727 -14.76 -8.93 -3.47
C LYS B 727 -13.67 -8.67 -4.50
N CYS B 728 -12.40 -8.88 -4.13
CA CYS B 728 -11.28 -8.54 -5.00
C CYS B 728 -11.13 -9.55 -6.13
N PHE B 729 -11.21 -10.84 -5.82
CA PHE B 729 -10.93 -11.87 -6.80
C PHE B 729 -12.18 -12.38 -7.50
N ALA B 730 -13.32 -11.73 -7.31
CA ALA B 730 -14.55 -12.15 -8.00
C ALA B 730 -14.47 -11.88 -9.49
N SER B 731 -14.06 -10.67 -9.87
CA SER B 731 -13.96 -10.33 -11.29
C SER B 731 -12.86 -11.12 -11.98
N ASN B 732 -11.70 -11.24 -11.34
CA ASN B 732 -10.59 -11.99 -11.90
C ASN B 732 -9.80 -12.61 -10.75
N ASN B 733 -9.49 -13.89 -10.88
CA ASN B 733 -8.67 -14.60 -9.91
C ASN B 733 -7.18 -14.48 -10.18
N ARG B 734 -6.77 -13.42 -10.88
CA ARG B 734 -5.37 -13.22 -11.21
C ARG B 734 -4.56 -12.89 -9.95
N GLU B 735 -3.25 -13.06 -10.07
CA GLU B 735 -2.34 -12.87 -8.96
C GLU B 735 -2.33 -11.41 -8.49
N ARG B 736 -2.28 -11.23 -7.18
CA ARG B 736 -2.10 -9.93 -6.55
C ARG B 736 -1.06 -10.04 -5.46
N LYS B 737 -0.27 -8.99 -5.30
CA LYS B 737 0.73 -8.97 -4.24
C LYS B 737 0.06 -8.82 -2.88
N VAL B 738 0.81 -9.16 -1.83
CA VAL B 738 0.27 -9.10 -0.48
C VAL B 738 0.00 -7.65 -0.07
N PHE B 739 0.91 -6.74 -0.40
CA PHE B 739 0.71 -5.33 -0.03
C PHE B 739 -0.46 -4.71 -0.79
N GLN B 740 -0.59 -5.02 -2.08
CA GLN B 740 -1.70 -4.48 -2.86
C GLN B 740 -3.03 -5.00 -2.37
N PHE B 741 -3.10 -6.29 -2.04
CA PHE B 741 -4.33 -6.86 -1.51
C PHE B 741 -4.65 -6.32 -0.12
N GLY B 742 -3.62 -6.10 0.71
CA GLY B 742 -3.82 -5.51 2.01
C GLY B 742 -4.33 -4.09 1.94
N GLY B 743 -3.80 -3.31 1.00
CA GLY B 743 -4.33 -1.97 0.78
C GLY B 743 -5.76 -2.01 0.27
N TYR B 744 -6.07 -2.98 -0.60
CA TYR B 744 -7.44 -3.13 -1.10
C TYR B 744 -8.41 -3.42 0.04
N VAL B 745 -8.05 -4.33 0.94
CA VAL B 745 -8.96 -4.69 2.03
C VAL B 745 -8.96 -3.64 3.13
N ALA B 746 -7.89 -2.85 3.27
CA ALA B 746 -7.94 -1.73 4.21
C ALA B 746 -8.79 -0.60 3.68
N ASP B 747 -8.87 -0.46 2.36
CA ASP B 747 -9.72 0.58 1.76
C ASP B 747 -11.18 0.16 1.75
N HIS B 748 -11.49 -0.97 1.12
CA HIS B 748 -12.88 -1.31 0.86
C HIS B 748 -13.60 -1.81 2.09
N MET B 749 -12.90 -2.45 3.01
CA MET B 749 -13.51 -3.00 4.22
C MET B 749 -13.31 -2.13 5.45
N PHE B 750 -12.69 -0.96 5.28
CA PHE B 750 -12.56 0.05 6.34
C PHE B 750 -11.82 -0.48 7.56
N TYR B 751 -10.64 -1.05 7.31
CA TYR B 751 -9.74 -1.50 8.38
C TYR B 751 -8.90 -0.31 8.80
N HIS B 752 -9.31 0.37 9.88
CA HIS B 752 -8.67 1.60 10.31
C HIS B 752 -7.64 1.38 11.41
N HIS B 753 -7.00 0.21 11.43
CA HIS B 753 -6.03 -0.10 12.48
C HIS B 753 -4.59 0.10 12.02
N GLY B 754 -4.18 -0.59 10.97
CA GLY B 754 -2.80 -0.50 10.54
C GLY B 754 -2.61 -1.15 9.19
N ASP B 755 -1.35 -1.37 8.84
CA ASP B 755 -0.99 -1.96 7.56
C ASP B 755 -0.26 -3.28 7.70
N MET B 756 0.82 -3.32 8.49
CA MET B 756 1.67 -4.50 8.52
C MET B 756 1.02 -5.65 9.28
N SER B 757 0.19 -5.34 10.29
CA SER B 757 -0.56 -6.39 10.96
C SER B 757 -1.54 -7.07 10.01
N LEU B 758 -2.17 -6.28 9.14
CA LEU B 758 -3.06 -6.83 8.12
C LEU B 758 -2.31 -7.75 7.16
N ASN B 759 -1.12 -7.32 6.73
CA ASN B 759 -0.31 -8.14 5.83
C ASN B 759 0.14 -9.43 6.51
N THR B 760 0.51 -9.35 7.79
CA THR B 760 0.88 -10.55 8.53
C THR B 760 -0.29 -11.51 8.67
N SER B 761 -1.49 -10.97 8.92
CA SER B 761 -2.68 -11.81 8.98
C SER B 761 -2.97 -12.48 7.65
N ILE B 762 -2.78 -11.74 6.54
CA ILE B 762 -2.96 -12.32 5.20
C ILE B 762 -1.97 -13.45 4.97
N ILE B 763 -0.69 -13.22 5.35
CA ILE B 763 0.35 -14.24 5.17
C ILE B 763 0.03 -15.49 5.98
N LYS B 764 -0.39 -15.31 7.24
CA LYS B 764 -0.75 -16.45 8.08
C LYS B 764 -1.99 -17.17 7.56
N ALA B 765 -2.92 -16.44 6.94
CA ALA B 765 -4.09 -17.08 6.36
C ALA B 765 -3.74 -17.89 5.11
N ALA B 766 -2.75 -17.44 4.35
CA ALA B 766 -2.39 -18.12 3.11
C ALA B 766 -1.33 -19.19 3.31
N GLN B 767 -0.83 -19.39 4.52
CA GLN B 767 0.18 -20.40 4.78
C GLN B 767 -0.41 -21.81 4.70
N TYR B 768 0.40 -22.75 4.23
CA TYR B 768 0.00 -24.15 4.17
C TYR B 768 1.24 -25.03 4.24
N TYR B 769 1.34 -25.81 5.32
CA TYR B 769 2.39 -26.81 5.47
C TYR B 769 1.94 -27.80 6.54
N PRO B 770 2.59 -28.96 6.65
CA PRO B 770 2.28 -29.85 7.77
C PRO B 770 2.54 -29.19 9.11
N GLY B 771 1.51 -29.16 9.95
CA GLY B 771 1.57 -28.49 11.23
C GLY B 771 1.14 -27.04 11.22
N SER B 772 0.80 -26.49 10.05
CA SER B 772 0.35 -25.11 9.98
C SER B 772 -1.03 -24.96 10.61
N SER B 773 -1.30 -23.74 11.11
CA SER B 773 -2.54 -23.49 11.82
C SER B 773 -3.76 -23.61 10.90
N HIS B 774 -3.59 -23.31 9.61
CA HIS B 774 -4.68 -23.37 8.66
C HIS B 774 -4.62 -24.69 7.91
N LEU B 775 -5.44 -25.65 8.36
CA LEU B 775 -5.52 -26.93 7.67
C LEU B 775 -6.22 -26.79 6.32
N TYR B 776 -7.16 -25.85 6.21
CA TYR B 776 -7.88 -25.58 4.96
C TYR B 776 -7.81 -24.09 4.69
N PRO B 777 -6.70 -23.60 4.16
CA PRO B 777 -6.54 -22.16 3.94
C PRO B 777 -7.51 -21.63 2.90
N VAL B 778 -7.89 -20.37 3.08
CA VAL B 778 -8.79 -19.70 2.15
C VAL B 778 -8.07 -19.07 0.97
N PHE B 779 -6.73 -19.03 1.00
CA PHE B 779 -5.94 -18.47 -0.09
C PHE B 779 -4.92 -19.49 -0.56
N ILE B 780 -4.78 -19.61 -1.86
CA ILE B 780 -3.67 -20.33 -2.47
C ILE B 780 -2.51 -19.36 -2.58
N GLY B 781 -1.29 -19.88 -2.44
CA GLY B 781 -0.12 -19.04 -2.31
C GLY B 781 0.92 -19.31 -3.38
N ILE B 782 1.63 -18.25 -3.77
CA ILE B 782 2.73 -18.32 -4.72
C ILE B 782 3.88 -17.53 -4.10
N GLY B 783 4.87 -18.23 -3.57
CA GLY B 783 6.00 -17.59 -2.95
C GLY B 783 6.50 -18.41 -1.78
N SER B 784 7.35 -17.78 -0.97
CA SER B 784 7.96 -18.43 0.18
C SER B 784 7.16 -18.06 1.44
N PHE B 785 6.10 -18.83 1.68
CA PHE B 785 5.30 -18.64 2.88
C PHE B 785 5.90 -19.32 4.10
N GLY B 786 6.88 -20.19 3.91
CA GLY B 786 7.51 -20.83 5.03
C GLY B 786 7.12 -22.29 5.14
N SER B 787 8.09 -23.13 5.45
CA SER B 787 7.87 -24.55 5.62
C SER B 787 7.63 -24.84 7.10
N ARG B 788 7.57 -26.13 7.44
CA ARG B 788 7.29 -26.52 8.81
C ARG B 788 8.48 -26.36 9.73
N HIS B 789 9.67 -26.08 9.20
CA HIS B 789 10.87 -26.06 10.05
C HIS B 789 10.90 -24.84 10.95
N LEU B 790 10.61 -23.66 10.41
CA LEU B 790 10.59 -22.44 11.20
C LEU B 790 9.20 -22.10 11.72
N GLY B 791 8.20 -22.91 11.42
CA GLY B 791 6.85 -22.63 11.87
C GLY B 791 6.24 -21.39 11.25
N GLY B 792 6.56 -21.11 9.98
CA GLY B 792 6.01 -19.96 9.30
C GLY B 792 6.69 -18.65 9.59
N LYS B 793 7.70 -18.64 10.46
CA LYS B 793 8.41 -17.39 10.77
C LYS B 793 9.39 -16.98 9.67
N ASP B 794 9.80 -17.91 8.80
CA ASP B 794 10.73 -17.61 7.72
C ASP B 794 10.04 -17.25 6.42
N ALA B 795 8.81 -16.74 6.47
CA ALA B 795 8.18 -16.22 5.28
C ALA B 795 8.86 -14.93 4.83
N GLY B 796 8.79 -14.67 3.53
CA GLY B 796 9.45 -13.51 2.97
C GLY B 796 8.70 -12.23 3.26
N SER B 797 9.22 -11.15 2.70
CA SER B 797 8.58 -9.86 2.86
C SER B 797 7.27 -9.81 2.07
N PRO B 798 6.30 -9.01 2.53
CA PRO B 798 5.06 -8.86 1.75
C PRO B 798 5.24 -8.10 0.45
N ARG B 799 6.45 -7.65 0.14
CA ARG B 799 6.70 -6.91 -1.08
C ARG B 799 6.46 -7.77 -2.32
N TYR B 800 6.93 -9.02 -2.29
CA TYR B 800 6.95 -9.86 -3.47
C TYR B 800 6.13 -11.13 -3.33
N ILE B 801 5.69 -11.47 -2.12
CA ILE B 801 4.92 -12.68 -1.90
C ILE B 801 3.55 -12.54 -2.57
N SER B 802 3.11 -13.61 -3.22
CA SER B 802 1.91 -13.59 -4.05
C SER B 802 0.82 -14.44 -3.41
N VAL B 803 -0.42 -13.94 -3.47
CA VAL B 803 -1.58 -14.68 -2.99
C VAL B 803 -2.65 -14.66 -4.07
N GLN B 804 -3.46 -15.71 -4.10
CA GLN B 804 -4.65 -15.78 -4.94
C GLN B 804 -5.76 -16.44 -4.13
N LEU B 805 -7.00 -16.22 -4.56
CA LEU B 805 -8.13 -16.83 -3.89
C LEU B 805 -8.28 -18.27 -4.35
N ALA B 806 -8.40 -19.19 -3.40
CA ALA B 806 -8.68 -20.59 -3.71
C ALA B 806 -10.12 -20.67 -4.21
N SER B 807 -10.27 -20.73 -5.55
CA SER B 807 -11.59 -20.54 -6.15
C SER B 807 -12.55 -21.68 -5.81
N GLU B 808 -12.11 -22.92 -6.00
CA GLU B 808 -13.01 -24.06 -5.81
C GLU B 808 -13.38 -24.25 -4.35
N PHE B 809 -12.38 -24.21 -3.46
CA PHE B 809 -12.64 -24.45 -2.05
C PHE B 809 -13.54 -23.38 -1.45
N ILE B 810 -13.31 -22.11 -1.78
CA ILE B 810 -14.14 -21.04 -1.25
C ILE B 810 -15.53 -21.09 -1.87
N LYS B 811 -15.61 -21.33 -3.19
CA LYS B 811 -16.91 -21.32 -3.86
C LYS B 811 -17.78 -22.49 -3.42
N THR B 812 -17.18 -23.58 -2.96
CA THR B 812 -17.96 -24.66 -2.38
C THR B 812 -18.17 -24.50 -0.89
N MET B 813 -17.30 -23.76 -0.22
CA MET B 813 -17.25 -23.75 1.24
C MET B 813 -17.98 -22.56 1.84
N PHE B 814 -17.80 -21.36 1.26
CA PHE B 814 -18.52 -20.15 1.65
C PHE B 814 -19.34 -19.72 0.44
N PRO B 815 -20.54 -20.28 0.25
CA PRO B 815 -21.32 -19.96 -0.96
C PRO B 815 -21.76 -18.50 -1.00
N ALA B 816 -21.75 -17.95 -2.22
CA ALA B 816 -22.14 -16.55 -2.40
C ALA B 816 -23.62 -16.35 -2.11
N GLU B 817 -24.46 -17.32 -2.48
CA GLU B 817 -25.88 -17.25 -2.14
C GLU B 817 -26.08 -17.27 -0.64
N ASP B 818 -25.23 -18.00 0.09
CA ASP B 818 -25.27 -17.92 1.55
C ASP B 818 -24.64 -16.63 2.05
N SER B 819 -23.69 -16.06 1.28
CA SER B 819 -23.05 -14.82 1.68
C SER B 819 -23.97 -13.62 1.55
N TRP B 820 -25.00 -13.73 0.70
CA TRP B 820 -25.99 -12.65 0.62
C TRP B 820 -26.75 -12.48 1.93
N LEU B 821 -27.17 -13.59 2.53
CA LEU B 821 -28.14 -13.54 3.62
C LEU B 821 -27.51 -13.41 5.00
N LEU B 822 -26.20 -13.26 5.09
CA LEU B 822 -25.56 -13.07 6.38
C LEU B 822 -25.87 -11.66 6.91
N PRO B 823 -25.88 -11.49 8.24
CA PRO B 823 -25.88 -10.13 8.78
C PRO B 823 -24.55 -9.45 8.51
N TYR B 824 -24.59 -8.13 8.34
CA TYR B 824 -23.41 -7.38 7.94
C TYR B 824 -23.07 -6.32 8.99
N VAL B 825 -21.77 -6.08 9.14
CA VAL B 825 -21.26 -5.05 10.02
C VAL B 825 -21.31 -3.72 9.29
N PHE B 826 -21.94 -2.72 9.91
CA PHE B 826 -22.05 -1.39 9.34
C PHE B 826 -20.97 -0.50 9.94
N GLU B 827 -20.21 0.17 9.08
CA GLU B 827 -19.16 1.09 9.50
C GLU B 827 -19.45 2.46 8.89
N ASP B 828 -19.81 3.41 9.75
CA ASP B 828 -20.11 4.79 9.35
C ASP B 828 -21.23 4.85 8.31
N GLY B 829 -22.23 3.99 8.46
CA GLY B 829 -23.33 3.92 7.53
C GLY B 829 -23.02 3.21 6.24
N GLN B 830 -21.85 2.59 6.11
CA GLN B 830 -21.44 1.87 4.92
C GLN B 830 -21.27 0.40 5.23
N ARG B 831 -21.56 -0.44 4.23
CA ARG B 831 -21.44 -1.88 4.42
C ARG B 831 -19.98 -2.29 4.51
N ALA B 832 -19.73 -3.34 5.28
CA ALA B 832 -18.39 -3.86 5.53
C ALA B 832 -18.49 -5.38 5.47
N GLU B 833 -17.49 -6.06 6.04
CA GLU B 833 -17.49 -7.51 6.07
C GLU B 833 -18.70 -8.03 6.86
N PRO B 834 -19.15 -9.26 6.56
CA PRO B 834 -20.31 -9.80 7.26
C PRO B 834 -20.04 -10.00 8.74
N GLU B 835 -21.13 -10.04 9.52
CA GLU B 835 -21.03 -10.28 10.95
C GLU B 835 -20.40 -11.64 11.24
N TYR B 836 -20.78 -12.66 10.47
CA TYR B 836 -20.13 -13.95 10.55
C TYR B 836 -20.33 -14.70 9.24
N TYR B 837 -19.26 -15.36 8.79
CA TYR B 837 -19.27 -16.22 7.60
C TYR B 837 -19.48 -17.66 8.08
N VAL B 838 -20.73 -18.07 8.22
CA VAL B 838 -21.05 -19.41 8.71
C VAL B 838 -20.96 -20.39 7.55
N PRO B 839 -20.10 -21.40 7.63
CA PRO B 839 -19.86 -22.30 6.49
C PRO B 839 -20.63 -23.61 6.57
N VAL B 840 -20.53 -24.42 5.52
CA VAL B 840 -21.24 -25.69 5.47
C VAL B 840 -20.62 -26.75 6.38
N LEU B 841 -19.37 -26.56 6.81
CA LEU B 841 -18.70 -27.43 7.77
C LEU B 841 -17.95 -26.54 8.76
N PRO B 842 -18.00 -26.84 10.06
CA PRO B 842 -17.55 -25.85 11.05
C PRO B 842 -16.04 -25.69 11.12
N LEU B 843 -15.52 -24.57 10.60
CA LEU B 843 -14.09 -24.31 10.65
C LEU B 843 -13.56 -24.12 12.06
N ALA B 844 -14.44 -23.89 13.04
CA ALA B 844 -14.03 -23.94 14.43
C ALA B 844 -13.57 -25.32 14.83
N ILE B 845 -13.94 -26.35 14.06
CA ILE B 845 -13.50 -27.71 14.32
C ILE B 845 -12.28 -28.07 13.48
N MET B 846 -12.28 -27.74 12.18
CA MET B 846 -11.17 -28.19 11.33
C MET B 846 -9.89 -27.42 11.62
N GLU B 847 -9.99 -26.11 11.83
CA GLU B 847 -8.81 -25.31 12.08
C GLU B 847 -8.28 -25.56 13.48
N TYR B 848 -7.04 -25.13 13.73
CA TYR B 848 -6.46 -25.27 15.05
C TYR B 848 -5.39 -24.20 15.25
N GLY B 849 -5.47 -23.53 16.40
CA GLY B 849 -4.54 -22.46 16.71
C GLY B 849 -4.61 -22.13 18.19
N ALA B 850 -3.85 -21.11 18.59
CA ALA B 850 -3.76 -20.71 19.98
C ALA B 850 -3.62 -19.19 20.05
N ASN B 851 -4.60 -18.53 20.66
CA ASN B 851 -4.63 -17.08 20.79
C ASN B 851 -4.89 -16.70 22.24
N PRO B 852 -4.06 -15.88 22.85
CA PRO B 852 -4.48 -15.25 24.11
C PRO B 852 -5.33 -14.03 23.82
N SER B 853 -6.12 -13.57 24.79
CA SER B 853 -6.89 -12.36 24.63
C SER B 853 -6.99 -11.63 25.97
N GLU B 854 -7.87 -10.63 26.01
CA GLU B 854 -8.06 -9.80 27.19
C GLU B 854 -9.02 -10.50 28.15
N GLY B 855 -8.55 -11.62 28.71
CA GLY B 855 -9.32 -12.32 29.71
C GLY B 855 -9.45 -13.81 29.47
N TRP B 856 -9.25 -14.27 28.25
CA TRP B 856 -9.46 -15.67 27.91
C TRP B 856 -8.33 -16.18 27.04
N LYS B 857 -8.33 -17.49 26.83
CA LYS B 857 -7.40 -18.17 25.95
C LYS B 857 -8.19 -19.06 25.02
N TYR B 858 -7.71 -19.19 23.78
CA TYR B 858 -8.37 -19.97 22.74
C TYR B 858 -7.38 -20.98 22.20
N THR B 859 -7.67 -22.26 22.36
CA THR B 859 -6.87 -23.34 21.82
C THR B 859 -7.77 -24.39 21.19
N THR B 860 -7.41 -24.84 20.00
CA THR B 860 -8.19 -25.82 19.27
C THR B 860 -7.25 -26.85 18.67
N TRP B 861 -7.75 -28.07 18.47
CA TRP B 861 -7.02 -29.12 17.76
C TRP B 861 -7.93 -29.70 16.69
N ALA B 862 -7.36 -29.94 15.51
CA ALA B 862 -8.14 -30.36 14.36
C ALA B 862 -8.76 -31.72 14.57
N ARG B 863 -10.04 -31.86 14.24
CA ARG B 863 -10.67 -33.16 14.15
C ARG B 863 -10.55 -33.70 12.73
N GLN B 864 -10.59 -35.02 12.62
CA GLN B 864 -10.45 -35.67 11.31
C GLN B 864 -11.70 -35.41 10.47
N LEU B 865 -11.49 -35.36 9.15
CA LEU B 865 -12.60 -35.14 8.22
C LEU B 865 -13.26 -36.47 7.83
N GLU B 866 -13.51 -37.30 8.82
CA GLU B 866 -14.37 -38.47 8.68
C GLU B 866 -15.38 -38.60 9.81
N ASP B 867 -14.97 -38.27 11.04
CA ASP B 867 -15.90 -38.27 12.16
C ASP B 867 -16.90 -37.12 12.02
N ILE B 868 -16.40 -35.93 11.67
CA ILE B 868 -17.27 -34.78 11.49
C ILE B 868 -18.19 -34.98 10.29
N LEU B 869 -17.69 -35.64 9.23
CA LEU B 869 -18.53 -35.91 8.07
C LEU B 869 -19.67 -36.86 8.44
N ALA B 870 -19.37 -37.91 9.20
CA ALA B 870 -20.40 -38.83 9.66
C ALA B 870 -21.40 -38.12 10.57
N LEU B 871 -20.91 -37.25 11.45
CA LEU B 871 -21.78 -36.53 12.36
C LEU B 871 -22.77 -35.63 11.60
N VAL B 872 -22.24 -34.81 10.68
CA VAL B 872 -23.10 -33.89 9.94
C VAL B 872 -24.04 -34.66 9.02
N ARG B 873 -23.55 -35.72 8.36
CA ARG B 873 -24.42 -36.51 7.48
C ARG B 873 -25.53 -37.19 8.26
N ALA B 874 -25.23 -37.70 9.45
CA ALA B 874 -26.26 -38.32 10.28
C ALA B 874 -27.26 -37.28 10.75
N TYR B 875 -26.82 -36.05 11.03
CA TYR B 875 -27.77 -35.02 11.41
C TYR B 875 -28.64 -34.58 10.24
N VAL B 876 -28.11 -34.62 9.02
CA VAL B 876 -28.80 -34.09 7.86
C VAL B 876 -29.51 -35.17 7.06
N ASP B 877 -28.79 -36.22 6.68
CA ASP B 877 -29.40 -37.28 5.87
C ASP B 877 -30.31 -38.15 6.73
N LYS B 878 -31.53 -38.38 6.24
CA LYS B 878 -32.47 -39.24 6.94
C LYS B 878 -32.24 -40.72 6.66
N ASP B 879 -31.43 -41.04 5.65
CA ASP B 879 -31.14 -42.43 5.32
C ASP B 879 -30.08 -43.04 6.22
N ASN B 880 -29.35 -42.21 6.97
CA ASN B 880 -28.38 -42.73 7.92
C ASN B 880 -29.13 -43.35 9.10
N PRO B 881 -28.83 -44.61 9.45
CA PRO B 881 -29.54 -45.24 10.57
C PRO B 881 -29.32 -44.56 11.92
N LYS B 882 -28.26 -43.76 12.05
CA LYS B 882 -27.98 -43.05 13.30
C LYS B 882 -28.62 -41.66 13.34
N HIS B 883 -29.51 -41.35 12.40
CA HIS B 883 -30.13 -40.03 12.35
C HIS B 883 -31.02 -39.79 13.57
N GLU B 884 -31.90 -40.75 13.89
CA GLU B 884 -32.75 -40.62 15.07
C GLU B 884 -31.92 -40.69 16.34
N LEU B 885 -30.90 -41.55 16.37
CA LEU B 885 -30.03 -41.65 17.53
C LEU B 885 -29.26 -40.36 17.75
N LEU B 886 -28.75 -39.74 16.68
CA LEU B 886 -28.05 -38.48 16.82
C LEU B 886 -29.00 -37.35 17.21
N HIS B 887 -30.25 -37.38 16.73
CA HIS B 887 -31.21 -36.38 17.18
C HIS B 887 -31.53 -36.53 18.66
N TYR B 888 -31.66 -37.77 19.13
CA TYR B 888 -31.82 -38.00 20.56
C TYR B 888 -30.60 -37.50 21.33
N ALA B 889 -29.41 -37.65 20.75
CA ALA B 889 -28.21 -37.07 21.34
C ALA B 889 -28.26 -35.55 21.35
N ILE B 890 -28.92 -34.94 20.37
CA ILE B 890 -29.11 -33.49 20.38
C ILE B 890 -29.97 -33.08 21.57
N LYS B 891 -31.11 -33.75 21.74
CA LYS B 891 -31.97 -33.38 22.87
C LYS B 891 -31.43 -33.80 24.23
N HIS B 892 -30.49 -34.76 24.29
CA HIS B 892 -30.08 -35.29 25.59
C HIS B 892 -28.57 -35.27 25.82
N LYS B 893 -27.80 -34.65 24.92
CA LYS B 893 -26.34 -34.49 25.08
C LYS B 893 -25.63 -35.83 25.27
N ILE B 894 -25.93 -36.79 24.41
CA ILE B 894 -25.38 -38.13 24.57
C ILE B 894 -24.02 -38.25 23.89
N THR B 895 -23.91 -37.70 22.67
CA THR B 895 -22.67 -37.69 21.87
C THR B 895 -22.16 -39.11 21.64
N ILE B 896 -22.98 -39.87 20.91
CA ILE B 896 -22.66 -41.28 20.65
C ILE B 896 -21.48 -41.42 19.71
N LEU B 897 -21.46 -40.64 18.63
CA LEU B 897 -20.40 -40.76 17.64
C LEU B 897 -19.09 -40.16 18.16
N PRO B 898 -17.96 -40.77 17.84
CA PRO B 898 -16.68 -40.28 18.35
C PRO B 898 -16.11 -39.14 17.52
N LEU B 899 -15.32 -38.31 18.18
CA LEU B 899 -14.58 -37.23 17.54
C LEU B 899 -13.10 -37.44 17.85
N ARG B 900 -12.29 -37.54 16.81
CA ARG B 900 -10.89 -37.85 16.99
C ARG B 900 -10.01 -36.80 16.35
N PRO B 901 -8.83 -36.54 16.91
CA PRO B 901 -7.89 -35.61 16.28
C PRO B 901 -7.46 -36.11 14.91
N SER B 902 -7.21 -35.15 14.01
CA SER B 902 -6.91 -35.48 12.62
C SER B 902 -5.54 -36.11 12.49
N ASN B 903 -5.43 -37.07 11.56
CA ASN B 903 -4.17 -37.74 11.28
C ASN B 903 -3.51 -37.23 10.00
N TYR B 904 -4.06 -36.18 9.39
CA TYR B 904 -3.49 -35.66 8.15
C TYR B 904 -2.17 -34.96 8.42
N ASN B 905 -1.21 -35.19 7.52
CA ASN B 905 0.15 -34.64 7.61
C ASN B 905 0.81 -34.99 8.94
N PHE B 906 0.55 -36.19 9.44
CA PHE B 906 1.07 -36.63 10.73
C PHE B 906 1.30 -38.13 10.66
N LYS B 907 2.57 -38.53 10.70
CA LYS B 907 2.95 -39.94 10.64
C LYS B 907 2.97 -40.61 12.00
N GLY B 908 2.72 -39.86 13.07
CA GLY B 908 2.66 -40.41 14.41
C GLY B 908 1.30 -41.00 14.72
N HIS B 909 1.11 -41.36 15.99
CA HIS B 909 -0.14 -41.96 16.45
C HIS B 909 -0.66 -41.19 17.65
N LEU B 910 -1.98 -41.01 17.70
CA LEU B 910 -2.65 -40.34 18.79
C LEU B 910 -3.12 -41.37 19.81
N LYS B 911 -3.08 -41.00 21.08
CA LYS B 911 -3.59 -41.86 22.15
C LYS B 911 -4.44 -41.04 23.09
N ARG B 912 -5.37 -41.71 23.77
CA ARG B 912 -6.25 -41.07 24.73
C ARG B 912 -6.05 -41.67 26.11
N PHE B 913 -5.79 -40.82 27.10
CA PHE B 913 -5.65 -41.26 28.48
C PHE B 913 -6.41 -40.29 29.38
N GLY B 914 -7.25 -40.84 30.24
CA GLY B 914 -8.08 -40.04 31.12
C GLY B 914 -9.03 -39.15 30.34
N GLN B 915 -8.76 -37.84 30.36
CA GLN B 915 -9.52 -36.88 29.59
C GLN B 915 -8.64 -36.10 28.62
N TYR B 916 -7.46 -36.63 28.27
CA TYR B 916 -6.51 -35.90 27.45
C TYR B 916 -5.97 -36.77 26.33
N TYR B 917 -5.84 -36.17 25.14
CA TYR B 917 -5.19 -36.78 24.01
C TYR B 917 -3.71 -36.41 23.99
N TYR B 918 -2.90 -37.36 23.56
CA TYR B 918 -1.45 -37.16 23.43
C TYR B 918 -1.03 -37.55 22.02
N SER B 919 -0.18 -36.71 21.42
CA SER B 919 0.41 -36.98 20.12
C SER B 919 1.85 -37.45 20.31
N TYR B 920 2.22 -38.48 19.56
CA TYR B 920 3.50 -39.17 19.71
C TYR B 920 4.26 -39.11 18.40
N GLY B 921 5.56 -38.81 18.49
CA GLY B 921 6.43 -39.04 17.36
C GLY B 921 6.90 -40.48 17.29
N THR B 922 7.40 -40.86 16.12
CA THR B 922 7.91 -42.20 15.91
C THR B 922 9.42 -42.17 15.70
N TYR B 923 10.09 -43.24 16.15
CA TYR B 923 11.54 -43.31 16.14
C TYR B 923 11.97 -44.71 15.74
N ASP B 924 13.16 -44.80 15.15
CA ASP B 924 13.80 -46.06 14.81
C ASP B 924 15.14 -46.12 15.52
N ILE B 925 15.44 -47.29 16.10
CA ILE B 925 16.65 -47.47 16.91
C ILE B 925 17.54 -48.50 16.23
N SER B 926 18.81 -48.14 16.01
CA SER B 926 19.84 -49.05 15.52
C SER B 926 20.94 -49.08 16.58
N GLU B 927 20.91 -50.10 17.44
CA GLU B 927 21.84 -50.15 18.56
C GLU B 927 23.26 -50.43 18.11
N GLN B 928 23.43 -51.15 16.99
CA GLN B 928 24.76 -51.39 16.46
C GLN B 928 25.37 -50.12 15.86
N ARG B 929 24.54 -49.18 15.43
CA ARG B 929 25.00 -47.93 14.86
C ARG B 929 24.86 -46.76 15.83
N ASN B 930 24.01 -46.88 16.86
CA ASN B 930 23.87 -45.91 17.94
C ASN B 930 23.44 -44.54 17.44
N ILE B 931 22.52 -44.53 16.47
CA ILE B 931 21.93 -43.30 15.96
C ILE B 931 20.44 -43.35 16.22
N ILE B 932 19.91 -42.34 16.91
CA ILE B 932 18.47 -42.23 17.14
C ILE B 932 17.88 -41.48 15.96
N THR B 933 17.17 -42.20 15.09
CA THR B 933 16.60 -41.64 13.88
C THR B 933 15.11 -41.44 14.09
N ILE B 934 14.69 -40.18 14.16
CA ILE B 934 13.28 -39.85 14.33
C ILE B 934 12.73 -39.31 13.02
N THR B 935 11.58 -39.82 12.60
CA THR B 935 10.96 -39.46 11.34
C THR B 935 9.68 -38.66 11.49
N GLU B 936 9.08 -38.65 12.68
CA GLU B 936 7.89 -37.84 12.92
C GLU B 936 7.87 -37.39 14.37
N LEU B 937 7.64 -36.08 14.56
CA LEU B 937 7.61 -35.49 15.94
C LEU B 937 6.16 -35.15 16.29
N PRO B 938 5.83 -34.84 17.57
CA PRO B 938 4.44 -34.62 17.98
C PRO B 938 3.78 -33.57 17.08
N LEU B 939 2.44 -33.55 17.06
CA LEU B 939 1.71 -32.63 16.15
C LEU B 939 2.04 -31.16 16.47
N ARG B 940 2.32 -30.37 15.44
CA ARG B 940 2.65 -28.96 15.50
C ARG B 940 3.84 -28.47 16.31
N VAL B 941 5.00 -29.09 16.17
CA VAL B 941 6.24 -28.72 16.92
C VAL B 941 7.19 -28.24 15.83
N PRO B 942 7.74 -27.00 15.84
CA PRO B 942 8.45 -26.57 14.66
C PRO B 942 9.78 -27.34 14.71
N THR B 943 10.31 -27.78 13.58
CA THR B 943 11.54 -28.61 13.61
C THR B 943 12.65 -27.89 14.37
N VAL B 944 12.95 -26.65 14.01
CA VAL B 944 14.10 -25.93 14.63
C VAL B 944 13.94 -25.87 16.15
N ALA B 945 12.85 -25.28 16.63
CA ALA B 945 12.72 -25.11 18.09
C ALA B 945 12.90 -26.47 18.77
N TYR B 946 12.38 -27.53 18.15
CA TYR B 946 12.47 -28.86 18.77
C TYR B 946 13.93 -29.07 19.17
N ILE B 947 14.85 -28.71 18.27
CA ILE B 947 16.29 -28.93 18.54
C ILE B 947 16.80 -27.82 19.47
N GLU B 948 16.26 -26.60 19.40
CA GLU B 948 16.84 -25.61 20.30
C GLU B 948 16.45 -25.90 21.74
N SER B 949 15.22 -26.38 21.95
CA SER B 949 14.77 -26.70 23.30
C SER B 949 15.47 -27.94 23.83
N ILE B 950 15.72 -28.92 22.97
CA ILE B 950 16.42 -30.12 23.41
C ILE B 950 17.89 -29.81 23.66
N LYS B 951 18.40 -28.72 23.07
CA LYS B 951 19.77 -28.29 23.31
C LYS B 951 19.91 -27.42 24.55
N LYS B 952 18.80 -26.98 25.14
CA LYS B 952 18.84 -26.18 26.36
C LYS B 952 18.75 -27.04 27.62
N SER B 953 18.26 -28.27 27.51
CA SER B 953 18.14 -29.17 28.65
C SER B 953 19.51 -29.58 29.16
N SER B 954 19.89 -29.05 30.34
CA SER B 954 21.22 -29.31 30.87
C SER B 954 21.40 -30.76 31.27
N ASN B 955 20.33 -31.40 31.75
CA ASN B 955 20.43 -32.79 32.17
C ASN B 955 20.63 -33.74 31.00
N ARG B 956 20.20 -33.33 29.80
CA ARG B 956 20.37 -34.18 28.63
C ARG B 956 21.66 -33.89 27.86
N MET B 957 22.42 -32.87 28.25
CA MET B 957 23.69 -32.58 27.59
C MET B 957 24.69 -33.70 27.80
N THR B 958 24.76 -34.25 29.01
CA THR B 958 25.67 -35.36 29.28
C THR B 958 25.21 -36.66 28.62
N PHE B 959 23.94 -36.74 28.23
CA PHE B 959 23.39 -37.98 27.69
C PHE B 959 23.44 -38.05 26.17
N ILE B 960 23.82 -36.96 25.49
CA ILE B 960 23.91 -36.94 24.04
C ILE B 960 25.31 -36.48 23.65
N GLU B 961 25.63 -36.69 22.37
CA GLU B 961 26.83 -36.14 21.77
C GLU B 961 26.50 -34.97 20.85
N GLU B 962 25.61 -35.16 19.88
CA GLU B 962 25.27 -34.10 18.94
C GLU B 962 23.96 -34.45 18.24
N ILE B 963 23.41 -33.46 17.53
CA ILE B 963 22.16 -33.59 16.80
C ILE B 963 22.36 -33.07 15.39
N ILE B 964 21.89 -33.82 14.38
CA ILE B 964 21.90 -33.38 13.00
C ILE B 964 20.52 -33.55 12.39
N ASP B 965 20.22 -32.70 11.40
CA ASP B 965 18.90 -32.64 10.78
C ASP B 965 19.06 -32.65 9.27
N TYR B 966 18.50 -33.67 8.63
CA TYR B 966 18.44 -33.75 7.17
C TYR B 966 17.04 -33.53 6.63
N SER B 967 16.12 -33.01 7.44
CA SER B 967 14.74 -32.89 7.01
C SER B 967 14.58 -31.79 5.96
N SER B 968 13.90 -32.11 4.88
CA SER B 968 13.56 -31.15 3.85
C SER B 968 12.11 -30.72 4.04
N SER B 969 11.57 -30.01 3.05
CA SER B 969 10.20 -29.52 3.14
C SER B 969 9.21 -30.68 3.18
N GLU B 970 8.22 -30.55 4.07
CA GLU B 970 7.12 -31.50 4.25
C GLU B 970 7.59 -32.89 4.64
N THR B 971 8.74 -32.98 5.30
CA THR B 971 9.21 -34.26 5.85
C THR B 971 10.13 -33.98 7.02
N ILE B 972 10.25 -34.97 7.92
CA ILE B 972 11.08 -34.87 9.11
C ILE B 972 11.99 -36.08 9.17
N GLU B 973 13.29 -35.84 9.35
CA GLU B 973 14.21 -36.89 9.79
C GLU B 973 15.37 -36.23 10.52
N ILE B 974 15.54 -36.59 11.79
CA ILE B 974 16.57 -36.03 12.65
C ILE B 974 17.36 -37.19 13.25
N LEU B 975 18.68 -37.09 13.17
CA LEU B 975 19.59 -38.12 13.67
C LEU B 975 20.30 -37.59 14.91
N VAL B 976 20.20 -38.32 16.01
CA VAL B 976 20.82 -37.95 17.27
C VAL B 976 21.96 -38.92 17.54
N LYS B 977 23.16 -38.37 17.75
CA LYS B 977 24.32 -39.14 18.18
C LYS B 977 24.46 -38.97 19.69
N LEU B 978 24.54 -40.09 20.41
CA LEU B 978 24.64 -40.09 21.86
C LEU B 978 25.81 -40.96 22.27
N LYS B 979 26.14 -40.88 23.57
CA LYS B 979 27.23 -41.68 24.10
C LYS B 979 26.88 -43.16 24.07
N PRO B 980 27.83 -44.03 23.72
CA PRO B 980 27.53 -45.47 23.69
C PRO B 980 27.15 -46.05 25.04
N ASN B 981 27.73 -45.55 26.13
CA ASN B 981 27.41 -46.05 27.46
C ASN B 981 26.15 -45.41 28.04
N SER B 982 25.65 -44.34 27.44
CA SER B 982 24.46 -43.66 27.93
C SER B 982 23.16 -44.22 27.36
N LEU B 983 23.25 -45.11 26.37
CA LEU B 983 22.06 -45.60 25.68
C LEU B 983 21.14 -46.35 26.64
N ASN B 984 21.70 -47.16 27.53
CA ASN B 984 20.91 -47.78 28.57
C ASN B 984 20.59 -46.83 29.72
N ARG B 985 21.41 -45.80 29.93
CA ARG B 985 21.25 -44.94 31.10
C ARG B 985 19.93 -44.18 31.06
N ILE B 986 19.53 -43.72 29.88
CA ILE B 986 18.25 -43.04 29.71
C ILE B 986 17.08 -43.96 30.05
N VAL B 987 17.30 -45.27 30.03
CA VAL B 987 16.25 -46.20 30.44
C VAL B 987 15.99 -46.08 31.95
N GLU B 988 17.05 -45.86 32.73
CA GLU B 988 16.87 -45.84 34.18
C GLU B 988 16.43 -44.47 34.69
N GLU B 989 17.12 -43.41 34.25
CA GLU B 989 16.84 -42.09 34.81
C GLU B 989 15.53 -41.53 34.30
N PHE B 990 15.31 -41.67 32.98
CA PHE B 990 14.03 -41.25 32.35
C PHE B 990 13.10 -42.47 32.32
N LYS B 991 12.10 -42.53 33.21
CA LYS B 991 11.26 -43.75 33.30
C LYS B 991 10.37 -43.92 32.07
N GLU B 992 9.87 -45.14 31.85
CA GLU B 992 8.96 -45.42 30.71
C GLU B 992 7.61 -45.82 31.30
N THR B 993 6.64 -44.90 31.30
CA THR B 993 5.33 -45.18 31.95
C THR B 993 4.42 -45.96 31.00
N GLU B 994 3.28 -46.43 31.49
CA GLU B 994 2.35 -47.12 30.61
C GLU B 994 1.98 -46.31 29.37
N GLU B 995 2.09 -44.98 29.44
CA GLU B 995 1.67 -44.13 28.34
C GLU B 995 2.82 -43.68 27.45
N GLN B 996 4.05 -43.66 27.96
CA GLN B 996 5.18 -43.16 27.20
C GLN B 996 6.33 -44.14 27.24
N ASP B 997 7.16 -44.11 26.20
CA ASP B 997 8.37 -44.91 26.13
C ASP B 997 9.53 -44.17 26.77
N SER B 998 10.64 -44.89 26.97
CA SER B 998 11.85 -44.25 27.45
C SER B 998 12.40 -43.27 26.41
N ILE B 999 12.37 -43.66 25.13
CA ILE B 999 12.86 -42.79 24.07
C ILE B 999 11.94 -41.58 23.88
N GLU B 1000 10.63 -41.81 23.96
CA GLU B 1000 9.68 -40.71 23.83
C GLU B 1000 9.81 -39.72 24.98
N ASN B 1001 10.05 -40.23 26.20
CA ASN B 1001 10.29 -39.35 27.33
C ASN B 1001 11.62 -38.62 27.18
N PHE B 1002 12.63 -39.28 26.61
CA PHE B 1002 13.96 -38.69 26.52
C PHE B 1002 13.97 -37.57 25.48
N LEU B 1003 13.39 -37.81 24.31
CA LEU B 1003 13.38 -36.81 23.24
C LEU B 1003 12.17 -35.90 23.26
N ARG B 1004 11.30 -36.03 24.27
CA ARG B 1004 10.07 -35.25 24.39
C ARG B 1004 9.19 -35.39 23.15
N LEU B 1005 9.00 -36.64 22.71
CA LEU B 1005 8.23 -36.93 21.52
C LEU B 1005 6.72 -36.95 21.78
N ARG B 1006 6.27 -36.50 22.95
CA ARG B 1006 4.85 -36.40 23.26
C ARG B 1006 4.39 -34.95 23.20
N ASN B 1007 3.07 -34.78 23.12
CA ASN B 1007 2.47 -33.46 23.27
C ASN B 1007 1.03 -33.65 23.69
N CYS B 1008 0.64 -33.07 24.81
CA CYS B 1008 -0.73 -33.14 25.29
C CYS B 1008 -1.56 -32.09 24.57
N LEU B 1009 -2.73 -32.49 24.07
CA LEU B 1009 -3.60 -31.61 23.29
C LEU B 1009 -4.61 -30.96 24.24
N HIS B 1010 -4.31 -29.76 24.71
CA HIS B 1010 -5.20 -28.99 25.56
C HIS B 1010 -6.08 -28.10 24.70
N SER B 1011 -7.35 -27.99 25.07
CA SER B 1011 -8.32 -27.20 24.33
C SER B 1011 -8.99 -26.22 25.28
N HIS B 1012 -8.96 -24.94 24.94
CA HIS B 1012 -9.66 -23.89 25.67
C HIS B 1012 -10.70 -23.32 24.73
N LEU B 1013 -11.93 -23.83 24.83
CA LEU B 1013 -12.98 -23.50 23.87
C LEU B 1013 -13.73 -22.24 24.33
N ASN B 1014 -13.04 -21.12 24.20
CA ASN B 1014 -13.61 -19.80 24.47
C ASN B 1014 -13.85 -19.13 23.13
N PHE B 1015 -15.11 -18.85 22.81
CA PHE B 1015 -15.47 -18.25 21.54
C PHE B 1015 -16.30 -16.99 21.80
N VAL B 1016 -16.47 -16.18 20.76
CA VAL B 1016 -17.31 -14.99 20.85
C VAL B 1016 -18.64 -15.28 20.19
N LYS B 1017 -19.73 -14.90 20.85
CA LYS B 1017 -21.05 -15.05 20.29
C LYS B 1017 -21.25 -14.06 19.14
N PRO B 1018 -22.20 -14.32 18.25
CA PRO B 1018 -22.55 -13.31 17.24
C PRO B 1018 -23.04 -12.01 17.84
N LYS B 1019 -23.68 -12.06 19.02
CA LYS B 1019 -24.06 -10.83 19.70
C LYS B 1019 -22.83 -10.08 20.20
N GLY B 1020 -21.83 -10.79 20.71
CA GLY B 1020 -20.59 -10.16 21.11
C GLY B 1020 -19.96 -10.72 22.38
N GLY B 1021 -20.71 -11.53 23.12
CA GLY B 1021 -20.22 -12.03 24.38
C GLY B 1021 -19.38 -13.29 24.26
N ILE B 1022 -18.67 -13.61 25.34
CA ILE B 1022 -17.87 -14.82 25.40
C ILE B 1022 -18.75 -16.00 25.80
N ILE B 1023 -18.66 -17.08 25.04
CA ILE B 1023 -19.30 -18.34 25.36
C ILE B 1023 -18.21 -19.41 25.52
N GLU B 1024 -18.30 -20.17 26.60
CA GLU B 1024 -17.33 -21.23 26.89
C GLU B 1024 -17.95 -22.59 26.61
N PHE B 1025 -17.11 -23.51 26.16
CA PHE B 1025 -17.55 -24.86 25.82
C PHE B 1025 -16.64 -25.87 26.50
N ASN B 1026 -17.11 -27.11 26.57
CA ASN B 1026 -16.37 -28.18 27.22
C ASN B 1026 -15.78 -29.18 26.22
N SER B 1027 -16.56 -29.57 25.21
CA SER B 1027 -16.11 -30.49 24.19
C SER B 1027 -16.48 -29.91 22.83
N TYR B 1028 -16.05 -30.57 21.76
CA TYR B 1028 -16.35 -30.08 20.43
C TYR B 1028 -17.76 -30.44 19.98
N TYR B 1029 -18.40 -31.37 20.67
CA TYR B 1029 -19.79 -31.69 20.39
C TYR B 1029 -20.69 -30.49 20.64
N GLU B 1030 -20.37 -29.70 21.67
CA GLU B 1030 -21.12 -28.47 21.91
C GLU B 1030 -20.91 -27.47 20.77
N ILE B 1031 -19.69 -27.40 20.23
CA ILE B 1031 -19.43 -26.55 19.08
C ILE B 1031 -20.29 -26.98 17.89
N LEU B 1032 -20.30 -28.28 17.61
CA LEU B 1032 -21.06 -28.79 16.47
C LEU B 1032 -22.56 -28.57 16.66
N TYR B 1033 -23.07 -28.84 17.85
CA TYR B 1033 -24.49 -28.74 18.11
C TYR B 1033 -24.96 -27.30 18.25
N ALA B 1034 -24.05 -26.36 18.48
CA ALA B 1034 -24.38 -24.95 18.40
C ALA B 1034 -24.28 -24.41 16.99
N TRP B 1035 -23.36 -24.94 16.18
CA TRP B 1035 -23.21 -24.48 14.80
C TRP B 1035 -24.30 -25.02 13.89
N LEU B 1036 -24.81 -26.23 14.17
CA LEU B 1036 -25.83 -26.83 13.31
C LEU B 1036 -27.11 -26.00 13.16
N PRO B 1037 -27.72 -25.44 14.22
CA PRO B 1037 -28.95 -24.67 14.00
C PRO B 1037 -28.75 -23.44 13.13
N TYR B 1038 -27.59 -22.79 13.18
CA TYR B 1038 -27.40 -21.58 12.39
C TYR B 1038 -27.47 -21.89 10.90
N ARG B 1039 -26.82 -22.97 10.47
CA ARG B 1039 -26.98 -23.43 9.09
C ARG B 1039 -28.41 -23.87 8.82
N ARG B 1040 -29.10 -24.42 9.82
CA ARG B 1040 -30.51 -24.79 9.64
C ARG B 1040 -31.36 -23.58 9.24
N GLU B 1041 -31.47 -22.57 10.11
CA GLU B 1041 -32.31 -21.45 9.66
C GLU B 1041 -31.69 -20.66 8.51
N LEU B 1042 -30.39 -20.74 8.24
CA LEU B 1042 -29.88 -20.01 7.09
C LEU B 1042 -30.32 -20.68 5.79
N TYR B 1043 -30.25 -22.01 5.72
CA TYR B 1043 -30.80 -22.72 4.56
C TYR B 1043 -32.29 -22.45 4.43
N GLN B 1044 -33.00 -22.41 5.56
CA GLN B 1044 -34.45 -22.23 5.51
C GLN B 1044 -34.81 -20.84 4.97
N LYS B 1045 -34.15 -19.79 5.48
CA LYS B 1045 -34.43 -18.44 5.00
C LYS B 1045 -33.92 -18.24 3.57
N ARG B 1046 -32.83 -18.92 3.20
CA ARG B 1046 -32.39 -18.88 1.81
C ARG B 1046 -33.45 -19.47 0.89
N LEU B 1047 -34.11 -20.54 1.33
CA LEU B 1047 -35.15 -21.13 0.50
C LEU B 1047 -36.35 -20.21 0.35
N MET B 1048 -36.80 -19.55 1.44
CA MET B 1048 -37.90 -18.59 1.24
C MET B 1048 -37.49 -17.43 0.33
N ARG B 1049 -36.28 -16.90 0.53
CA ARG B 1049 -35.84 -15.78 -0.29
C ARG B 1049 -35.76 -16.16 -1.75
N GLU B 1050 -35.23 -17.35 -2.04
CA GLU B 1050 -35.15 -17.84 -3.41
C GLU B 1050 -36.53 -18.01 -4.02
N HIS B 1051 -37.47 -18.59 -3.26
CA HIS B 1051 -38.82 -18.80 -3.77
C HIS B 1051 -39.50 -17.48 -4.10
N ALA B 1052 -39.38 -16.49 -3.21
CA ALA B 1052 -40.03 -15.20 -3.44
C ALA B 1052 -39.41 -14.48 -4.64
N VAL B 1053 -38.08 -14.41 -4.69
CA VAL B 1053 -37.46 -13.66 -5.77
C VAL B 1053 -37.67 -14.38 -7.10
N LEU B 1054 -37.82 -15.71 -7.07
CA LEU B 1054 -38.04 -16.44 -8.30
C LEU B 1054 -39.47 -16.30 -8.81
N LYS B 1055 -40.46 -16.24 -7.91
CA LYS B 1055 -41.82 -15.97 -8.38
C LYS B 1055 -41.95 -14.54 -8.92
N LEU B 1056 -41.23 -13.59 -8.32
CA LEU B 1056 -41.22 -12.24 -8.87
C LEU B 1056 -40.51 -12.21 -10.22
N ARG B 1057 -39.42 -12.97 -10.36
CA ARG B 1057 -38.71 -13.05 -11.63
C ARG B 1057 -39.59 -13.67 -12.71
N ILE B 1058 -40.36 -14.70 -12.38
CA ILE B 1058 -41.16 -15.36 -13.41
C ILE B 1058 -42.34 -14.50 -13.82
N ILE B 1059 -42.96 -13.77 -12.88
CA ILE B 1059 -44.05 -12.88 -13.30
C ILE B 1059 -43.49 -11.73 -14.13
N MET B 1060 -42.30 -11.24 -13.80
CA MET B 1060 -41.64 -10.19 -14.58
C MET B 1060 -41.29 -10.68 -15.99
N GLU B 1061 -40.78 -11.90 -16.12
CA GLU B 1061 -40.44 -12.46 -17.43
C GLU B 1061 -41.69 -12.72 -18.27
N THR B 1062 -42.75 -13.23 -17.66
CA THR B 1062 -44.01 -13.43 -18.39
C THR B 1062 -44.58 -12.10 -18.86
N ALA B 1063 -44.46 -11.07 -18.02
CA ALA B 1063 -44.88 -9.73 -18.43
C ALA B 1063 -44.09 -9.26 -19.64
N ILE B 1064 -42.76 -9.39 -19.63
CA ILE B 1064 -41.97 -8.93 -20.79
C ILE B 1064 -42.34 -9.71 -22.05
N VAL B 1065 -42.54 -11.02 -21.94
CA VAL B 1065 -42.86 -11.82 -23.11
C VAL B 1065 -44.20 -11.41 -23.71
N ARG B 1066 -45.23 -11.26 -22.88
CA ARG B 1066 -46.55 -10.92 -23.43
C ARG B 1066 -46.57 -9.47 -23.91
N TYR B 1067 -45.68 -8.62 -23.38
CA TYR B 1067 -45.65 -7.22 -23.79
C TYR B 1067 -44.93 -7.07 -25.12
N ILE B 1068 -43.90 -7.89 -25.33
CA ILE B 1068 -43.28 -8.01 -26.65
C ILE B 1068 -44.31 -8.49 -27.66
N ASN B 1069 -45.15 -9.44 -27.25
CA ASN B 1069 -46.20 -9.93 -28.15
C ASN B 1069 -47.26 -8.86 -28.44
N GLU B 1070 -47.55 -7.98 -27.47
CA GLU B 1070 -48.63 -7.01 -27.61
C GLU B 1070 -48.21 -5.67 -28.21
N SER B 1071 -46.93 -5.30 -28.13
CA SER B 1071 -46.51 -3.97 -28.59
C SER B 1071 -46.64 -3.79 -30.10
N ALA B 1072 -46.79 -4.87 -30.86
CA ALA B 1072 -46.98 -4.75 -32.31
C ALA B 1072 -48.29 -4.04 -32.63
N GLU B 1073 -49.37 -4.38 -31.91
CA GLU B 1073 -50.65 -3.71 -32.09
C GLU B 1073 -50.89 -2.62 -31.06
N LEU B 1074 -50.05 -2.50 -30.03
CA LEU B 1074 -50.19 -1.40 -29.08
C LEU B 1074 -49.88 -0.06 -29.73
N ASN B 1075 -48.79 -0.01 -30.51
CA ASN B 1075 -48.32 1.19 -31.19
C ASN B 1075 -48.09 2.34 -30.22
N LEU B 1076 -47.15 2.13 -29.30
CA LEU B 1076 -46.78 3.14 -28.32
C LEU B 1076 -45.83 4.18 -28.88
N SER B 1077 -45.30 3.97 -30.09
CA SER B 1077 -44.31 4.86 -30.65
C SER B 1077 -44.86 6.27 -30.87
N HIS B 1078 -46.16 6.39 -31.16
CA HIS B 1078 -46.77 7.68 -31.35
C HIS B 1078 -47.22 8.30 -30.03
N TYR B 1079 -46.31 8.35 -29.05
CA TYR B 1079 -46.59 8.94 -27.75
C TYR B 1079 -45.46 9.89 -27.39
N GLU B 1080 -45.79 10.89 -26.58
CA GLU B 1080 -44.86 12.00 -26.35
C GLU B 1080 -43.81 11.68 -25.29
N ASP B 1081 -44.24 11.45 -24.05
CA ASP B 1081 -43.29 11.43 -22.95
C ASP B 1081 -43.47 10.23 -22.02
N GLU B 1082 -42.74 10.25 -20.90
CA GLU B 1082 -42.74 9.11 -19.99
C GLU B 1082 -44.08 8.95 -19.26
N LYS B 1083 -44.70 10.05 -18.85
CA LYS B 1083 -45.92 9.95 -18.05
C LYS B 1083 -47.09 9.43 -18.89
N GLU B 1084 -47.21 9.88 -20.14
CA GLU B 1084 -48.28 9.40 -20.99
C GLU B 1084 -48.11 7.92 -21.32
N ALA B 1085 -46.87 7.51 -21.62
CA ALA B 1085 -46.61 6.10 -21.89
C ALA B 1085 -46.89 5.24 -20.67
N SER B 1086 -46.46 5.68 -19.49
CA SER B 1086 -46.71 4.91 -18.27
C SER B 1086 -48.20 4.87 -17.95
N ARG B 1087 -48.93 5.95 -18.23
CA ARG B 1087 -50.37 5.94 -18.01
C ARG B 1087 -51.06 4.96 -18.96
N ILE B 1088 -50.60 4.90 -20.21
CA ILE B 1088 -51.15 3.93 -21.16
C ILE B 1088 -50.87 2.51 -20.70
N LEU B 1089 -49.64 2.25 -20.23
CA LEU B 1089 -49.30 0.92 -19.73
C LEU B 1089 -50.13 0.56 -18.50
N SER B 1090 -50.40 1.52 -17.62
CA SER B 1090 -51.21 1.25 -16.43
C SER B 1090 -52.67 1.00 -16.80
N GLU B 1091 -53.22 1.79 -17.72
CA GLU B 1091 -54.59 1.59 -18.16
C GLU B 1091 -54.77 0.32 -18.98
N HIS B 1092 -53.70 -0.23 -19.52
CA HIS B 1092 -53.76 -1.58 -20.09
C HIS B 1092 -53.54 -2.67 -19.06
N GLY B 1093 -53.44 -2.31 -17.78
CA GLY B 1093 -53.38 -3.30 -16.71
C GLY B 1093 -52.03 -3.92 -16.46
N PHE B 1094 -50.94 -3.14 -16.56
CA PHE B 1094 -49.62 -3.73 -16.41
C PHE B 1094 -49.10 -3.53 -14.99
N PRO B 1095 -48.41 -4.52 -14.42
CA PRO B 1095 -47.90 -4.39 -13.05
C PRO B 1095 -46.57 -3.66 -13.01
N PRO B 1096 -46.49 -2.56 -12.26
CA PRO B 1096 -45.21 -1.87 -12.07
C PRO B 1096 -44.40 -2.52 -10.96
N LEU B 1097 -43.28 -3.11 -11.33
CA LEU B 1097 -42.36 -3.70 -10.36
C LEU B 1097 -40.93 -3.37 -10.79
N ASN B 1098 -40.11 -3.00 -9.82
CA ASN B 1098 -38.76 -2.51 -10.08
C ASN B 1098 -37.86 -3.65 -10.50
N HIS B 1099 -37.58 -3.75 -11.80
CA HIS B 1099 -36.79 -4.86 -12.32
C HIS B 1099 -35.34 -4.83 -11.86
N THR B 1100 -34.83 -3.66 -11.45
CA THR B 1100 -33.48 -3.60 -10.90
C THR B 1100 -33.40 -4.17 -9.50
N LEU B 1101 -34.54 -4.31 -8.82
CA LEU B 1101 -34.60 -5.02 -7.55
C LEU B 1101 -34.98 -6.48 -7.72
N ILE B 1102 -35.30 -6.91 -8.94
CA ILE B 1102 -35.72 -8.29 -9.17
C ILE B 1102 -34.62 -9.09 -9.86
N ILE B 1103 -33.97 -8.51 -10.86
CA ILE B 1103 -32.85 -9.19 -11.52
C ILE B 1103 -31.68 -9.34 -10.56
N SER B 1104 -31.35 -8.28 -9.82
CA SER B 1104 -30.30 -8.32 -8.81
C SER B 1104 -30.89 -7.90 -7.47
N PRO B 1105 -31.32 -8.84 -6.63
CA PRO B 1105 -31.93 -8.45 -5.35
C PRO B 1105 -30.97 -7.79 -4.38
N GLU B 1106 -29.74 -8.31 -4.26
CA GLU B 1106 -28.67 -7.73 -3.45
C GLU B 1106 -29.08 -7.61 -1.96
N PHE B 1107 -29.23 -8.79 -1.36
CA PHE B 1107 -29.51 -9.01 0.07
C PHE B 1107 -30.65 -8.12 0.60
N ALA B 1108 -31.83 -8.39 0.07
CA ALA B 1108 -33.07 -7.80 0.57
C ALA B 1108 -33.87 -8.85 1.31
N SER B 1109 -34.30 -8.53 2.53
CA SER B 1109 -35.10 -9.43 3.33
C SER B 1109 -36.51 -9.56 2.73
N ILE B 1110 -37.23 -10.59 3.21
CA ILE B 1110 -38.50 -10.97 2.59
C ILE B 1110 -39.52 -9.86 2.71
N GLU B 1111 -39.69 -9.30 3.91
CA GLU B 1111 -40.68 -8.26 4.11
C GLU B 1111 -40.33 -6.99 3.33
N GLU B 1112 -39.05 -6.60 3.33
CA GLU B 1112 -38.67 -5.40 2.61
C GLU B 1112 -38.69 -5.64 1.10
N LEU B 1113 -38.41 -6.87 0.65
CA LEU B 1113 -38.55 -7.18 -0.78
C LEU B 1113 -40.00 -7.08 -1.22
N ASN B 1114 -40.92 -7.61 -0.42
CA ASN B 1114 -42.34 -7.52 -0.76
C ASN B 1114 -42.83 -6.08 -0.73
N GLN B 1115 -42.39 -5.30 0.26
CA GLN B 1115 -42.82 -3.91 0.35
C GLN B 1115 -42.17 -3.04 -0.73
N LYS B 1116 -41.02 -3.44 -1.27
CA LYS B 1116 -40.45 -2.76 -2.42
C LYS B 1116 -41.15 -3.15 -3.71
N ALA B 1117 -41.59 -4.41 -3.81
CA ALA B 1117 -42.17 -4.90 -5.05
C ALA B 1117 -43.68 -4.71 -5.15
N LEU B 1118 -44.36 -4.30 -4.07
CA LEU B 1118 -45.77 -3.97 -4.20
C LEU B 1118 -45.94 -2.73 -5.09
N GLN B 1119 -45.06 -1.75 -4.95
CA GLN B 1119 -44.93 -0.68 -5.91
C GLN B 1119 -43.82 -1.04 -6.91
N GLY B 1120 -43.56 -0.14 -7.84
CA GLY B 1120 -42.50 -0.37 -8.80
C GLY B 1120 -42.61 0.57 -9.98
N CYS B 1121 -41.88 0.22 -11.03
CA CYS B 1121 -41.78 1.06 -12.22
C CYS B 1121 -41.95 0.21 -13.47
N TYR B 1122 -42.41 0.84 -14.54
CA TYR B 1122 -42.54 0.21 -15.84
C TYR B 1122 -41.25 0.22 -16.65
N THR B 1123 -40.11 0.45 -15.97
CA THR B 1123 -38.85 0.61 -16.67
C THR B 1123 -38.41 -0.67 -17.38
N TYR B 1124 -38.90 -1.83 -16.95
CA TYR B 1124 -38.57 -3.05 -17.66
C TYR B 1124 -39.18 -3.07 -19.06
N ILE B 1125 -40.30 -2.37 -19.26
CA ILE B 1125 -40.79 -2.12 -20.61
C ILE B 1125 -39.81 -1.25 -21.37
N LEU B 1126 -39.28 -0.22 -20.70
CA LEU B 1126 -38.46 0.79 -21.35
C LEU B 1126 -36.99 0.38 -21.43
N SER B 1127 -36.43 -0.16 -20.36
CA SER B 1127 -35.01 -0.50 -20.35
C SER B 1127 -34.67 -1.75 -21.16
N LEU B 1128 -35.67 -2.48 -21.64
CA LEU B 1128 -35.38 -3.62 -22.51
C LEU B 1128 -34.82 -3.13 -23.84
N GLN B 1129 -33.77 -3.79 -24.31
CA GLN B 1129 -33.18 -3.42 -25.59
C GLN B 1129 -34.05 -3.94 -26.73
N ALA B 1130 -33.97 -3.25 -27.86
CA ALA B 1130 -34.81 -3.59 -29.01
C ALA B 1130 -34.39 -4.92 -29.62
N ARG B 1131 -33.12 -5.29 -29.48
CA ARG B 1131 -32.55 -6.43 -30.20
C ARG B 1131 -33.23 -7.76 -29.88
N GLU B 1132 -33.96 -7.84 -28.77
CA GLU B 1132 -34.69 -9.04 -28.41
C GLU B 1132 -35.98 -9.21 -29.21
N LEU B 1133 -36.22 -8.41 -30.25
CA LEU B 1133 -37.48 -8.48 -30.98
C LEU B 1133 -37.61 -9.76 -31.79
N LEU B 1134 -36.50 -10.47 -32.04
CA LEU B 1134 -36.52 -11.63 -32.90
C LEU B 1134 -37.29 -12.79 -32.26
N ILE B 1135 -37.88 -13.63 -33.11
CA ILE B 1135 -38.75 -14.70 -32.63
C ILE B 1135 -37.95 -15.81 -31.95
N ALA B 1136 -36.72 -16.08 -32.42
CA ALA B 1136 -35.88 -17.09 -31.77
C ALA B 1136 -35.49 -16.67 -30.37
N ALA B 1137 -35.24 -15.37 -30.17
CA ALA B 1137 -35.01 -14.85 -28.82
C ALA B 1137 -36.24 -15.04 -27.96
N LYS B 1138 -37.44 -14.84 -28.52
CA LYS B 1138 -38.66 -15.03 -27.73
C LYS B 1138 -38.83 -16.49 -27.35
N THR B 1139 -38.48 -17.42 -28.24
CA THR B 1139 -38.52 -18.84 -27.89
C THR B 1139 -37.51 -19.17 -26.81
N ARG B 1140 -36.32 -18.56 -26.87
CA ARG B 1140 -35.32 -18.75 -25.82
C ARG B 1140 -35.83 -18.27 -24.47
N ARG B 1141 -36.49 -17.10 -24.45
CA ARG B 1141 -37.05 -16.61 -23.18
C ARG B 1141 -38.24 -17.44 -22.71
N VAL B 1142 -38.99 -18.04 -23.64
CA VAL B 1142 -40.04 -18.97 -23.24
C VAL B 1142 -39.43 -20.21 -22.56
N GLU B 1143 -38.34 -20.74 -23.13
CA GLU B 1143 -37.65 -21.86 -22.50
C GLU B 1143 -37.07 -21.45 -21.15
N LYS B 1144 -36.58 -20.22 -21.05
CA LYS B 1144 -36.09 -19.71 -19.77
C LYS B 1144 -37.21 -19.62 -18.74
N ILE B 1145 -38.39 -19.19 -19.17
CA ILE B 1145 -39.58 -19.16 -18.29
C ILE B 1145 -39.93 -20.57 -17.82
N LYS B 1146 -39.86 -21.55 -18.73
CA LYS B 1146 -40.11 -22.93 -18.36
C LYS B 1146 -39.11 -23.43 -17.32
N LYS B 1147 -37.83 -23.10 -17.49
CA LYS B 1147 -36.82 -23.52 -16.53
C LYS B 1147 -37.02 -22.83 -15.18
N MET B 1148 -37.41 -21.55 -15.19
CA MET B 1148 -37.69 -20.84 -13.94
C MET B 1148 -38.86 -21.46 -13.20
N GLN B 1149 -39.92 -21.85 -13.93
CA GLN B 1149 -41.05 -22.51 -13.28
C GLN B 1149 -40.67 -23.87 -12.73
N ALA B 1150 -39.81 -24.61 -13.46
CA ALA B 1150 -39.32 -25.89 -12.95
C ALA B 1150 -38.50 -25.68 -11.67
N ARG B 1151 -37.68 -24.63 -11.64
CA ARG B 1151 -36.92 -24.33 -10.43
C ARG B 1151 -37.83 -23.93 -9.29
N LEU B 1152 -38.93 -23.23 -9.60
CA LEU B 1152 -39.91 -22.89 -8.57
C LEU B 1152 -40.54 -24.14 -7.98
N ASP B 1153 -40.88 -25.10 -8.84
CA ASP B 1153 -41.43 -26.37 -8.37
C ASP B 1153 -40.42 -27.10 -7.49
N LYS B 1154 -39.15 -27.14 -7.92
CA LYS B 1154 -38.11 -27.82 -7.13
C LYS B 1154 -37.90 -27.14 -5.78
N VAL B 1155 -37.91 -25.80 -5.76
CA VAL B 1155 -37.74 -25.07 -4.50
C VAL B 1155 -38.92 -25.34 -3.57
N GLU B 1156 -40.14 -25.36 -4.12
CA GLU B 1156 -41.32 -25.63 -3.31
C GLU B 1156 -41.30 -27.04 -2.73
N GLN B 1157 -40.81 -28.02 -3.49
CA GLN B 1157 -40.74 -29.37 -2.92
C GLN B 1157 -39.53 -29.54 -2.00
N LEU B 1158 -38.50 -28.71 -2.12
CA LEU B 1158 -37.45 -28.70 -1.09
C LEU B 1158 -37.95 -28.08 0.20
N LEU B 1159 -38.87 -27.13 0.12
CA LEU B 1159 -39.40 -26.52 1.34
C LEU B 1159 -40.21 -27.51 2.17
N GLN B 1160 -40.82 -28.51 1.53
CA GLN B 1160 -41.79 -29.38 2.18
C GLN B 1160 -41.22 -30.73 2.60
N GLU B 1161 -39.91 -30.94 2.50
CA GLU B 1161 -39.35 -32.24 2.83
C GLU B 1161 -39.35 -32.48 4.33
N SER B 1162 -39.28 -33.76 4.72
CA SER B 1162 -39.64 -34.16 6.08
C SER B 1162 -38.73 -33.62 7.17
N PRO B 1163 -37.37 -33.79 7.13
CA PRO B 1163 -36.56 -33.38 8.29
C PRO B 1163 -36.54 -31.87 8.49
N PHE B 1164 -36.20 -31.15 7.42
CA PHE B 1164 -36.07 -29.69 7.42
C PHE B 1164 -35.90 -29.22 5.98
N PRO B 1165 -36.28 -27.98 5.66
CA PRO B 1165 -36.03 -27.47 4.30
C PRO B 1165 -34.55 -27.45 3.96
N GLY B 1166 -34.24 -27.74 2.71
CA GLY B 1166 -32.86 -27.81 2.26
C GLY B 1166 -32.12 -28.99 2.86
N ALA B 1167 -32.67 -30.19 2.71
CA ALA B 1167 -32.06 -31.38 3.30
C ALA B 1167 -31.01 -31.96 2.37
N SER B 1168 -31.41 -32.38 1.17
CA SER B 1168 -30.43 -32.92 0.22
C SER B 1168 -29.49 -31.84 -0.31
N VAL B 1169 -29.88 -30.57 -0.18
CA VAL B 1169 -29.01 -29.48 -0.59
C VAL B 1169 -27.67 -29.58 0.13
N TRP B 1170 -27.74 -29.64 1.47
CA TRP B 1170 -26.56 -29.81 2.31
C TRP B 1170 -25.78 -31.05 1.91
N LEU B 1171 -26.46 -32.08 1.38
CA LEU B 1171 -25.72 -33.23 0.86
C LEU B 1171 -24.86 -32.85 -0.35
N GLU B 1172 -25.38 -32.08 -1.31
CA GLU B 1172 -24.45 -31.82 -2.43
C GLU B 1172 -23.38 -30.79 -2.06
N GLU B 1173 -23.66 -29.82 -1.17
CA GLU B 1173 -22.49 -29.02 -0.75
C GLU B 1173 -21.50 -29.83 0.07
N ILE B 1174 -21.93 -30.82 0.85
CA ILE B 1174 -20.96 -31.67 1.56
C ILE B 1174 -20.12 -32.44 0.55
N ASP B 1175 -20.77 -33.02 -0.47
CA ASP B 1175 -20.04 -33.77 -1.49
C ASP B 1175 -19.05 -32.88 -2.24
N ALA B 1176 -19.49 -31.68 -2.63
CA ALA B 1176 -18.61 -30.77 -3.35
C ALA B 1176 -17.44 -30.32 -2.49
N VAL B 1177 -17.70 -30.03 -1.21
CA VAL B 1177 -16.64 -29.59 -0.31
C VAL B 1177 -15.61 -30.69 -0.09
N GLU B 1178 -16.06 -31.93 0.11
CA GLU B 1178 -15.08 -32.99 0.33
C GLU B 1178 -14.31 -33.31 -0.94
N LYS B 1179 -14.94 -33.19 -2.12
CA LYS B 1179 -14.21 -33.39 -3.37
C LYS B 1179 -13.15 -32.30 -3.57
N ALA B 1180 -13.50 -31.04 -3.30
CA ALA B 1180 -12.52 -29.97 -3.42
C ALA B 1180 -11.40 -30.11 -2.39
N ILE B 1181 -11.74 -30.60 -1.19
CA ILE B 1181 -10.72 -30.84 -0.17
C ILE B 1181 -9.77 -31.95 -0.61
N ILE B 1182 -10.31 -33.02 -1.21
CA ILE B 1182 -9.46 -34.09 -1.73
C ILE B 1182 -8.55 -33.57 -2.83
N LYS B 1183 -9.09 -32.72 -3.71
CA LYS B 1183 -8.28 -32.12 -4.77
C LYS B 1183 -7.16 -31.26 -4.20
N GLY B 1184 -7.46 -30.49 -3.15
CA GLY B 1184 -6.43 -29.69 -2.50
C GLY B 1184 -5.38 -30.54 -1.81
N ARG B 1185 -5.81 -31.63 -1.17
CA ARG B 1185 -4.86 -32.53 -0.51
C ARG B 1185 -3.94 -33.19 -1.51
N ASN B 1186 -4.46 -33.61 -2.66
CA ASN B 1186 -3.64 -34.28 -3.66
C ASN B 1186 -2.71 -33.32 -4.39
N THR B 1187 -2.93 -32.01 -4.29
CA THR B 1187 -2.10 -31.02 -4.97
C THR B 1187 -1.38 -30.10 -3.99
N GLN B 1188 -1.30 -30.50 -2.72
CA GLN B 1188 -0.66 -29.73 -1.65
C GLN B 1188 -1.25 -28.33 -1.54
N TRP B 1189 -2.58 -28.24 -1.70
CA TRP B 1189 -3.33 -26.98 -1.72
C TRP B 1189 -2.79 -26.01 -2.76
N LYS B 1190 -2.23 -26.54 -3.84
CA LYS B 1190 -1.75 -25.75 -4.98
C LYS B 1190 -2.35 -26.40 -6.21
N PHE B 1191 -3.55 -25.96 -6.58
CA PHE B 1191 -4.33 -26.61 -7.63
C PHE B 1191 -3.69 -26.49 -9.01
N HIS B 1192 -2.79 -25.53 -9.19
CA HIS B 1192 -2.14 -25.33 -10.48
C HIS B 1192 -0.62 -25.21 -10.30
MG MG G . 15.30 -4.22 -8.73
MG MG H . -5.21 4.57 16.74
C1 EVP I . 20.95 2.80 5.06
O1 EVP I . 19.81 3.66 4.96
C2 EVP I . 19.88 2.25 3.21
O2 EVP I . 21.12 2.18 3.79
C3 EVP I . 19.43 1.61 2.10
O3 EVP I . 14.00 1.02 -0.42
C4 EVP I . 18.08 1.81 1.70
O4 EVP I . 15.48 0.67 -2.05
C5 EVP I . 17.58 1.05 0.46
O5 EVP I . 19.87 -3.12 1.96
C6 EVP I . 16.20 1.64 0.09
O6 EVP I . 18.02 -4.66 0.81
C7 EVP I . 15.26 1.06 -0.94
O7 EVP I . 15.97 -3.59 -0.50
C8 EVP I . 13.94 1.92 0.72
O8 EVP I . 15.90 4.04 1.04
C9 EVP I . 15.32 1.78 1.33
O9 EVP I . 14.34 5.49 0.24
C10 EVP I . 15.86 3.00 2.01
O10 EVP I . 13.72 7.44 -2.27
C11 EVP I . 17.29 2.73 2.43
O11 EVP I . 14.79 8.91 -0.80
C12 EVP I . 17.81 3.40 3.54
O12 EVP I . 17.28 8.43 0.50
C13 EVP I . 19.09 3.13 3.91
O13 EVP I . 17.08 6.32 2.57
C14 EVP I . 17.68 -0.48 0.57
C15 EVP I . 18.76 -1.09 1.22
C16 EVP I . 18.86 -2.47 1.31
C17 EVP I . 17.92 -3.29 0.73
C18 EVP I . 16.85 -2.71 0.05
C19 EVP I . 16.74 -1.32 -0.04
C20 EVP I . 19.94 -2.92 3.37
C21 EVP I . 16.17 -3.93 -1.86
C22 EVP I . 15.31 5.30 1.28
C23 EVP I . 13.97 6.84 0.02
C24 EVP I . 13.01 6.92 -1.14
C25 EVP I . 14.14 8.77 -2.06
C26 EVP I . 15.20 7.63 -0.34
C27 EVP I . 16.10 7.72 0.86
C28 EVP I . 16.47 6.29 1.28
C29 EVP I . 12.91 9.64 -2.07
C1 EVP J . 9.72 -1.38 19.24
O1 EVP J . 9.44 -2.29 18.17
C2 EVP J . 7.71 -0.87 18.44
O2 EVP J . 8.51 -0.69 19.54
C3 EVP J . 6.53 -0.26 18.14
O3 EVP J . 2.79 -0.35 13.41
C4 EVP J . 5.89 -0.63 16.93
O4 EVP J . 1.92 0.87 15.08
C5 EVP J . 4.56 0.08 16.64
O5 EVP J . 6.58 4.18 14.62
C6 EVP J . 3.87 -0.60 15.46
O6 EVP J . 5.01 5.75 16.08
C7 EVP J . 2.75 0.08 14.70
O7 EVP J . 3.23 4.73 17.80
C8 EVP J . 3.89 -1.29 13.23
O8 EVP J . 4.96 -3.18 14.97
C9 EVP J . 4.85 -0.92 14.34
O9 EVP J . 5.33 -5.36 15.68
C10 EVP J . 5.77 -2.02 14.81
O10 EVP J . 3.36 -8.09 14.35
C11 EVP J . 6.44 -1.61 16.11
O11 EVP J . 1.90 -6.36 14.88
C12 EVP J . 7.67 -2.21 16.46
O12 EVP J . 1.89 -3.35 15.50
C13 EVP J . 8.26 -1.83 17.62
O13 EVP J . 3.91 -4.59 18.17
C14 EVP J . 4.70 1.60 16.49
C15 EVP J . 5.62 2.15 15.60
C16 EVP J . 5.72 3.53 15.46
C17 EVP J . 4.90 4.38 16.21
C18 EVP J . 4.00 3.82 17.11
C19 EVP J . 3.89 2.44 17.24
C20 EVP J . 7.97 4.09 14.90
C21 EVP J . 1.83 4.68 17.59
C22 EVP J . 5.05 -4.03 16.09
C23 EVP J . 4.19 -6.22 15.56
C24 EVP J . 4.52 -7.27 14.53
C25 EVP J . 2.26 -7.32 13.89
C26 EVP J . 2.96 -5.44 15.12
C27 EVP J . 2.54 -4.43 16.16
C28 EVP J . 3.77 -3.91 16.91
C29 EVP J . 1.10 -8.25 13.69
#